data_1U9W
# 
_entry.id   1U9W 
# 
_audit_conform.dict_name       mmcif_pdbx.dic 
_audit_conform.dict_version    5.397 
_audit_conform.dict_location   http://mmcif.pdb.org/dictionaries/ascii/mmcif_pdbx.dic 
# 
loop_
_database_2.database_id 
_database_2.database_code 
_database_2.pdbx_database_accession 
_database_2.pdbx_DOI 
PDB   1U9W         pdb_00001u9w 10.2210/pdb1u9w/pdb 
RCSB  RCSB023426   ?            ?                   
WWPDB D_1000023426 ?            ?                   
# 
loop_
_pdbx_audit_revision_history.ordinal 
_pdbx_audit_revision_history.data_content_type 
_pdbx_audit_revision_history.major_revision 
_pdbx_audit_revision_history.minor_revision 
_pdbx_audit_revision_history.revision_date 
1 'Structure model' 1 0 2005-08-11 
2 'Structure model' 1 1 2008-04-30 
3 'Structure model' 1 2 2011-07-13 
4 'Structure model' 1 3 2017-10-11 
5 'Structure model' 1 4 2024-10-30 
# 
_pdbx_audit_revision_details.ordinal             1 
_pdbx_audit_revision_details.revision_ordinal    1 
_pdbx_audit_revision_details.data_content_type   'Structure model' 
_pdbx_audit_revision_details.provider            repository 
_pdbx_audit_revision_details.type                'Initial release' 
_pdbx_audit_revision_details.description         ? 
_pdbx_audit_revision_details.details             ? 
# 
loop_
_pdbx_audit_revision_group.ordinal 
_pdbx_audit_revision_group.revision_ordinal 
_pdbx_audit_revision_group.data_content_type 
_pdbx_audit_revision_group.group 
1 2 'Structure model' 'Version format compliance' 
2 3 'Structure model' 'Version format compliance' 
3 4 'Structure model' 'Refinement description'    
4 5 'Structure model' 'Data collection'           
5 5 'Structure model' 'Database references'       
6 5 'Structure model' 'Derived calculations'      
7 5 'Structure model' 'Structure summary'         
# 
loop_
_pdbx_audit_revision_category.ordinal 
_pdbx_audit_revision_category.revision_ordinal 
_pdbx_audit_revision_category.data_content_type 
_pdbx_audit_revision_category.category 
1 4 'Structure model' software                  
2 5 'Structure model' chem_comp_atom            
3 5 'Structure model' chem_comp_bond            
4 5 'Structure model' database_2                
5 5 'Structure model' pdbx_entry_details        
6 5 'Structure model' pdbx_modification_feature 
7 5 'Structure model' struct_conn               
8 5 'Structure model' struct_site               
# 
loop_
_pdbx_audit_revision_item.ordinal 
_pdbx_audit_revision_item.revision_ordinal 
_pdbx_audit_revision_item.data_content_type 
_pdbx_audit_revision_item.item 
1  5 'Structure model' '_database_2.pdbx_DOI'                
2  5 'Structure model' '_database_2.pdbx_database_accession' 
3  5 'Structure model' '_struct_conn.pdbx_leaving_atom_flag' 
4  5 'Structure model' '_struct_conn.ptnr1_auth_comp_id'     
5  5 'Structure model' '_struct_conn.ptnr1_auth_seq_id'      
6  5 'Structure model' '_struct_conn.ptnr1_label_asym_id'    
7  5 'Structure model' '_struct_conn.ptnr1_label_atom_id'    
8  5 'Structure model' '_struct_conn.ptnr1_label_comp_id'    
9  5 'Structure model' '_struct_conn.ptnr1_label_seq_id'     
10 5 'Structure model' '_struct_conn.ptnr2_auth_comp_id'     
11 5 'Structure model' '_struct_conn.ptnr2_auth_seq_id'      
12 5 'Structure model' '_struct_conn.ptnr2_label_asym_id'    
13 5 'Structure model' '_struct_conn.ptnr2_label_atom_id'    
14 5 'Structure model' '_struct_conn.ptnr2_label_comp_id'    
15 5 'Structure model' '_struct_conn.ptnr2_label_seq_id'     
16 5 'Structure model' '_struct_site.pdbx_auth_asym_id'      
17 5 'Structure model' '_struct_site.pdbx_auth_comp_id'      
18 5 'Structure model' '_struct_site.pdbx_auth_seq_id'       
# 
_pdbx_database_status.status_code                     REL 
_pdbx_database_status.entry_id                        1U9W 
_pdbx_database_status.recvd_initial_deposition_date   2004-08-11 
_pdbx_database_status.deposit_site                    RCSB 
_pdbx_database_status.process_site                    PDBJ 
_pdbx_database_status.status_code_sf                  REL 
_pdbx_database_status.status_code_mr                  ? 
_pdbx_database_status.SG_entry                        ? 
_pdbx_database_status.pdb_format_compatible           Y 
_pdbx_database_status.status_code_cs                  ? 
_pdbx_database_status.methods_development_category    ? 
_pdbx_database_status.status_code_nmr_data            ? 
# 
loop_
_pdbx_database_related.db_name 
_pdbx_database_related.db_id 
_pdbx_database_related.details 
_pdbx_database_related.content_type 
PDB 1MEM .                                                                    unspecified 
PDB 1ATK .                                                                    unspecified 
PDB 1U9V 'the same protein in complex with the covalent inhibitor NVP-ABE854' unspecified 
PDB 1U9X 'the same protein in complex with the covalent inhibitor NVP-ABJ688' unspecified 
# 
_audit_author.name           'Cowan-Jacob, S.W.' 
_audit_author.pdbx_ordinal   1 
# 
_citation.id                        primary 
_citation.title                     'Novel purine nitrile derived inhibitors of the cysteine protease cathepsin K' 
_citation.journal_abbrev            J.Med.Chem. 
_citation.journal_volume            47 
_citation.page_first                5833 
_citation.page_last                 5836 
_citation.year                      2004 
_citation.journal_id_ASTM           JMCMAR 
_citation.country                   US 
_citation.journal_id_ISSN           0022-2623 
_citation.journal_id_CSD            0151 
_citation.book_publisher            ? 
_citation.pdbx_database_id_PubMed   15537340 
_citation.pdbx_database_id_DOI      10.1021/jm0493111 
# 
loop_
_citation_author.citation_id 
_citation_author.name 
_citation_author.ordinal 
_citation_author.identifier_ORCID 
primary 'Altmann, E.'       1 ? 
primary 'Cowan-Jacob, S.W.' 2 ? 
primary 'Missbach, M.'      3 ? 
# 
loop_
_entity.id 
_entity.type 
_entity.src_method 
_entity.pdbx_description 
_entity.formula_weight 
_entity.pdbx_number_of_molecules 
_entity.pdbx_ec 
_entity.pdbx_mutation 
_entity.pdbx_fragment 
_entity.details 
1 polymer     man 'Cathepsin K'                                                                        23737.727 1  3.4.22.38 ? ? 
? 
2 non-polymer syn '9-CYCLOPENTYL-6-[2-(3-IMIDAZOL-1-YL-PROPOXY)-PHENYLAMINO]-9H-PURINE-2-CARBONITRILE' 428.490   1  ?         ? ? 
? 
3 water       nat water                                                                                18.015    67 ?         ? ? 
? 
# 
_entity_name_com.entity_id   1 
_entity_name_com.name        'Cathepsin O, Cathepsin X, Cathepsin O2' 
# 
_entity_poly.entity_id                      1 
_entity_poly.type                           'polypeptide(L)' 
_entity_poly.nstd_linkage                   no 
_entity_poly.nstd_monomer                   no 
_entity_poly.pdbx_seq_one_letter_code       
;GRAPDSVDYRKKGYVTPVKNQGQCGSCWAFSSVGALEGQLKKKTGKLLNLSPQNLVDCVSENDGCGGGYMTNAFQYVQKN
RGIDSEDAYPYVGQEESCMYNPTGKAAKCRGYREIPEGNEKALKRAVARVGPVSVAIDASLTSFQFYSKGVYYDESCNSD
NLNHAVLAVGYGIQKGNKHWIIKNSWGENWGNKGYILMARNKNNACGIANLASFPKM
;
_entity_poly.pdbx_seq_one_letter_code_can   
;GRAPDSVDYRKKGYVTPVKNQGQCGSCWAFSSVGALEGQLKKKTGKLLNLSPQNLVDCVSENDGCGGGYMTNAFQYVQKN
RGIDSEDAYPYVGQEESCMYNPTGKAAKCRGYREIPEGNEKALKRAVARVGPVSVAIDASLTSFQFYSKGVYYDESCNSD
NLNHAVLAVGYGIQKGNKHWIIKNSWGENWGNKGYILMARNKNNACGIANLASFPKM
;
_entity_poly.pdbx_strand_id                 A 
_entity_poly.pdbx_target_identifier         ? 
# 
loop_
_pdbx_entity_nonpoly.entity_id 
_pdbx_entity_nonpoly.name 
_pdbx_entity_nonpoly.comp_id 
2 '9-CYCLOPENTYL-6-[2-(3-IMIDAZOL-1-YL-PROPOXY)-PHENYLAMINO]-9H-PURINE-2-CARBONITRILE' IHI 
3 water                                                                                HOH 
# 
loop_
_entity_poly_seq.entity_id 
_entity_poly_seq.num 
_entity_poly_seq.mon_id 
_entity_poly_seq.hetero 
1 1   GLY n 
1 2   ARG n 
1 3   ALA n 
1 4   PRO n 
1 5   ASP n 
1 6   SER n 
1 7   VAL n 
1 8   ASP n 
1 9   TYR n 
1 10  ARG n 
1 11  LYS n 
1 12  LYS n 
1 13  GLY n 
1 14  TYR n 
1 15  VAL n 
1 16  THR n 
1 17  PRO n 
1 18  VAL n 
1 19  LYS n 
1 20  ASN n 
1 21  GLN n 
1 22  GLY n 
1 23  GLN n 
1 24  CYS n 
1 25  GLY n 
1 26  SER n 
1 27  CYS n 
1 28  TRP n 
1 29  ALA n 
1 30  PHE n 
1 31  SER n 
1 32  SER n 
1 33  VAL n 
1 34  GLY n 
1 35  ALA n 
1 36  LEU n 
1 37  GLU n 
1 38  GLY n 
1 39  GLN n 
1 40  LEU n 
1 41  LYS n 
1 42  LYS n 
1 43  LYS n 
1 44  THR n 
1 45  GLY n 
1 46  LYS n 
1 47  LEU n 
1 48  LEU n 
1 49  ASN n 
1 50  LEU n 
1 51  SER n 
1 52  PRO n 
1 53  GLN n 
1 54  ASN n 
1 55  LEU n 
1 56  VAL n 
1 57  ASP n 
1 58  CYS n 
1 59  VAL n 
1 60  SER n 
1 61  GLU n 
1 62  ASN n 
1 63  ASP n 
1 64  GLY n 
1 65  CYS n 
1 66  GLY n 
1 67  GLY n 
1 68  GLY n 
1 69  TYR n 
1 70  MET n 
1 71  THR n 
1 72  ASN n 
1 73  ALA n 
1 74  PHE n 
1 75  GLN n 
1 76  TYR n 
1 77  VAL n 
1 78  GLN n 
1 79  LYS n 
1 80  ASN n 
1 81  ARG n 
1 82  GLY n 
1 83  ILE n 
1 84  ASP n 
1 85  SER n 
1 86  GLU n 
1 87  ASP n 
1 88  ALA n 
1 89  TYR n 
1 90  PRO n 
1 91  TYR n 
1 92  VAL n 
1 93  GLY n 
1 94  GLN n 
1 95  GLU n 
1 96  GLU n 
1 97  SER n 
1 98  CYS n 
1 99  MET n 
1 100 TYR n 
1 101 ASN n 
1 102 PRO n 
1 103 THR n 
1 104 GLY n 
1 105 LYS n 
1 106 ALA n 
1 107 ALA n 
1 108 LYS n 
1 109 CYS n 
1 110 ARG n 
1 111 GLY n 
1 112 TYR n 
1 113 ARG n 
1 114 GLU n 
1 115 ILE n 
1 116 PRO n 
1 117 GLU n 
1 118 GLY n 
1 119 ASN n 
1 120 GLU n 
1 121 LYS n 
1 122 ALA n 
1 123 LEU n 
1 124 LYS n 
1 125 ARG n 
1 126 ALA n 
1 127 VAL n 
1 128 ALA n 
1 129 ARG n 
1 130 VAL n 
1 131 GLY n 
1 132 PRO n 
1 133 VAL n 
1 134 SER n 
1 135 VAL n 
1 136 ALA n 
1 137 ILE n 
1 138 ASP n 
1 139 ALA n 
1 140 SER n 
1 141 LEU n 
1 142 THR n 
1 143 SER n 
1 144 PHE n 
1 145 GLN n 
1 146 PHE n 
1 147 TYR n 
1 148 SER n 
1 149 LYS n 
1 150 GLY n 
1 151 VAL n 
1 152 TYR n 
1 153 TYR n 
1 154 ASP n 
1 155 GLU n 
1 156 SER n 
1 157 CYS n 
1 158 ASN n 
1 159 SER n 
1 160 ASP n 
1 161 ASN n 
1 162 LEU n 
1 163 ASN n 
1 164 HIS n 
1 165 ALA n 
1 166 VAL n 
1 167 LEU n 
1 168 ALA n 
1 169 VAL n 
1 170 GLY n 
1 171 TYR n 
1 172 GLY n 
1 173 ILE n 
1 174 GLN n 
1 175 LYS n 
1 176 GLY n 
1 177 ASN n 
1 178 LYS n 
1 179 HIS n 
1 180 TRP n 
1 181 ILE n 
1 182 ILE n 
1 183 LYS n 
1 184 ASN n 
1 185 SER n 
1 186 TRP n 
1 187 GLY n 
1 188 GLU n 
1 189 ASN n 
1 190 TRP n 
1 191 GLY n 
1 192 ASN n 
1 193 LYS n 
1 194 GLY n 
1 195 TYR n 
1 196 ILE n 
1 197 LEU n 
1 198 MET n 
1 199 ALA n 
1 200 ARG n 
1 201 ASN n 
1 202 LYS n 
1 203 ASN n 
1 204 ASN n 
1 205 ALA n 
1 206 CYS n 
1 207 GLY n 
1 208 ILE n 
1 209 ALA n 
1 210 ASN n 
1 211 LEU n 
1 212 ALA n 
1 213 SER n 
1 214 PHE n 
1 215 PRO n 
1 216 LYS n 
1 217 MET n 
# 
_entity_src_gen.entity_id                          1 
_entity_src_gen.pdbx_src_id                        1 
_entity_src_gen.pdbx_alt_source_flag               sample 
_entity_src_gen.pdbx_seq_type                      ? 
_entity_src_gen.pdbx_beg_seq_num                   ? 
_entity_src_gen.pdbx_end_seq_num                   ? 
_entity_src_gen.gene_src_common_name               human 
_entity_src_gen.gene_src_genus                     Homo 
_entity_src_gen.pdbx_gene_src_gene                 ? 
_entity_src_gen.gene_src_species                   ? 
_entity_src_gen.gene_src_strain                    ? 
_entity_src_gen.gene_src_tissue                    ? 
_entity_src_gen.gene_src_tissue_fraction           ? 
_entity_src_gen.gene_src_details                   ? 
_entity_src_gen.pdbx_gene_src_fragment             ? 
_entity_src_gen.pdbx_gene_src_scientific_name      'Homo sapiens' 
_entity_src_gen.pdbx_gene_src_ncbi_taxonomy_id     9606 
_entity_src_gen.pdbx_gene_src_variant              ? 
_entity_src_gen.pdbx_gene_src_cell_line            ? 
_entity_src_gen.pdbx_gene_src_atcc                 ? 
_entity_src_gen.pdbx_gene_src_organ                ? 
_entity_src_gen.pdbx_gene_src_organelle            ? 
_entity_src_gen.pdbx_gene_src_cell                 ? 
_entity_src_gen.pdbx_gene_src_cellular_location    ? 
_entity_src_gen.host_org_common_name               'fall armyworm' 
_entity_src_gen.pdbx_host_org_scientific_name      'Spodoptera frugiperda' 
_entity_src_gen.pdbx_host_org_ncbi_taxonomy_id     7108 
_entity_src_gen.host_org_genus                     Spodoptera 
_entity_src_gen.pdbx_host_org_gene                 ? 
_entity_src_gen.pdbx_host_org_organ                ? 
_entity_src_gen.host_org_species                   ? 
_entity_src_gen.pdbx_host_org_tissue               ? 
_entity_src_gen.pdbx_host_org_tissue_fraction      ? 
_entity_src_gen.pdbx_host_org_strain               ? 
_entity_src_gen.pdbx_host_org_variant              ? 
_entity_src_gen.pdbx_host_org_cell_line            SF21 
_entity_src_gen.pdbx_host_org_atcc                 ? 
_entity_src_gen.pdbx_host_org_culture_collection   ? 
_entity_src_gen.pdbx_host_org_cell                 ? 
_entity_src_gen.pdbx_host_org_organelle            ? 
_entity_src_gen.pdbx_host_org_cellular_location    ? 
_entity_src_gen.pdbx_host_org_vector_type          Baculovirus 
_entity_src_gen.pdbx_host_org_vector               pMBac-HC9 
_entity_src_gen.host_org_details                   ? 
_entity_src_gen.expression_system_id               ? 
_entity_src_gen.plasmid_name                       ? 
_entity_src_gen.plasmid_details                    ? 
_entity_src_gen.pdbx_description                   ? 
# 
loop_
_chem_comp.id 
_chem_comp.type 
_chem_comp.mon_nstd_flag 
_chem_comp.name 
_chem_comp.pdbx_synonyms 
_chem_comp.formula 
_chem_comp.formula_weight 
ALA 'L-peptide linking' y ALANINE                                                                              ?          
'C3 H7 N O2'     89.093  
ARG 'L-peptide linking' y ARGININE                                                                             ?          
'C6 H15 N4 O2 1' 175.209 
ASN 'L-peptide linking' y ASPARAGINE                                                                           ?          
'C4 H8 N2 O3'    132.118 
ASP 'L-peptide linking' y 'ASPARTIC ACID'                                                                      ?          
'C4 H7 N O4'     133.103 
CYS 'L-peptide linking' y CYSTEINE                                                                             ?          
'C3 H7 N O2 S'   121.158 
GLN 'L-peptide linking' y GLUTAMINE                                                                            ?          
'C5 H10 N2 O3'   146.144 
GLU 'L-peptide linking' y 'GLUTAMIC ACID'                                                                      ?          
'C5 H9 N O4'     147.129 
GLY 'peptide linking'   y GLYCINE                                                                              ?          
'C2 H5 N O2'     75.067  
HIS 'L-peptide linking' y HISTIDINE                                                                            ?          
'C6 H10 N3 O2 1' 156.162 
HOH non-polymer         . WATER                                                                                ?          'H2 O' 
18.015  
IHI non-polymer         . '9-CYCLOPENTYL-6-[2-(3-IMIDAZOL-1-YL-PROPOXY)-PHENYLAMINO]-9H-PURINE-2-CARBONITRILE' NVP-ABI491 
'C23 H24 N8 O'   428.490 
ILE 'L-peptide linking' y ISOLEUCINE                                                                           ?          
'C6 H13 N O2'    131.173 
LEU 'L-peptide linking' y LEUCINE                                                                              ?          
'C6 H13 N O2'    131.173 
LYS 'L-peptide linking' y LYSINE                                                                               ?          
'C6 H15 N2 O2 1' 147.195 
MET 'L-peptide linking' y METHIONINE                                                                           ?          
'C5 H11 N O2 S'  149.211 
PHE 'L-peptide linking' y PHENYLALANINE                                                                        ?          
'C9 H11 N O2'    165.189 
PRO 'L-peptide linking' y PROLINE                                                                              ?          
'C5 H9 N O2'     115.130 
SER 'L-peptide linking' y SERINE                                                                               ?          
'C3 H7 N O3'     105.093 
THR 'L-peptide linking' y THREONINE                                                                            ?          
'C4 H9 N O3'     119.119 
TRP 'L-peptide linking' y TRYPTOPHAN                                                                           ?          
'C11 H12 N2 O2'  204.225 
TYR 'L-peptide linking' y TYROSINE                                                                             ?          
'C9 H11 N O3'    181.189 
VAL 'L-peptide linking' y VALINE                                                                               ?          
'C5 H11 N O2'    117.146 
# 
loop_
_pdbx_poly_seq_scheme.asym_id 
_pdbx_poly_seq_scheme.entity_id 
_pdbx_poly_seq_scheme.seq_id 
_pdbx_poly_seq_scheme.mon_id 
_pdbx_poly_seq_scheme.ndb_seq_num 
_pdbx_poly_seq_scheme.pdb_seq_num 
_pdbx_poly_seq_scheme.auth_seq_num 
_pdbx_poly_seq_scheme.pdb_mon_id 
_pdbx_poly_seq_scheme.auth_mon_id 
_pdbx_poly_seq_scheme.pdb_strand_id 
_pdbx_poly_seq_scheme.pdb_ins_code 
_pdbx_poly_seq_scheme.hetero 
A 1 1   GLY 1   -1  ?   ?   ?   A . n 
A 1 2   ARG 2   0   0   ARG ARG A . n 
A 1 3   ALA 3   1   1   ALA ALA A . n 
A 1 4   PRO 4   2   2   PRO PRO A . n 
A 1 5   ASP 5   3   3   ASP ASP A . n 
A 1 6   SER 6   4   4   SER SER A . n 
A 1 7   VAL 7   5   5   VAL VAL A . n 
A 1 8   ASP 8   6   6   ASP ASP A . n 
A 1 9   TYR 9   7   7   TYR TYR A . n 
A 1 10  ARG 10  8   8   ARG ARG A . n 
A 1 11  LYS 11  9   9   LYS LYS A . n 
A 1 12  LYS 12  10  10  LYS LYS A . n 
A 1 13  GLY 13  11  11  GLY GLY A . n 
A 1 14  TYR 14  12  12  TYR TYR A . n 
A 1 15  VAL 15  13  13  VAL VAL A . n 
A 1 16  THR 16  14  14  THR THR A . n 
A 1 17  PRO 17  15  15  PRO PRO A . n 
A 1 18  VAL 18  16  16  VAL VAL A . n 
A 1 19  LYS 19  17  17  LYS LYS A . n 
A 1 20  ASN 20  18  18  ASN ASN A . n 
A 1 21  GLN 21  19  19  GLN GLN A . n 
A 1 22  GLY 22  20  20  GLY GLY A . n 
A 1 23  GLN 23  21  21  GLN GLN A . n 
A 1 24  CYS 24  22  22  CYS CYS A . n 
A 1 25  GLY 25  23  23  GLY GLY A . n 
A 1 26  SER 26  24  24  SER SER A . n 
A 1 27  CYS 27  25  25  CYS CYS A . n 
A 1 28  TRP 28  26  26  TRP TRP A . n 
A 1 29  ALA 29  27  27  ALA ALA A . n 
A 1 30  PHE 30  28  28  PHE PHE A . n 
A 1 31  SER 31  29  29  SER SER A . n 
A 1 32  SER 32  30  30  SER SER A . n 
A 1 33  VAL 33  31  31  VAL VAL A . n 
A 1 34  GLY 34  32  32  GLY GLY A . n 
A 1 35  ALA 35  33  33  ALA ALA A . n 
A 1 36  LEU 36  34  34  LEU LEU A . n 
A 1 37  GLU 37  35  35  GLU GLU A . n 
A 1 38  GLY 38  36  36  GLY GLY A . n 
A 1 39  GLN 39  37  37  GLN GLN A . n 
A 1 40  LEU 40  38  38  LEU LEU A . n 
A 1 41  LYS 41  39  39  LYS LYS A . n 
A 1 42  LYS 42  40  40  LYS LYS A . n 
A 1 43  LYS 43  41  41  LYS LYS A . n 
A 1 44  THR 44  42  42  THR THR A . n 
A 1 45  GLY 45  43  43  GLY GLY A . n 
A 1 46  LYS 46  44  44  LYS LYS A . n 
A 1 47  LEU 47  45  45  LEU LEU A . n 
A 1 48  LEU 48  46  46  LEU LEU A . n 
A 1 49  ASN 49  47  47  ASN ASN A . n 
A 1 50  LEU 50  48  48  LEU LEU A . n 
A 1 51  SER 51  49  49  SER SER A . n 
A 1 52  PRO 52  50  50  PRO PRO A . n 
A 1 53  GLN 53  51  51  GLN GLN A . n 
A 1 54  ASN 54  52  52  ASN ASN A . n 
A 1 55  LEU 55  53  53  LEU LEU A . n 
A 1 56  VAL 56  54  54  VAL VAL A . n 
A 1 57  ASP 57  55  55  ASP ASP A . n 
A 1 58  CYS 58  56  56  CYS CYS A . n 
A 1 59  VAL 59  57  57  VAL VAL A . n 
A 1 60  SER 60  58  58  SER SER A . n 
A 1 61  GLU 61  59  59  GLU GLU A . n 
A 1 62  ASN 62  60  60  ASN ASN A . n 
A 1 63  ASP 63  61  61  ASP ASP A . n 
A 1 64  GLY 64  62  62  GLY GLY A . n 
A 1 65  CYS 65  63  63  CYS CYS A . n 
A 1 66  GLY 66  64  64  GLY GLY A . n 
A 1 67  GLY 67  65  65  GLY GLY A . n 
A 1 68  GLY 68  66  66  GLY GLY A . n 
A 1 69  TYR 69  67  67  TYR TYR A . n 
A 1 70  MET 70  68  68  MET MET A . n 
A 1 71  THR 71  69  69  THR THR A . n 
A 1 72  ASN 72  70  70  ASN ASN A . n 
A 1 73  ALA 73  71  71  ALA ALA A . n 
A 1 74  PHE 74  72  72  PHE PHE A . n 
A 1 75  GLN 75  73  73  GLN GLN A . n 
A 1 76  TYR 76  74  74  TYR TYR A . n 
A 1 77  VAL 77  75  75  VAL VAL A . n 
A 1 78  GLN 78  76  76  GLN GLN A . n 
A 1 79  LYS 79  77  77  LYS LYS A . n 
A 1 80  ASN 80  78  78  ASN ASN A . n 
A 1 81  ARG 81  79  79  ARG ARG A . n 
A 1 82  GLY 82  80  80  GLY GLY A . n 
A 1 83  ILE 83  81  81  ILE ILE A . n 
A 1 84  ASP 84  82  82  ASP ASP A . n 
A 1 85  SER 85  83  83  SER SER A . n 
A 1 86  GLU 86  84  84  GLU GLU A . n 
A 1 87  ASP 87  85  85  ASP ASP A . n 
A 1 88  ALA 88  86  86  ALA ALA A . n 
A 1 89  TYR 89  87  87  TYR TYR A . n 
A 1 90  PRO 90  88  88  PRO PRO A . n 
A 1 91  TYR 91  89  89  TYR TYR A . n 
A 1 92  VAL 92  90  90  VAL VAL A . n 
A 1 93  GLY 93  91  91  GLY GLY A . n 
A 1 94  GLN 94  92  92  GLN GLN A . n 
A 1 95  GLU 95  93  93  GLU GLU A . n 
A 1 96  GLU 96  94  94  GLU GLU A . n 
A 1 97  SER 97  95  95  SER SER A . n 
A 1 98  CYS 98  96  96  CYS CYS A . n 
A 1 99  MET 99  97  97  MET MET A . n 
A 1 100 TYR 100 98  98  TYR TYR A . n 
A 1 101 ASN 101 99  99  ASN ASN A . n 
A 1 102 PRO 102 100 100 PRO PRO A . n 
A 1 103 THR 103 101 101 THR THR A . n 
A 1 104 GLY 104 102 102 GLY GLY A . n 
A 1 105 LYS 105 103 103 LYS LYS A . n 
A 1 106 ALA 106 104 104 ALA ALA A . n 
A 1 107 ALA 107 105 105 ALA ALA A . n 
A 1 108 LYS 108 106 106 LYS LYS A . n 
A 1 109 CYS 109 107 107 CYS CYS A . n 
A 1 110 ARG 110 108 108 ARG ARG A . n 
A 1 111 GLY 111 109 109 GLY GLY A . n 
A 1 112 TYR 112 110 110 TYR TYR A . n 
A 1 113 ARG 113 111 111 ARG ARG A . n 
A 1 114 GLU 114 112 112 GLU GLU A . n 
A 1 115 ILE 115 113 113 ILE ILE A . n 
A 1 116 PRO 116 114 114 PRO PRO A . n 
A 1 117 GLU 117 115 115 GLU GLU A . n 
A 1 118 GLY 118 116 116 GLY GLY A . n 
A 1 119 ASN 119 117 117 ASN ASN A . n 
A 1 120 GLU 120 118 118 GLU GLU A . n 
A 1 121 LYS 121 119 119 LYS LYS A . n 
A 1 122 ALA 122 120 120 ALA ALA A . n 
A 1 123 LEU 123 121 121 LEU LEU A . n 
A 1 124 LYS 124 122 122 LYS LYS A . n 
A 1 125 ARG 125 123 123 ARG ARG A . n 
A 1 126 ALA 126 124 124 ALA ALA A . n 
A 1 127 VAL 127 125 125 VAL VAL A . n 
A 1 128 ALA 128 126 126 ALA ALA A . n 
A 1 129 ARG 129 127 127 ARG ARG A . n 
A 1 130 VAL 130 128 128 VAL VAL A . n 
A 1 131 GLY 131 129 129 GLY GLY A . n 
A 1 132 PRO 132 130 130 PRO PRO A . n 
A 1 133 VAL 133 131 131 VAL VAL A . n 
A 1 134 SER 134 132 132 SER SER A . n 
A 1 135 VAL 135 133 133 VAL VAL A . n 
A 1 136 ALA 136 134 134 ALA ALA A . n 
A 1 137 ILE 137 135 135 ILE ILE A . n 
A 1 138 ASP 138 136 136 ASP ASP A . n 
A 1 139 ALA 139 137 137 ALA ALA A . n 
A 1 140 SER 140 138 138 SER SER A . n 
A 1 141 LEU 141 139 139 LEU LEU A . n 
A 1 142 THR 142 140 140 THR THR A . n 
A 1 143 SER 143 141 141 SER SER A . n 
A 1 144 PHE 144 142 142 PHE PHE A . n 
A 1 145 GLN 145 143 143 GLN GLN A . n 
A 1 146 PHE 146 144 144 PHE PHE A . n 
A 1 147 TYR 147 145 145 TYR TYR A . n 
A 1 148 SER 148 146 146 SER SER A . n 
A 1 149 LYS 149 147 147 LYS LYS A . n 
A 1 150 GLY 150 148 148 GLY GLY A . n 
A 1 151 VAL 151 149 149 VAL VAL A . n 
A 1 152 TYR 152 150 150 TYR TYR A . n 
A 1 153 TYR 153 151 151 TYR TYR A . n 
A 1 154 ASP 154 152 152 ASP ASP A . n 
A 1 155 GLU 155 153 153 GLU GLU A . n 
A 1 156 SER 156 154 154 SER SER A . n 
A 1 157 CYS 157 155 155 CYS CYS A . n 
A 1 158 ASN 158 156 156 ASN ASN A . n 
A 1 159 SER 159 157 157 SER SER A . n 
A 1 160 ASP 160 158 158 ASP ASP A . n 
A 1 161 ASN 161 159 159 ASN ASN A . n 
A 1 162 LEU 162 160 160 LEU LEU A . n 
A 1 163 ASN 163 161 161 ASN ASN A . n 
A 1 164 HIS 164 162 162 HIS HIS A . n 
A 1 165 ALA 165 163 163 ALA ALA A . n 
A 1 166 VAL 166 164 164 VAL VAL A . n 
A 1 167 LEU 167 165 165 LEU LEU A . n 
A 1 168 ALA 168 166 166 ALA ALA A . n 
A 1 169 VAL 169 167 167 VAL VAL A . n 
A 1 170 GLY 170 168 168 GLY GLY A . n 
A 1 171 TYR 171 169 169 TYR TYR A . n 
A 1 172 GLY 172 170 170 GLY GLY A . n 
A 1 173 ILE 173 171 171 ILE ILE A . n 
A 1 174 GLN 174 172 172 GLN GLN A . n 
A 1 175 LYS 175 173 173 LYS LYS A . n 
A 1 176 GLY 176 174 174 GLY GLY A . n 
A 1 177 ASN 177 175 175 ASN ASN A . n 
A 1 178 LYS 178 176 176 LYS LYS A . n 
A 1 179 HIS 179 177 177 HIS HIS A . n 
A 1 180 TRP 180 178 178 TRP TRP A . n 
A 1 181 ILE 181 179 179 ILE ILE A . n 
A 1 182 ILE 182 180 180 ILE ILE A . n 
A 1 183 LYS 183 181 181 LYS LYS A . n 
A 1 184 ASN 184 182 182 ASN ASN A . n 
A 1 185 SER 185 183 183 SER SER A . n 
A 1 186 TRP 186 184 184 TRP TRP A . n 
A 1 187 GLY 187 185 185 GLY GLY A . n 
A 1 188 GLU 188 186 186 GLU GLU A . n 
A 1 189 ASN 189 187 187 ASN ASN A . n 
A 1 190 TRP 190 188 188 TRP TRP A . n 
A 1 191 GLY 191 189 189 GLY GLY A . n 
A 1 192 ASN 192 190 190 ASN ASN A . n 
A 1 193 LYS 193 191 191 LYS LYS A . n 
A 1 194 GLY 194 192 192 GLY GLY A . n 
A 1 195 TYR 195 193 193 TYR TYR A . n 
A 1 196 ILE 196 194 194 ILE ILE A . n 
A 1 197 LEU 197 195 195 LEU LEU A . n 
A 1 198 MET 198 196 196 MET MET A . n 
A 1 199 ALA 199 197 197 ALA ALA A . n 
A 1 200 ARG 200 198 198 ARG ARG A . n 
A 1 201 ASN 201 199 199 ASN ASN A . n 
A 1 202 LYS 202 200 200 LYS LYS A . n 
A 1 203 ASN 203 201 201 ASN ASN A . n 
A 1 204 ASN 204 202 202 ASN ASN A . n 
A 1 205 ALA 205 203 203 ALA ALA A . n 
A 1 206 CYS 206 204 204 CYS CYS A . n 
A 1 207 GLY 207 205 205 GLY GLY A . n 
A 1 208 ILE 208 206 206 ILE ILE A . n 
A 1 209 ALA 209 207 207 ALA ALA A . n 
A 1 210 ASN 210 208 208 ASN ASN A . n 
A 1 211 LEU 211 209 209 LEU LEU A . n 
A 1 212 ALA 212 210 210 ALA ALA A . n 
A 1 213 SER 213 211 211 SER SER A . n 
A 1 214 PHE 214 212 212 PHE PHE A . n 
A 1 215 PRO 215 213 213 PRO PRO A . n 
A 1 216 LYS 216 214 214 LYS LYS A . n 
A 1 217 MET 217 215 215 MET MET A . n 
# 
loop_
_pdbx_nonpoly_scheme.asym_id 
_pdbx_nonpoly_scheme.entity_id 
_pdbx_nonpoly_scheme.mon_id 
_pdbx_nonpoly_scheme.ndb_seq_num 
_pdbx_nonpoly_scheme.pdb_seq_num 
_pdbx_nonpoly_scheme.auth_seq_num 
_pdbx_nonpoly_scheme.pdb_mon_id 
_pdbx_nonpoly_scheme.auth_mon_id 
_pdbx_nonpoly_scheme.pdb_strand_id 
_pdbx_nonpoly_scheme.pdb_ins_code 
B 2 IHI 1  300 300 IHI IHI A . 
C 3 HOH 1  401 401 HOH HOH A . 
C 3 HOH 2  402 402 HOH HOH A . 
C 3 HOH 3  403 403 HOH HOH A . 
C 3 HOH 4  405 405 HOH HOH A . 
C 3 HOH 5  406 406 HOH HOH A . 
C 3 HOH 6  407 407 HOH HOH A . 
C 3 HOH 7  408 408 HOH HOH A . 
C 3 HOH 8  409 409 HOH HOH A . 
C 3 HOH 9  410 410 HOH HOH A . 
C 3 HOH 10 411 411 HOH HOH A . 
C 3 HOH 11 412 412 HOH HOH A . 
C 3 HOH 12 413 413 HOH HOH A . 
C 3 HOH 13 414 414 HOH HOH A . 
C 3 HOH 14 415 415 HOH HOH A . 
C 3 HOH 15 416 416 HOH HOH A . 
C 3 HOH 16 417 417 HOH HOH A . 
C 3 HOH 17 419 419 HOH HOH A . 
C 3 HOH 18 420 420 HOH HOH A . 
C 3 HOH 19 421 421 HOH HOH A . 
C 3 HOH 20 423 423 HOH HOH A . 
C 3 HOH 21 424 424 HOH HOH A . 
C 3 HOH 22 426 426 HOH HOH A . 
C 3 HOH 23 428 428 HOH HOH A . 
C 3 HOH 24 429 429 HOH HOH A . 
C 3 HOH 25 430 430 HOH HOH A . 
C 3 HOH 26 431 431 HOH HOH A . 
C 3 HOH 27 433 433 HOH HOH A . 
C 3 HOH 28 434 434 HOH HOH A . 
C 3 HOH 29 436 436 HOH HOH A . 
C 3 HOH 30 437 437 HOH HOH A . 
C 3 HOH 31 438 438 HOH HOH A . 
C 3 HOH 32 439 439 HOH HOH A . 
C 3 HOH 33 440 440 HOH HOH A . 
C 3 HOH 34 441 441 HOH HOH A . 
C 3 HOH 35 442 442 HOH HOH A . 
C 3 HOH 36 444 444 HOH HOH A . 
C 3 HOH 37 450 450 HOH HOH A . 
C 3 HOH 38 451 451 HOH HOH A . 
C 3 HOH 39 452 452 HOH HOH A . 
C 3 HOH 40 453 453 HOH HOH A . 
C 3 HOH 41 456 456 HOH HOH A . 
C 3 HOH 42 458 458 HOH HOH A . 
C 3 HOH 43 461 461 HOH HOH A . 
C 3 HOH 44 462 462 HOH HOH A . 
C 3 HOH 45 465 465 HOH HOH A . 
C 3 HOH 46 467 467 HOH HOH A . 
C 3 HOH 47 471 471 HOH HOH A . 
C 3 HOH 48 474 474 HOH HOH A . 
C 3 HOH 49 475 475 HOH HOH A . 
C 3 HOH 50 478 478 HOH HOH A . 
C 3 HOH 51 479 479 HOH HOH A . 
C 3 HOH 52 480 480 HOH HOH A . 
C 3 HOH 53 481 481 HOH HOH A . 
C 3 HOH 54 482 482 HOH HOH A . 
C 3 HOH 55 483 483 HOH HOH A . 
C 3 HOH 56 484 484 HOH HOH A . 
C 3 HOH 57 485 485 HOH HOH A . 
C 3 HOH 58 486 486 HOH HOH A . 
C 3 HOH 59 487 487 HOH HOH A . 
C 3 HOH 60 488 488 HOH HOH A . 
C 3 HOH 61 489 489 HOH HOH A . 
C 3 HOH 62 490 490 HOH HOH A . 
C 3 HOH 63 491 491 HOH HOH A . 
C 3 HOH 64 492 492 HOH HOH A . 
C 3 HOH 65 493 493 HOH HOH A . 
C 3 HOH 66 494 494 HOH HOH A . 
C 3 HOH 67 495 495 HOH HOH A . 
# 
loop_
_pdbx_unobs_or_zero_occ_atoms.id 
_pdbx_unobs_or_zero_occ_atoms.PDB_model_num 
_pdbx_unobs_or_zero_occ_atoms.polymer_flag 
_pdbx_unobs_or_zero_occ_atoms.occupancy_flag 
_pdbx_unobs_or_zero_occ_atoms.auth_asym_id 
_pdbx_unobs_or_zero_occ_atoms.auth_comp_id 
_pdbx_unobs_or_zero_occ_atoms.auth_seq_id 
_pdbx_unobs_or_zero_occ_atoms.PDB_ins_code 
_pdbx_unobs_or_zero_occ_atoms.auth_atom_id 
_pdbx_unobs_or_zero_occ_atoms.label_alt_id 
_pdbx_unobs_or_zero_occ_atoms.label_asym_id 
_pdbx_unobs_or_zero_occ_atoms.label_comp_id 
_pdbx_unobs_or_zero_occ_atoms.label_seq_id 
_pdbx_unobs_or_zero_occ_atoms.label_atom_id 
1  1 Y 1 A LYS 77  ? CG  ? A LYS 79  CG  
2  1 Y 1 A LYS 77  ? CD  ? A LYS 79  CD  
3  1 Y 1 A LYS 77  ? CE  ? A LYS 79  CE  
4  1 Y 1 A LYS 77  ? NZ  ? A LYS 79  NZ  
5  1 Y 1 A LYS 119 ? CG  ? A LYS 121 CG  
6  1 Y 1 A LYS 119 ? CD  ? A LYS 121 CD  
7  1 Y 1 A LYS 119 ? CE  ? A LYS 121 CE  
8  1 Y 1 A LYS 119 ? NZ  ? A LYS 121 NZ  
9  1 Y 1 A GLU 153 ? CG  ? A GLU 155 CG  
10 1 Y 1 A GLU 153 ? CD  ? A GLU 155 CD  
11 1 Y 1 A GLU 153 ? OE1 ? A GLU 155 OE1 
12 1 Y 1 A GLU 153 ? OE2 ? A GLU 155 OE2 
13 1 N 1 A IHI 300 ? C40 ? B IHI 1   C40 
14 1 N 1 A IHI 300 ? C41 ? B IHI 1   C41 
15 1 N 1 A IHI 300 ? N51 ? B IHI 1   N51 
16 1 N 1 A IHI 300 ? C52 ? B IHI 1   C52 
17 1 N 1 A IHI 300 ? N53 ? B IHI 1   N53 
18 1 N 1 A IHI 300 ? C54 ? B IHI 1   C54 
19 1 N 1 A IHI 300 ? C55 ? B IHI 1   C55 
# 
loop_
_software.name 
_software.classification 
_software.version 
_software.citation_id 
_software.pdbx_ordinal 
XDS     'data scaling'   .    ? 1 
AUTOMAR 'data reduction' .    ? 2 
X-PLOR  'model building' 3.8  ? 3 
X-PLOR  refinement       98   ? 4 
XDS     'data reduction' .    ? 5 
X-PLOR  phasing          98.1 ? 6 
# 
_cell.entry_id           1U9W 
_cell.length_a           63.600 
_cell.length_b           63.600 
_cell.length_c           116.400 
_cell.angle_alpha        90.00 
_cell.angle_beta         90.00 
_cell.angle_gamma        90.00 
_cell.Z_PDB              8 
_cell.pdbx_unique_axis   ? 
# 
_symmetry.entry_id                         1U9W 
_symmetry.space_group_name_H-M             'P 43 21 2' 
_symmetry.pdbx_full_space_group_name_H-M   ? 
_symmetry.cell_setting                     ? 
_symmetry.Int_Tables_number                96 
_symmetry.space_group_name_Hall            ? 
# 
_exptl.entry_id          1U9W 
_exptl.method            'X-RAY DIFFRACTION' 
_exptl.crystals_number   1 
# 
_exptl_crystal.id                    1 
_exptl_crystal.density_meas          ? 
_exptl_crystal.density_Matthews      2.44 
_exptl_crystal.density_percent_sol   49. 
_exptl_crystal.description           ? 
_exptl_crystal.F_000                 ? 
_exptl_crystal.preparation           ? 
# 
_exptl_crystal_grow.crystal_id      1 
_exptl_crystal_grow.method          'VAPOR DIFFUSION, HANGING DROP' 
_exptl_crystal_grow.temp            293 
_exptl_crystal_grow.temp_details    ? 
_exptl_crystal_grow.pH              8.5 
_exptl_crystal_grow.pdbx_details    'PEG 4000, Tris, Lithium sulfate, pH 8.5, VAPOR DIFFUSION, HANGING DROP, temperature 293K' 
_exptl_crystal_grow.pdbx_pH_range   . 
# 
_diffrn.id                     1 
_diffrn.ambient_temp           294 
_diffrn.ambient_temp_details   ? 
_diffrn.crystal_id             1 
# 
_diffrn_detector.diffrn_id              1 
_diffrn_detector.detector               'IMAGE PLATE' 
_diffrn_detector.type                   MARRESEARCH 
_diffrn_detector.pdbx_collection_date   2000-01-14 
_diffrn_detector.details                MONOCHROMATOR 
# 
_diffrn_radiation.diffrn_id                        1 
_diffrn_radiation.wavelength_id                    1 
_diffrn_radiation.pdbx_monochromatic_or_laue_m_l   M 
_diffrn_radiation.monochromator                    GRAPHITE 
_diffrn_radiation.pdbx_diffrn_protocol             'SINGLE WAVELENGTH' 
_diffrn_radiation.pdbx_scattering_type             x-ray 
# 
_diffrn_radiation_wavelength.id           1 
_diffrn_radiation_wavelength.wavelength   1.5418 
_diffrn_radiation_wavelength.wt           1.0 
# 
_diffrn_source.diffrn_id                   1 
_diffrn_source.source                      'ROTATING ANODE' 
_diffrn_source.type                        'ENRAF-NONIUS FR571' 
_diffrn_source.pdbx_synchrotron_site       ? 
_diffrn_source.pdbx_synchrotron_beamline   ? 
_diffrn_source.pdbx_wavelength             1.5418 
_diffrn_source.pdbx_wavelength_list        1.5418 
# 
_reflns.entry_id                     1U9W 
_reflns.observed_criterion_sigma_I   0.0 
_reflns.observed_criterion_sigma_F   0.0 
_reflns.d_resolution_low             29.4 
_reflns.d_resolution_high            2.3 
_reflns.number_obs                   11107 
_reflns.number_all                   11107 
_reflns.percent_possible_obs         99.8 
_reflns.pdbx_Rmerge_I_obs            0.113 
_reflns.pdbx_Rsym_value              0.113 
_reflns.pdbx_netI_over_sigmaI        26.5 
_reflns.B_iso_Wilson_estimate        ? 
_reflns.pdbx_redundancy              11.3 
_reflns.R_free_details               ? 
_reflns.limit_h_max                  ? 
_reflns.limit_h_min                  ? 
_reflns.limit_k_max                  ? 
_reflns.limit_k_min                  ? 
_reflns.limit_l_max                  ? 
_reflns.limit_l_min                  ? 
_reflns.observed_criterion_F_max     ? 
_reflns.observed_criterion_F_min     ? 
_reflns.pdbx_chi_squared             ? 
_reflns.pdbx_scaling_rejects         ? 
_reflns.pdbx_diffrn_id               1 
_reflns.pdbx_ordinal                 1 
# 
_reflns_shell.d_res_high             2.31 
_reflns_shell.d_res_low              2.4 
_reflns_shell.percent_possible_all   99.1 
_reflns_shell.Rmerge_I_obs           0.399 
_reflns_shell.pdbx_Rsym_value        0.399 
_reflns_shell.meanI_over_sigI_obs    6.6 
_reflns_shell.pdbx_redundancy        10.6 
_reflns_shell.percent_possible_obs   ? 
_reflns_shell.number_unique_all      ? 
_reflns_shell.number_measured_all    ? 
_reflns_shell.number_measured_obs    ? 
_reflns_shell.number_unique_obs      ? 
_reflns_shell.pdbx_chi_squared       ? 
_reflns_shell.pdbx_diffrn_id         ? 
_reflns_shell.pdbx_ordinal           1 
# 
_refine.entry_id                                 1U9W 
_refine.ls_number_reflns_obs                     11021 
_refine.ls_number_reflns_all                     11021 
_refine.pdbx_ls_sigma_I                          ? 
_refine.pdbx_ls_sigma_F                          0.0 
_refine.pdbx_data_cutoff_high_absF               100000. 
_refine.pdbx_data_cutoff_low_absF                0.0 
_refine.pdbx_data_cutoff_high_rms_absF           ? 
_refine.ls_d_res_low                             20.00 
_refine.ls_d_res_high                            2.3 
_refine.ls_percent_reflns_obs                    98.7 
_refine.ls_R_factor_obs                          0.169 
_refine.ls_R_factor_all                          0.172 
_refine.ls_R_factor_R_work                       0.169 
_refine.ls_R_factor_R_free                       0.226 
_refine.ls_R_factor_R_free_error                 ? 
_refine.ls_R_factor_R_free_error_details         ? 
_refine.ls_percent_reflns_R_free                 4.6 
_refine.ls_number_reflns_R_free                  510 
_refine.ls_number_parameters                     ? 
_refine.ls_number_restraints                     ? 
_refine.occupancy_min                            ? 
_refine.occupancy_max                            ? 
_refine.correlation_coeff_Fo_to_Fc               ? 
_refine.correlation_coeff_Fo_to_Fc_free          ? 
_refine.B_iso_mean                               ? 
_refine.aniso_B[1][1]                            ? 
_refine.aniso_B[2][2]                            ? 
_refine.aniso_B[3][3]                            ? 
_refine.aniso_B[1][2]                            ? 
_refine.aniso_B[1][3]                            ? 
_refine.aniso_B[2][3]                            ? 
_refine.solvent_model_details                    ? 
_refine.solvent_model_param_ksol                 ? 
_refine.solvent_model_param_bsol                 ? 
_refine.pdbx_solvent_vdw_probe_radii             ? 
_refine.pdbx_solvent_ion_probe_radii             ? 
_refine.pdbx_solvent_shrinkage_radii             ? 
_refine.pdbx_ls_cross_valid_method               ? 
_refine.details                                  ? 
_refine.pdbx_starting_model                      ? 
_refine.pdbx_method_to_determine_struct          'FOURIER SYNTHESIS' 
_refine.pdbx_isotropic_thermal_model             ? 
_refine.pdbx_stereochemistry_target_values       'Engh & Huber' 
_refine.pdbx_stereochem_target_val_spec_case     ? 
_refine.pdbx_R_Free_selection_details            RANDOM 
_refine.pdbx_overall_ESU_R                       ? 
_refine.pdbx_overall_ESU_R_Free                  ? 
_refine.overall_SU_ML                            ? 
_refine.overall_SU_B                             ? 
_refine.ls_redundancy_reflns_obs                 ? 
_refine.B_iso_min                                ? 
_refine.B_iso_max                                ? 
_refine.overall_SU_R_Cruickshank_DPI             ? 
_refine.overall_SU_R_free                        ? 
_refine.ls_wR_factor_R_free                      ? 
_refine.ls_wR_factor_R_work                      ? 
_refine.overall_FOM_free_R_set                   ? 
_refine.overall_FOM_work_R_set                   ? 
_refine.pdbx_refine_id                           'X-RAY DIFFRACTION' 
_refine.pdbx_diffrn_id                           1 
_refine.pdbx_TLS_residual_ADP_flag               ? 
_refine.pdbx_overall_phase_error                 ? 
_refine.pdbx_overall_SU_R_free_Cruickshank_DPI   ? 
_refine.pdbx_overall_SU_R_Blow_DPI               ? 
_refine.pdbx_overall_SU_R_free_Blow_DPI          ? 
# 
_refine_hist.pdbx_refine_id                   'X-RAY DIFFRACTION' 
_refine_hist.cycle_id                         LAST 
_refine_hist.pdbx_number_atoms_protein        1654 
_refine_hist.pdbx_number_atoms_nucleic_acid   0 
_refine_hist.pdbx_number_atoms_ligand         25 
_refine_hist.number_atoms_solvent             67 
_refine_hist.number_atoms_total               1746 
_refine_hist.d_res_high                       2.3 
_refine_hist.d_res_low                        20.00 
# 
loop_
_refine_ls_restr.type 
_refine_ls_restr.dev_ideal 
_refine_ls_restr.dev_ideal_target 
_refine_ls_restr.weight 
_refine_ls_restr.number 
_refine_ls_restr.pdbx_refine_id 
_refine_ls_restr.pdbx_restraint_function 
x_bond_d           0.011  ? ? ? 'X-RAY DIFFRACTION' ? 
x_angle_deg        1.596  ? ? ? 'X-RAY DIFFRACTION' ? 
x_dihedral_angle_d 25.721 ? ? ? 'X-RAY DIFFRACTION' ? 
x_improper_angle_d 0.857  ? ? ? 'X-RAY DIFFRACTION' ? 
# 
_refine_ls_shell.pdbx_total_number_of_bins_used   25 
_refine_ls_shell.d_res_high                       2.30 
_refine_ls_shell.d_res_low                        2.33 
_refine_ls_shell.number_reflns_R_work             289 
_refine_ls_shell.R_factor_R_work                  0.16 
_refine_ls_shell.percent_reflns_obs               ? 
_refine_ls_shell.R_factor_R_free                  0.141 
_refine_ls_shell.R_factor_R_free_error            ? 
_refine_ls_shell.percent_reflns_R_free            ? 
_refine_ls_shell.number_reflns_R_free             12 
_refine_ls_shell.number_reflns_obs                289 
_refine_ls_shell.redundancy_reflns_obs            ? 
_refine_ls_shell.number_reflns_all                ? 
_refine_ls_shell.pdbx_refine_id                   'X-RAY DIFFRACTION' 
_refine_ls_shell.R_factor_all                     ? 
# 
_pdbx_xplor_file.serial_no        1 
_pdbx_xplor_file.param_file       PARHCSDX.PRO 
_pdbx_xplor_file.topol_file       TOPHCSDX.PRO 
_pdbx_xplor_file.pdbx_refine_id   'X-RAY DIFFRACTION' 
# 
_struct.entry_id                  1U9W 
_struct.title                     
'Crystal Structure of the Cysteine Protease Human Cathepsin K in Complex with the Covalent Inhibitor NVP-ABI491' 
_struct.pdbx_model_details        ? 
_struct.pdbx_CASP_flag            ? 
_struct.pdbx_model_type_details   ? 
# 
_struct_keywords.entry_id        1U9W 
_struct_keywords.pdbx_keywords   HYDROLASE 
_struct_keywords.text            'HYDROLASE, SULFHYDRYL PROTEINASE' 
# 
loop_
_struct_asym.id 
_struct_asym.pdbx_blank_PDB_chainid_flag 
_struct_asym.pdbx_modified 
_struct_asym.entity_id 
_struct_asym.details 
A N N 1 ? 
B N N 2 ? 
C N N 3 ? 
# 
_struct_ref.id                         1 
_struct_ref.db_name                    UNP 
_struct_ref.db_code                    CATK_HUMAN 
_struct_ref.pdbx_db_accession          P43235 
_struct_ref.entity_id                  1 
_struct_ref.pdbx_seq_one_letter_code   
;GRAPDSVDYRKKGYVTPVKNQGQCGSCWAFSSVGALEGQLKKKTGKLLNLSPQNLVDCVSENDGCGGGYMTNAFQYVQKN
RGIDSEDAYPYVGQEESCMYNPTGKAAKCRGYREIPEGNEKALKRAVARVGPVSVAIDASLTSFQFYSKGVYYDESCNSD
NLNHAVLAVGYGIQKGNKHWIIKNSWGENWGNKGYILMARNKNNACGIANLASFPKM
;
_struct_ref.pdbx_align_begin           113 
_struct_ref.pdbx_db_isoform            ? 
# 
_struct_ref_seq.align_id                      1 
_struct_ref_seq.ref_id                        1 
_struct_ref_seq.pdbx_PDB_id_code              1U9W 
_struct_ref_seq.pdbx_strand_id                A 
_struct_ref_seq.seq_align_beg                 1 
_struct_ref_seq.pdbx_seq_align_beg_ins_code   ? 
_struct_ref_seq.seq_align_end                 217 
_struct_ref_seq.pdbx_seq_align_end_ins_code   ? 
_struct_ref_seq.pdbx_db_accession             P43235 
_struct_ref_seq.db_align_beg                  113 
_struct_ref_seq.pdbx_db_align_beg_ins_code    ? 
_struct_ref_seq.db_align_end                  329 
_struct_ref_seq.pdbx_db_align_end_ins_code    ? 
_struct_ref_seq.pdbx_auth_seq_align_beg       -1 
_struct_ref_seq.pdbx_auth_seq_align_end       215 
# 
_pdbx_struct_assembly.id                   1 
_pdbx_struct_assembly.details              author_defined_assembly 
_pdbx_struct_assembly.method_details       ? 
_pdbx_struct_assembly.oligomeric_details   monomeric 
_pdbx_struct_assembly.oligomeric_count     1 
# 
_pdbx_struct_assembly_gen.assembly_id       1 
_pdbx_struct_assembly_gen.oper_expression   1 
_pdbx_struct_assembly_gen.asym_id_list      A,B,C 
# 
_pdbx_struct_oper_list.id                   1 
_pdbx_struct_oper_list.type                 'identity operation' 
_pdbx_struct_oper_list.name                 1_555 
_pdbx_struct_oper_list.symmetry_operation   x,y,z 
_pdbx_struct_oper_list.matrix[1][1]         1.0000000000 
_pdbx_struct_oper_list.matrix[1][2]         0.0000000000 
_pdbx_struct_oper_list.matrix[1][3]         0.0000000000 
_pdbx_struct_oper_list.vector[1]            0.0000000000 
_pdbx_struct_oper_list.matrix[2][1]         0.0000000000 
_pdbx_struct_oper_list.matrix[2][2]         1.0000000000 
_pdbx_struct_oper_list.matrix[2][3]         0.0000000000 
_pdbx_struct_oper_list.vector[2]            0.0000000000 
_pdbx_struct_oper_list.matrix[3][1]         0.0000000000 
_pdbx_struct_oper_list.matrix[3][2]         0.0000000000 
_pdbx_struct_oper_list.matrix[3][3]         1.0000000000 
_pdbx_struct_oper_list.vector[3]            0.0000000000 
# 
loop_
_struct_conf.conf_type_id 
_struct_conf.id 
_struct_conf.pdbx_PDB_helix_id 
_struct_conf.beg_label_comp_id 
_struct_conf.beg_label_asym_id 
_struct_conf.beg_label_seq_id 
_struct_conf.pdbx_beg_PDB_ins_code 
_struct_conf.end_label_comp_id 
_struct_conf.end_label_asym_id 
_struct_conf.end_label_seq_id 
_struct_conf.pdbx_end_PDB_ins_code 
_struct_conf.beg_auth_comp_id 
_struct_conf.beg_auth_asym_id 
_struct_conf.beg_auth_seq_id 
_struct_conf.end_auth_comp_id 
_struct_conf.end_auth_asym_id 
_struct_conf.end_auth_seq_id 
_struct_conf.pdbx_PDB_helix_class 
_struct_conf.details 
_struct_conf.pdbx_PDB_helix_length 
HELX_P HELX_P1 1 SER A 26  ? GLY A 45  ? SER A 24  GLY A 43  1 ? 20 
HELX_P HELX_P2 2 SER A 51  ? VAL A 59  ? SER A 49  VAL A 57  1 ? 9  
HELX_P HELX_P3 3 ASP A 63  ? GLY A 67  ? ASP A 61  GLY A 65  5 ? 5  
HELX_P HELX_P4 4 TYR A 69  ? ASN A 80  ? TYR A 67  ASN A 78  1 ? 12 
HELX_P HELX_P5 5 ASN A 119 ? VAL A 130 ? ASN A 117 VAL A 128 1 ? 12 
HELX_P HELX_P6 6 LEU A 141 ? PHE A 146 ? LEU A 139 PHE A 144 1 ? 6  
HELX_P HELX_P7 7 ASN A 204 ? ILE A 208 ? ASN A 202 ILE A 206 5 ? 5  
# 
_struct_conf_type.id          HELX_P 
_struct_conf_type.criteria    ? 
_struct_conf_type.reference   ? 
# 
loop_
_struct_conn.id 
_struct_conn.conn_type_id 
_struct_conn.pdbx_leaving_atom_flag 
_struct_conn.pdbx_PDB_id 
_struct_conn.ptnr1_label_asym_id 
_struct_conn.ptnr1_label_comp_id 
_struct_conn.ptnr1_label_seq_id 
_struct_conn.ptnr1_label_atom_id 
_struct_conn.pdbx_ptnr1_label_alt_id 
_struct_conn.pdbx_ptnr1_PDB_ins_code 
_struct_conn.pdbx_ptnr1_standard_comp_id 
_struct_conn.ptnr1_symmetry 
_struct_conn.ptnr2_label_asym_id 
_struct_conn.ptnr2_label_comp_id 
_struct_conn.ptnr2_label_seq_id 
_struct_conn.ptnr2_label_atom_id 
_struct_conn.pdbx_ptnr2_label_alt_id 
_struct_conn.pdbx_ptnr2_PDB_ins_code 
_struct_conn.ptnr1_auth_asym_id 
_struct_conn.ptnr1_auth_comp_id 
_struct_conn.ptnr1_auth_seq_id 
_struct_conn.ptnr2_auth_asym_id 
_struct_conn.ptnr2_auth_comp_id 
_struct_conn.ptnr2_auth_seq_id 
_struct_conn.ptnr2_symmetry 
_struct_conn.pdbx_ptnr3_label_atom_id 
_struct_conn.pdbx_ptnr3_label_seq_id 
_struct_conn.pdbx_ptnr3_label_comp_id 
_struct_conn.pdbx_ptnr3_label_asym_id 
_struct_conn.pdbx_ptnr3_label_alt_id 
_struct_conn.pdbx_ptnr3_PDB_ins_code 
_struct_conn.details 
_struct_conn.pdbx_dist_value 
_struct_conn.pdbx_value_order 
_struct_conn.pdbx_role 
disulf1 disulf ?    ? A CYS 24  SG ? ? ? 1_555 A CYS 65  SG  ? ? A CYS 22  A CYS 63  1_555 ? ? ? ? ? ? ? 2.025 ? ? 
disulf2 disulf ?    ? A CYS 58  SG ? ? ? 1_555 A CYS 98  SG  ? ? A CYS 56  A CYS 96  1_555 ? ? ? ? ? ? ? 2.361 ? ? 
disulf3 disulf ?    ? A CYS 157 SG ? ? ? 1_555 A CYS 206 SG  ? ? A CYS 155 A CYS 204 1_555 ? ? ? ? ? ? ? 2.373 ? ? 
covale1 covale none ? A CYS 27  SG ? ? ? 1_555 B IHI .   C26 ? ? A CYS 25  A IHI 300 1_555 ? ? ? ? ? ? ? 1.686 ? ? 
# 
loop_
_struct_conn_type.id 
_struct_conn_type.criteria 
_struct_conn_type.reference 
disulf ? ? 
covale ? ? 
# 
loop_
_pdbx_modification_feature.ordinal 
_pdbx_modification_feature.label_comp_id 
_pdbx_modification_feature.label_asym_id 
_pdbx_modification_feature.label_seq_id 
_pdbx_modification_feature.label_alt_id 
_pdbx_modification_feature.modified_residue_label_comp_id 
_pdbx_modification_feature.modified_residue_label_asym_id 
_pdbx_modification_feature.modified_residue_label_seq_id 
_pdbx_modification_feature.modified_residue_label_alt_id 
_pdbx_modification_feature.auth_comp_id 
_pdbx_modification_feature.auth_asym_id 
_pdbx_modification_feature.auth_seq_id 
_pdbx_modification_feature.PDB_ins_code 
_pdbx_modification_feature.symmetry 
_pdbx_modification_feature.modified_residue_auth_comp_id 
_pdbx_modification_feature.modified_residue_auth_asym_id 
_pdbx_modification_feature.modified_residue_auth_seq_id 
_pdbx_modification_feature.modified_residue_PDB_ins_code 
_pdbx_modification_feature.modified_residue_symmetry 
_pdbx_modification_feature.comp_id_linking_atom 
_pdbx_modification_feature.modified_residue_id_linking_atom 
_pdbx_modification_feature.modified_residue_id 
_pdbx_modification_feature.ref_pcm_id 
_pdbx_modification_feature.ref_comp_id 
_pdbx_modification_feature.type 
_pdbx_modification_feature.category 
1 IHI B .   ? CYS A 27  ? IHI A 300 ? 1_555 CYS A 25  ? 1_555 C26 SG CYS 1 IHI None 'Covalent chemical modification' 
2 CYS A 24  ? CYS A 65  ? CYS A 22  ? 1_555 CYS A 63  ? 1_555 SG  SG .   . .   None 'Disulfide bridge'               
3 CYS A 58  ? CYS A 98  ? CYS A 56  ? 1_555 CYS A 96  ? 1_555 SG  SG .   . .   None 'Disulfide bridge'               
4 CYS A 157 ? CYS A 206 ? CYS A 155 ? 1_555 CYS A 204 ? 1_555 SG  SG .   . .   None 'Disulfide bridge'               
# 
loop_
_struct_sheet.id 
_struct_sheet.type 
_struct_sheet.number_strands 
_struct_sheet.details 
A ? 3 ? 
B ? 5 ? 
C ? 2 ? 
D ? 2 ? 
# 
loop_
_struct_sheet_order.sheet_id 
_struct_sheet_order.range_id_1 
_struct_sheet_order.range_id_2 
_struct_sheet_order.offset 
_struct_sheet_order.sense 
A 1 2 ? anti-parallel 
A 2 3 ? anti-parallel 
B 1 2 ? anti-parallel 
B 2 3 ? anti-parallel 
B 3 4 ? anti-parallel 
B 4 5 ? parallel      
C 1 2 ? anti-parallel 
D 1 2 ? anti-parallel 
# 
loop_
_struct_sheet_range.sheet_id 
_struct_sheet_range.id 
_struct_sheet_range.beg_label_comp_id 
_struct_sheet_range.beg_label_asym_id 
_struct_sheet_range.beg_label_seq_id 
_struct_sheet_range.pdbx_beg_PDB_ins_code 
_struct_sheet_range.end_label_comp_id 
_struct_sheet_range.end_label_asym_id 
_struct_sheet_range.end_label_seq_id 
_struct_sheet_range.pdbx_end_PDB_ins_code 
_struct_sheet_range.beg_auth_comp_id 
_struct_sheet_range.beg_auth_asym_id 
_struct_sheet_range.beg_auth_seq_id 
_struct_sheet_range.end_auth_comp_id 
_struct_sheet_range.end_auth_asym_id 
_struct_sheet_range.end_auth_seq_id 
A 1 VAL A 7   ? ASP A 8   ? VAL A 5   ASP A 6   
A 2 HIS A 164 ? GLN A 174 ? HIS A 162 GLN A 172 
A 3 VAL A 133 ? ILE A 137 ? VAL A 131 ILE A 135 
B 1 VAL A 7   ? ASP A 8   ? VAL A 5   ASP A 6   
B 2 HIS A 164 ? GLN A 174 ? HIS A 162 GLN A 172 
B 3 ASN A 177 ? LYS A 183 ? ASN A 175 LYS A 181 
B 4 TYR A 195 ? ALA A 199 ? TYR A 193 ALA A 197 
B 5 VAL A 151 ? TYR A 152 ? VAL A 149 TYR A 150 
C 1 ILE A 83  ? ASP A 84  ? ILE A 81  ASP A 82  
C 2 LYS A 105 ? ALA A 107 ? LYS A 103 ALA A 105 
D 1 TYR A 112 ? GLU A 114 ? TYR A 110 GLU A 112 
D 2 SER A 213 ? PRO A 215 ? SER A 211 PRO A 213 
# 
loop_
_pdbx_struct_sheet_hbond.sheet_id 
_pdbx_struct_sheet_hbond.range_id_1 
_pdbx_struct_sheet_hbond.range_id_2 
_pdbx_struct_sheet_hbond.range_1_label_atom_id 
_pdbx_struct_sheet_hbond.range_1_label_comp_id 
_pdbx_struct_sheet_hbond.range_1_label_asym_id 
_pdbx_struct_sheet_hbond.range_1_label_seq_id 
_pdbx_struct_sheet_hbond.range_1_PDB_ins_code 
_pdbx_struct_sheet_hbond.range_1_auth_atom_id 
_pdbx_struct_sheet_hbond.range_1_auth_comp_id 
_pdbx_struct_sheet_hbond.range_1_auth_asym_id 
_pdbx_struct_sheet_hbond.range_1_auth_seq_id 
_pdbx_struct_sheet_hbond.range_2_label_atom_id 
_pdbx_struct_sheet_hbond.range_2_label_comp_id 
_pdbx_struct_sheet_hbond.range_2_label_asym_id 
_pdbx_struct_sheet_hbond.range_2_label_seq_id 
_pdbx_struct_sheet_hbond.range_2_PDB_ins_code 
_pdbx_struct_sheet_hbond.range_2_auth_atom_id 
_pdbx_struct_sheet_hbond.range_2_auth_comp_id 
_pdbx_struct_sheet_hbond.range_2_auth_asym_id 
_pdbx_struct_sheet_hbond.range_2_auth_seq_id 
A 1 2 N VAL A 7   ? N VAL A 5   O TYR A 171 ? O TYR A 169 
A 2 3 O ALA A 168 ? O ALA A 166 N VAL A 133 ? N VAL A 131 
B 1 2 N VAL A 7   ? N VAL A 5   O TYR A 171 ? O TYR A 169 
B 2 3 N LEU A 167 ? N LEU A 165 O LYS A 183 ? O LYS A 181 
B 3 4 N ILE A 182 ? N ILE A 180 O ILE A 196 ? O ILE A 194 
B 4 5 O LEU A 197 ? O LEU A 195 N TYR A 152 ? N TYR A 150 
C 1 2 N ILE A 83  ? N ILE A 81  O ALA A 106 ? O ALA A 104 
D 1 2 N ARG A 113 ? N ARG A 111 O PHE A 214 ? O PHE A 212 
# 
_struct_site.id                   AC1 
_struct_site.pdbx_evidence_code   Software 
_struct_site.pdbx_auth_asym_id    A 
_struct_site.pdbx_auth_comp_id    IHI 
_struct_site.pdbx_auth_seq_id     300 
_struct_site.pdbx_auth_ins_code   ? 
_struct_site.pdbx_num_residues    11 
_struct_site.details              'BINDING SITE FOR RESIDUE IHI A 300' 
# 
loop_
_struct_site_gen.id 
_struct_site_gen.site_id 
_struct_site_gen.pdbx_num_res 
_struct_site_gen.label_comp_id 
_struct_site_gen.label_asym_id 
_struct_site_gen.label_seq_id 
_struct_site_gen.pdbx_auth_ins_code 
_struct_site_gen.auth_comp_id 
_struct_site_gen.auth_asym_id 
_struct_site_gen.auth_seq_id 
_struct_site_gen.label_atom_id 
_struct_site_gen.label_alt_id 
_struct_site_gen.symmetry 
_struct_site_gen.details 
1  AC1 11 GLN A 21  ? GLN A 19  . ? 1_555 ? 
2  AC1 11 GLY A 25  ? GLY A 23  . ? 1_555 ? 
3  AC1 11 SER A 26  ? SER A 24  . ? 1_555 ? 
4  AC1 11 CYS A 27  ? CYS A 25  . ? 1_555 ? 
5  AC1 11 LYS A 42  ? LYS A 40  . ? 3_644 ? 
6  AC1 11 THR A 44  ? THR A 42  . ? 3_644 ? 
7  AC1 11 GLY A 45  ? GLY A 43  . ? 3_644 ? 
8  AC1 11 GLY A 66  ? GLY A 64  . ? 1_555 ? 
9  AC1 11 GLY A 68  ? GLY A 66  . ? 1_555 ? 
10 AC1 11 ASN A 163 ? ASN A 161 . ? 1_555 ? 
11 AC1 11 HIS A 164 ? HIS A 162 . ? 1_555 ? 
# 
_pdbx_entry_details.entry_id                   1U9W 
_pdbx_entry_details.compound_details           ? 
_pdbx_entry_details.source_details             ? 
_pdbx_entry_details.nonpolymer_details         ? 
_pdbx_entry_details.sequence_details           ? 
_pdbx_entry_details.has_ligand_of_interest     ? 
_pdbx_entry_details.has_protein_modification   Y 
# 
loop_
_pdbx_validate_torsion.id 
_pdbx_validate_torsion.PDB_model_num 
_pdbx_validate_torsion.auth_comp_id 
_pdbx_validate_torsion.auth_asym_id 
_pdbx_validate_torsion.auth_seq_id 
_pdbx_validate_torsion.PDB_ins_code 
_pdbx_validate_torsion.label_alt_id 
_pdbx_validate_torsion.phi 
_pdbx_validate_torsion.psi 
1 1 SER A 146 ? ? -140.81 -24.86 
2 1 ASN A 159 ? ? -110.72 73.70  
3 1 LEU A 209 ? ? -145.49 56.84  
# 
_pdbx_unobs_or_zero_occ_residues.id               1 
_pdbx_unobs_or_zero_occ_residues.PDB_model_num    1 
_pdbx_unobs_or_zero_occ_residues.polymer_flag     Y 
_pdbx_unobs_or_zero_occ_residues.occupancy_flag   1 
_pdbx_unobs_or_zero_occ_residues.auth_asym_id     A 
_pdbx_unobs_or_zero_occ_residues.auth_comp_id     GLY 
_pdbx_unobs_or_zero_occ_residues.auth_seq_id      -1 
_pdbx_unobs_or_zero_occ_residues.PDB_ins_code     ? 
_pdbx_unobs_or_zero_occ_residues.label_asym_id    A 
_pdbx_unobs_or_zero_occ_residues.label_comp_id    GLY 
_pdbx_unobs_or_zero_occ_residues.label_seq_id     1 
# 
loop_
_chem_comp_atom.comp_id 
_chem_comp_atom.atom_id 
_chem_comp_atom.type_symbol 
_chem_comp_atom.pdbx_aromatic_flag 
_chem_comp_atom.pdbx_stereo_config 
_chem_comp_atom.pdbx_ordinal 
ALA N    N N N 1   
ALA CA   C N S 2   
ALA C    C N N 3   
ALA O    O N N 4   
ALA CB   C N N 5   
ALA OXT  O N N 6   
ALA H    H N N 7   
ALA H2   H N N 8   
ALA HA   H N N 9   
ALA HB1  H N N 10  
ALA HB2  H N N 11  
ALA HB3  H N N 12  
ALA HXT  H N N 13  
ARG N    N N N 14  
ARG CA   C N S 15  
ARG C    C N N 16  
ARG O    O N N 17  
ARG CB   C N N 18  
ARG CG   C N N 19  
ARG CD   C N N 20  
ARG NE   N N N 21  
ARG CZ   C N N 22  
ARG NH1  N N N 23  
ARG NH2  N N N 24  
ARG OXT  O N N 25  
ARG H    H N N 26  
ARG H2   H N N 27  
ARG HA   H N N 28  
ARG HB2  H N N 29  
ARG HB3  H N N 30  
ARG HG2  H N N 31  
ARG HG3  H N N 32  
ARG HD2  H N N 33  
ARG HD3  H N N 34  
ARG HE   H N N 35  
ARG HH11 H N N 36  
ARG HH12 H N N 37  
ARG HH21 H N N 38  
ARG HH22 H N N 39  
ARG HXT  H N N 40  
ASN N    N N N 41  
ASN CA   C N S 42  
ASN C    C N N 43  
ASN O    O N N 44  
ASN CB   C N N 45  
ASN CG   C N N 46  
ASN OD1  O N N 47  
ASN ND2  N N N 48  
ASN OXT  O N N 49  
ASN H    H N N 50  
ASN H2   H N N 51  
ASN HA   H N N 52  
ASN HB2  H N N 53  
ASN HB3  H N N 54  
ASN HD21 H N N 55  
ASN HD22 H N N 56  
ASN HXT  H N N 57  
ASP N    N N N 58  
ASP CA   C N S 59  
ASP C    C N N 60  
ASP O    O N N 61  
ASP CB   C N N 62  
ASP CG   C N N 63  
ASP OD1  O N N 64  
ASP OD2  O N N 65  
ASP OXT  O N N 66  
ASP H    H N N 67  
ASP H2   H N N 68  
ASP HA   H N N 69  
ASP HB2  H N N 70  
ASP HB3  H N N 71  
ASP HD2  H N N 72  
ASP HXT  H N N 73  
CYS N    N N N 74  
CYS CA   C N R 75  
CYS C    C N N 76  
CYS O    O N N 77  
CYS CB   C N N 78  
CYS SG   S N N 79  
CYS OXT  O N N 80  
CYS H    H N N 81  
CYS H2   H N N 82  
CYS HA   H N N 83  
CYS HB2  H N N 84  
CYS HB3  H N N 85  
CYS HG   H N N 86  
CYS HXT  H N N 87  
GLN N    N N N 88  
GLN CA   C N S 89  
GLN C    C N N 90  
GLN O    O N N 91  
GLN CB   C N N 92  
GLN CG   C N N 93  
GLN CD   C N N 94  
GLN OE1  O N N 95  
GLN NE2  N N N 96  
GLN OXT  O N N 97  
GLN H    H N N 98  
GLN H2   H N N 99  
GLN HA   H N N 100 
GLN HB2  H N N 101 
GLN HB3  H N N 102 
GLN HG2  H N N 103 
GLN HG3  H N N 104 
GLN HE21 H N N 105 
GLN HE22 H N N 106 
GLN HXT  H N N 107 
GLU N    N N N 108 
GLU CA   C N S 109 
GLU C    C N N 110 
GLU O    O N N 111 
GLU CB   C N N 112 
GLU CG   C N N 113 
GLU CD   C N N 114 
GLU OE1  O N N 115 
GLU OE2  O N N 116 
GLU OXT  O N N 117 
GLU H    H N N 118 
GLU H2   H N N 119 
GLU HA   H N N 120 
GLU HB2  H N N 121 
GLU HB3  H N N 122 
GLU HG2  H N N 123 
GLU HG3  H N N 124 
GLU HE2  H N N 125 
GLU HXT  H N N 126 
GLY N    N N N 127 
GLY CA   C N N 128 
GLY C    C N N 129 
GLY O    O N N 130 
GLY OXT  O N N 131 
GLY H    H N N 132 
GLY H2   H N N 133 
GLY HA2  H N N 134 
GLY HA3  H N N 135 
GLY HXT  H N N 136 
HIS N    N N N 137 
HIS CA   C N S 138 
HIS C    C N N 139 
HIS O    O N N 140 
HIS CB   C N N 141 
HIS CG   C Y N 142 
HIS ND1  N Y N 143 
HIS CD2  C Y N 144 
HIS CE1  C Y N 145 
HIS NE2  N Y N 146 
HIS OXT  O N N 147 
HIS H    H N N 148 
HIS H2   H N N 149 
HIS HA   H N N 150 
HIS HB2  H N N 151 
HIS HB3  H N N 152 
HIS HD1  H N N 153 
HIS HD2  H N N 154 
HIS HE1  H N N 155 
HIS HE2  H N N 156 
HIS HXT  H N N 157 
HOH O    O N N 158 
HOH H1   H N N 159 
HOH H2   H N N 160 
IHI C01  C Y N 161 
IHI N02  N Y N 162 
IHI C03  C Y N 163 
IHI C04  C Y N 164 
IHI N05  N Y N 165 
IHI C07  C Y N 166 
IHI N08  N Y N 167 
IHI N09  N Y N 168 
IHI C10  C Y N 169 
IHI N11  N N N 170 
IHI C12  C N N 171 
IHI C13  C N N 172 
IHI C14  C N N 173 
IHI C15  C N N 174 
IHI C16  C N N 175 
IHI N27  N N N 176 
IHI C32  C Y N 177 
IHI C33  C Y N 178 
IHI C34  C Y N 179 
IHI C35  C Y N 180 
IHI C36  C Y N 181 
IHI C37  C Y N 182 
IHI O38  O N N 183 
IHI C39  C N N 184 
IHI C26  C N N 185 
IHI C40  C N N 186 
IHI C41  C N N 187 
IHI N51  N Y N 188 
IHI C52  C Y N 189 
IHI N53  N Y N 190 
IHI C54  C Y N 191 
IHI C55  C Y N 192 
IHI H01  H N N 193 
IHI H11  H N N 194 
IHI H12  H N N 195 
IHI H131 H N N 196 
IHI H132 H N N 197 
IHI H141 H N N 198 
IHI H142 H N N 199 
IHI H151 H N N 200 
IHI H152 H N N 201 
IHI H161 H N N 202 
IHI H162 H N N 203 
IHI H33  H N N 204 
IHI H34  H N N 205 
IHI H35  H N N 206 
IHI H36  H N N 207 
IHI H391 H N N 208 
IHI H392 H N N 209 
IHI H401 H N N 210 
IHI H402 H N N 211 
IHI H411 H N N 212 
IHI H412 H N N 213 
IHI H52  H N N 214 
IHI H54  H N N 215 
IHI H55  H N N 216 
ILE N    N N N 217 
ILE CA   C N S 218 
ILE C    C N N 219 
ILE O    O N N 220 
ILE CB   C N S 221 
ILE CG1  C N N 222 
ILE CG2  C N N 223 
ILE CD1  C N N 224 
ILE OXT  O N N 225 
ILE H    H N N 226 
ILE H2   H N N 227 
ILE HA   H N N 228 
ILE HB   H N N 229 
ILE HG12 H N N 230 
ILE HG13 H N N 231 
ILE HG21 H N N 232 
ILE HG22 H N N 233 
ILE HG23 H N N 234 
ILE HD11 H N N 235 
ILE HD12 H N N 236 
ILE HD13 H N N 237 
ILE HXT  H N N 238 
LEU N    N N N 239 
LEU CA   C N S 240 
LEU C    C N N 241 
LEU O    O N N 242 
LEU CB   C N N 243 
LEU CG   C N N 244 
LEU CD1  C N N 245 
LEU CD2  C N N 246 
LEU OXT  O N N 247 
LEU H    H N N 248 
LEU H2   H N N 249 
LEU HA   H N N 250 
LEU HB2  H N N 251 
LEU HB3  H N N 252 
LEU HG   H N N 253 
LEU HD11 H N N 254 
LEU HD12 H N N 255 
LEU HD13 H N N 256 
LEU HD21 H N N 257 
LEU HD22 H N N 258 
LEU HD23 H N N 259 
LEU HXT  H N N 260 
LYS N    N N N 261 
LYS CA   C N S 262 
LYS C    C N N 263 
LYS O    O N N 264 
LYS CB   C N N 265 
LYS CG   C N N 266 
LYS CD   C N N 267 
LYS CE   C N N 268 
LYS NZ   N N N 269 
LYS OXT  O N N 270 
LYS H    H N N 271 
LYS H2   H N N 272 
LYS HA   H N N 273 
LYS HB2  H N N 274 
LYS HB3  H N N 275 
LYS HG2  H N N 276 
LYS HG3  H N N 277 
LYS HD2  H N N 278 
LYS HD3  H N N 279 
LYS HE2  H N N 280 
LYS HE3  H N N 281 
LYS HZ1  H N N 282 
LYS HZ2  H N N 283 
LYS HZ3  H N N 284 
LYS HXT  H N N 285 
MET N    N N N 286 
MET CA   C N S 287 
MET C    C N N 288 
MET O    O N N 289 
MET CB   C N N 290 
MET CG   C N N 291 
MET SD   S N N 292 
MET CE   C N N 293 
MET OXT  O N N 294 
MET H    H N N 295 
MET H2   H N N 296 
MET HA   H N N 297 
MET HB2  H N N 298 
MET HB3  H N N 299 
MET HG2  H N N 300 
MET HG3  H N N 301 
MET HE1  H N N 302 
MET HE2  H N N 303 
MET HE3  H N N 304 
MET HXT  H N N 305 
PHE N    N N N 306 
PHE CA   C N S 307 
PHE C    C N N 308 
PHE O    O N N 309 
PHE CB   C N N 310 
PHE CG   C Y N 311 
PHE CD1  C Y N 312 
PHE CD2  C Y N 313 
PHE CE1  C Y N 314 
PHE CE2  C Y N 315 
PHE CZ   C Y N 316 
PHE OXT  O N N 317 
PHE H    H N N 318 
PHE H2   H N N 319 
PHE HA   H N N 320 
PHE HB2  H N N 321 
PHE HB3  H N N 322 
PHE HD1  H N N 323 
PHE HD2  H N N 324 
PHE HE1  H N N 325 
PHE HE2  H N N 326 
PHE HZ   H N N 327 
PHE HXT  H N N 328 
PRO N    N N N 329 
PRO CA   C N S 330 
PRO C    C N N 331 
PRO O    O N N 332 
PRO CB   C N N 333 
PRO CG   C N N 334 
PRO CD   C N N 335 
PRO OXT  O N N 336 
PRO H    H N N 337 
PRO HA   H N N 338 
PRO HB2  H N N 339 
PRO HB3  H N N 340 
PRO HG2  H N N 341 
PRO HG3  H N N 342 
PRO HD2  H N N 343 
PRO HD3  H N N 344 
PRO HXT  H N N 345 
SER N    N N N 346 
SER CA   C N S 347 
SER C    C N N 348 
SER O    O N N 349 
SER CB   C N N 350 
SER OG   O N N 351 
SER OXT  O N N 352 
SER H    H N N 353 
SER H2   H N N 354 
SER HA   H N N 355 
SER HB2  H N N 356 
SER HB3  H N N 357 
SER HG   H N N 358 
SER HXT  H N N 359 
THR N    N N N 360 
THR CA   C N S 361 
THR C    C N N 362 
THR O    O N N 363 
THR CB   C N R 364 
THR OG1  O N N 365 
THR CG2  C N N 366 
THR OXT  O N N 367 
THR H    H N N 368 
THR H2   H N N 369 
THR HA   H N N 370 
THR HB   H N N 371 
THR HG1  H N N 372 
THR HG21 H N N 373 
THR HG22 H N N 374 
THR HG23 H N N 375 
THR HXT  H N N 376 
TRP N    N N N 377 
TRP CA   C N S 378 
TRP C    C N N 379 
TRP O    O N N 380 
TRP CB   C N N 381 
TRP CG   C Y N 382 
TRP CD1  C Y N 383 
TRP CD2  C Y N 384 
TRP NE1  N Y N 385 
TRP CE2  C Y N 386 
TRP CE3  C Y N 387 
TRP CZ2  C Y N 388 
TRP CZ3  C Y N 389 
TRP CH2  C Y N 390 
TRP OXT  O N N 391 
TRP H    H N N 392 
TRP H2   H N N 393 
TRP HA   H N N 394 
TRP HB2  H N N 395 
TRP HB3  H N N 396 
TRP HD1  H N N 397 
TRP HE1  H N N 398 
TRP HE3  H N N 399 
TRP HZ2  H N N 400 
TRP HZ3  H N N 401 
TRP HH2  H N N 402 
TRP HXT  H N N 403 
TYR N    N N N 404 
TYR CA   C N S 405 
TYR C    C N N 406 
TYR O    O N N 407 
TYR CB   C N N 408 
TYR CG   C Y N 409 
TYR CD1  C Y N 410 
TYR CD2  C Y N 411 
TYR CE1  C Y N 412 
TYR CE2  C Y N 413 
TYR CZ   C Y N 414 
TYR OH   O N N 415 
TYR OXT  O N N 416 
TYR H    H N N 417 
TYR H2   H N N 418 
TYR HA   H N N 419 
TYR HB2  H N N 420 
TYR HB3  H N N 421 
TYR HD1  H N N 422 
TYR HD2  H N N 423 
TYR HE1  H N N 424 
TYR HE2  H N N 425 
TYR HH   H N N 426 
TYR HXT  H N N 427 
VAL N    N N N 428 
VAL CA   C N S 429 
VAL C    C N N 430 
VAL O    O N N 431 
VAL CB   C N N 432 
VAL CG1  C N N 433 
VAL CG2  C N N 434 
VAL OXT  O N N 435 
VAL H    H N N 436 
VAL H2   H N N 437 
VAL HA   H N N 438 
VAL HB   H N N 439 
VAL HG11 H N N 440 
VAL HG12 H N N 441 
VAL HG13 H N N 442 
VAL HG21 H N N 443 
VAL HG22 H N N 444 
VAL HG23 H N N 445 
VAL HXT  H N N 446 
# 
loop_
_chem_comp_bond.comp_id 
_chem_comp_bond.atom_id_1 
_chem_comp_bond.atom_id_2 
_chem_comp_bond.value_order 
_chem_comp_bond.pdbx_aromatic_flag 
_chem_comp_bond.pdbx_stereo_config 
_chem_comp_bond.pdbx_ordinal 
ALA N   CA   sing N N 1   
ALA N   H    sing N N 2   
ALA N   H2   sing N N 3   
ALA CA  C    sing N N 4   
ALA CA  CB   sing N N 5   
ALA CA  HA   sing N N 6   
ALA C   O    doub N N 7   
ALA C   OXT  sing N N 8   
ALA CB  HB1  sing N N 9   
ALA CB  HB2  sing N N 10  
ALA CB  HB3  sing N N 11  
ALA OXT HXT  sing N N 12  
ARG N   CA   sing N N 13  
ARG N   H    sing N N 14  
ARG N   H2   sing N N 15  
ARG CA  C    sing N N 16  
ARG CA  CB   sing N N 17  
ARG CA  HA   sing N N 18  
ARG C   O    doub N N 19  
ARG C   OXT  sing N N 20  
ARG CB  CG   sing N N 21  
ARG CB  HB2  sing N N 22  
ARG CB  HB3  sing N N 23  
ARG CG  CD   sing N N 24  
ARG CG  HG2  sing N N 25  
ARG CG  HG3  sing N N 26  
ARG CD  NE   sing N N 27  
ARG CD  HD2  sing N N 28  
ARG CD  HD3  sing N N 29  
ARG NE  CZ   sing N N 30  
ARG NE  HE   sing N N 31  
ARG CZ  NH1  sing N N 32  
ARG CZ  NH2  doub N N 33  
ARG NH1 HH11 sing N N 34  
ARG NH1 HH12 sing N N 35  
ARG NH2 HH21 sing N N 36  
ARG NH2 HH22 sing N N 37  
ARG OXT HXT  sing N N 38  
ASN N   CA   sing N N 39  
ASN N   H    sing N N 40  
ASN N   H2   sing N N 41  
ASN CA  C    sing N N 42  
ASN CA  CB   sing N N 43  
ASN CA  HA   sing N N 44  
ASN C   O    doub N N 45  
ASN C   OXT  sing N N 46  
ASN CB  CG   sing N N 47  
ASN CB  HB2  sing N N 48  
ASN CB  HB3  sing N N 49  
ASN CG  OD1  doub N N 50  
ASN CG  ND2  sing N N 51  
ASN ND2 HD21 sing N N 52  
ASN ND2 HD22 sing N N 53  
ASN OXT HXT  sing N N 54  
ASP N   CA   sing N N 55  
ASP N   H    sing N N 56  
ASP N   H2   sing N N 57  
ASP CA  C    sing N N 58  
ASP CA  CB   sing N N 59  
ASP CA  HA   sing N N 60  
ASP C   O    doub N N 61  
ASP C   OXT  sing N N 62  
ASP CB  CG   sing N N 63  
ASP CB  HB2  sing N N 64  
ASP CB  HB3  sing N N 65  
ASP CG  OD1  doub N N 66  
ASP CG  OD2  sing N N 67  
ASP OD2 HD2  sing N N 68  
ASP OXT HXT  sing N N 69  
CYS N   CA   sing N N 70  
CYS N   H    sing N N 71  
CYS N   H2   sing N N 72  
CYS CA  C    sing N N 73  
CYS CA  CB   sing N N 74  
CYS CA  HA   sing N N 75  
CYS C   O    doub N N 76  
CYS C   OXT  sing N N 77  
CYS CB  SG   sing N N 78  
CYS CB  HB2  sing N N 79  
CYS CB  HB3  sing N N 80  
CYS SG  HG   sing N N 81  
CYS OXT HXT  sing N N 82  
GLN N   CA   sing N N 83  
GLN N   H    sing N N 84  
GLN N   H2   sing N N 85  
GLN CA  C    sing N N 86  
GLN CA  CB   sing N N 87  
GLN CA  HA   sing N N 88  
GLN C   O    doub N N 89  
GLN C   OXT  sing N N 90  
GLN CB  CG   sing N N 91  
GLN CB  HB2  sing N N 92  
GLN CB  HB3  sing N N 93  
GLN CG  CD   sing N N 94  
GLN CG  HG2  sing N N 95  
GLN CG  HG3  sing N N 96  
GLN CD  OE1  doub N N 97  
GLN CD  NE2  sing N N 98  
GLN NE2 HE21 sing N N 99  
GLN NE2 HE22 sing N N 100 
GLN OXT HXT  sing N N 101 
GLU N   CA   sing N N 102 
GLU N   H    sing N N 103 
GLU N   H2   sing N N 104 
GLU CA  C    sing N N 105 
GLU CA  CB   sing N N 106 
GLU CA  HA   sing N N 107 
GLU C   O    doub N N 108 
GLU C   OXT  sing N N 109 
GLU CB  CG   sing N N 110 
GLU CB  HB2  sing N N 111 
GLU CB  HB3  sing N N 112 
GLU CG  CD   sing N N 113 
GLU CG  HG2  sing N N 114 
GLU CG  HG3  sing N N 115 
GLU CD  OE1  doub N N 116 
GLU CD  OE2  sing N N 117 
GLU OE2 HE2  sing N N 118 
GLU OXT HXT  sing N N 119 
GLY N   CA   sing N N 120 
GLY N   H    sing N N 121 
GLY N   H2   sing N N 122 
GLY CA  C    sing N N 123 
GLY CA  HA2  sing N N 124 
GLY CA  HA3  sing N N 125 
GLY C   O    doub N N 126 
GLY C   OXT  sing N N 127 
GLY OXT HXT  sing N N 128 
HIS N   CA   sing N N 129 
HIS N   H    sing N N 130 
HIS N   H2   sing N N 131 
HIS CA  C    sing N N 132 
HIS CA  CB   sing N N 133 
HIS CA  HA   sing N N 134 
HIS C   O    doub N N 135 
HIS C   OXT  sing N N 136 
HIS CB  CG   sing N N 137 
HIS CB  HB2  sing N N 138 
HIS CB  HB3  sing N N 139 
HIS CG  ND1  sing Y N 140 
HIS CG  CD2  doub Y N 141 
HIS ND1 CE1  doub Y N 142 
HIS ND1 HD1  sing N N 143 
HIS CD2 NE2  sing Y N 144 
HIS CD2 HD2  sing N N 145 
HIS CE1 NE2  sing Y N 146 
HIS CE1 HE1  sing N N 147 
HIS NE2 HE2  sing N N 148 
HIS OXT HXT  sing N N 149 
HOH O   H1   sing N N 150 
HOH O   H2   sing N N 151 
IHI C01 N02  doub Y N 152 
IHI C01 N05  sing Y N 153 
IHI C01 H01  sing N N 154 
IHI N02 C03  sing Y N 155 
IHI C03 C04  doub Y N 156 
IHI C03 C07  sing Y N 157 
IHI C04 N05  sing Y N 158 
IHI C04 N08  sing Y N 159 
IHI N05 C12  sing N N 160 
IHI C07 N09  doub Y N 161 
IHI C07 N11  sing N N 162 
IHI N08 C10  doub Y N 163 
IHI N09 C10  sing Y N 164 
IHI C10 C26  sing N N 165 
IHI N11 C32  sing N N 166 
IHI N11 H11  sing N N 167 
IHI C12 C13  sing N N 168 
IHI C12 C16  sing N N 169 
IHI C12 H12  sing N N 170 
IHI C13 C14  sing N N 171 
IHI C13 H131 sing N N 172 
IHI C13 H132 sing N N 173 
IHI C14 C15  sing N N 174 
IHI C14 H141 sing N N 175 
IHI C14 H142 sing N N 176 
IHI C15 C16  sing N N 177 
IHI C15 H151 sing N N 178 
IHI C15 H152 sing N N 179 
IHI C16 H161 sing N N 180 
IHI C16 H162 sing N N 181 
IHI N27 C26  trip N N 182 
IHI C32 C33  doub Y N 183 
IHI C32 C37  sing Y N 184 
IHI C33 C34  sing Y N 185 
IHI C33 H33  sing N N 186 
IHI C34 C35  doub Y N 187 
IHI C34 H34  sing N N 188 
IHI C35 C36  sing Y N 189 
IHI C35 H35  sing N N 190 
IHI C36 C37  doub Y N 191 
IHI C36 H36  sing N N 192 
IHI C37 O38  sing N N 193 
IHI O38 C39  sing N N 194 
IHI C39 C40  sing N N 195 
IHI C39 H391 sing N N 196 
IHI C39 H392 sing N N 197 
IHI C40 C41  sing N N 198 
IHI C40 H401 sing N N 199 
IHI C40 H402 sing N N 200 
IHI C41 N51  sing N N 201 
IHI C41 H411 sing N N 202 
IHI C41 H412 sing N N 203 
IHI N51 C52  sing Y N 204 
IHI N51 C55  sing Y N 205 
IHI C52 N53  doub Y N 206 
IHI C52 H52  sing N N 207 
IHI N53 C54  sing Y N 208 
IHI C54 C55  doub Y N 209 
IHI C54 H54  sing N N 210 
IHI C55 H55  sing N N 211 
ILE N   CA   sing N N 212 
ILE N   H    sing N N 213 
ILE N   H2   sing N N 214 
ILE CA  C    sing N N 215 
ILE CA  CB   sing N N 216 
ILE CA  HA   sing N N 217 
ILE C   O    doub N N 218 
ILE C   OXT  sing N N 219 
ILE CB  CG1  sing N N 220 
ILE CB  CG2  sing N N 221 
ILE CB  HB   sing N N 222 
ILE CG1 CD1  sing N N 223 
ILE CG1 HG12 sing N N 224 
ILE CG1 HG13 sing N N 225 
ILE CG2 HG21 sing N N 226 
ILE CG2 HG22 sing N N 227 
ILE CG2 HG23 sing N N 228 
ILE CD1 HD11 sing N N 229 
ILE CD1 HD12 sing N N 230 
ILE CD1 HD13 sing N N 231 
ILE OXT HXT  sing N N 232 
LEU N   CA   sing N N 233 
LEU N   H    sing N N 234 
LEU N   H2   sing N N 235 
LEU CA  C    sing N N 236 
LEU CA  CB   sing N N 237 
LEU CA  HA   sing N N 238 
LEU C   O    doub N N 239 
LEU C   OXT  sing N N 240 
LEU CB  CG   sing N N 241 
LEU CB  HB2  sing N N 242 
LEU CB  HB3  sing N N 243 
LEU CG  CD1  sing N N 244 
LEU CG  CD2  sing N N 245 
LEU CG  HG   sing N N 246 
LEU CD1 HD11 sing N N 247 
LEU CD1 HD12 sing N N 248 
LEU CD1 HD13 sing N N 249 
LEU CD2 HD21 sing N N 250 
LEU CD2 HD22 sing N N 251 
LEU CD2 HD23 sing N N 252 
LEU OXT HXT  sing N N 253 
LYS N   CA   sing N N 254 
LYS N   H    sing N N 255 
LYS N   H2   sing N N 256 
LYS CA  C    sing N N 257 
LYS CA  CB   sing N N 258 
LYS CA  HA   sing N N 259 
LYS C   O    doub N N 260 
LYS C   OXT  sing N N 261 
LYS CB  CG   sing N N 262 
LYS CB  HB2  sing N N 263 
LYS CB  HB3  sing N N 264 
LYS CG  CD   sing N N 265 
LYS CG  HG2  sing N N 266 
LYS CG  HG3  sing N N 267 
LYS CD  CE   sing N N 268 
LYS CD  HD2  sing N N 269 
LYS CD  HD3  sing N N 270 
LYS CE  NZ   sing N N 271 
LYS CE  HE2  sing N N 272 
LYS CE  HE3  sing N N 273 
LYS NZ  HZ1  sing N N 274 
LYS NZ  HZ2  sing N N 275 
LYS NZ  HZ3  sing N N 276 
LYS OXT HXT  sing N N 277 
MET N   CA   sing N N 278 
MET N   H    sing N N 279 
MET N   H2   sing N N 280 
MET CA  C    sing N N 281 
MET CA  CB   sing N N 282 
MET CA  HA   sing N N 283 
MET C   O    doub N N 284 
MET C   OXT  sing N N 285 
MET CB  CG   sing N N 286 
MET CB  HB2  sing N N 287 
MET CB  HB3  sing N N 288 
MET CG  SD   sing N N 289 
MET CG  HG2  sing N N 290 
MET CG  HG3  sing N N 291 
MET SD  CE   sing N N 292 
MET CE  HE1  sing N N 293 
MET CE  HE2  sing N N 294 
MET CE  HE3  sing N N 295 
MET OXT HXT  sing N N 296 
PHE N   CA   sing N N 297 
PHE N   H    sing N N 298 
PHE N   H2   sing N N 299 
PHE CA  C    sing N N 300 
PHE CA  CB   sing N N 301 
PHE CA  HA   sing N N 302 
PHE C   O    doub N N 303 
PHE C   OXT  sing N N 304 
PHE CB  CG   sing N N 305 
PHE CB  HB2  sing N N 306 
PHE CB  HB3  sing N N 307 
PHE CG  CD1  doub Y N 308 
PHE CG  CD2  sing Y N 309 
PHE CD1 CE1  sing Y N 310 
PHE CD1 HD1  sing N N 311 
PHE CD2 CE2  doub Y N 312 
PHE CD2 HD2  sing N N 313 
PHE CE1 CZ   doub Y N 314 
PHE CE1 HE1  sing N N 315 
PHE CE2 CZ   sing Y N 316 
PHE CE2 HE2  sing N N 317 
PHE CZ  HZ   sing N N 318 
PHE OXT HXT  sing N N 319 
PRO N   CA   sing N N 320 
PRO N   CD   sing N N 321 
PRO N   H    sing N N 322 
PRO CA  C    sing N N 323 
PRO CA  CB   sing N N 324 
PRO CA  HA   sing N N 325 
PRO C   O    doub N N 326 
PRO C   OXT  sing N N 327 
PRO CB  CG   sing N N 328 
PRO CB  HB2  sing N N 329 
PRO CB  HB3  sing N N 330 
PRO CG  CD   sing N N 331 
PRO CG  HG2  sing N N 332 
PRO CG  HG3  sing N N 333 
PRO CD  HD2  sing N N 334 
PRO CD  HD3  sing N N 335 
PRO OXT HXT  sing N N 336 
SER N   CA   sing N N 337 
SER N   H    sing N N 338 
SER N   H2   sing N N 339 
SER CA  C    sing N N 340 
SER CA  CB   sing N N 341 
SER CA  HA   sing N N 342 
SER C   O    doub N N 343 
SER C   OXT  sing N N 344 
SER CB  OG   sing N N 345 
SER CB  HB2  sing N N 346 
SER CB  HB3  sing N N 347 
SER OG  HG   sing N N 348 
SER OXT HXT  sing N N 349 
THR N   CA   sing N N 350 
THR N   H    sing N N 351 
THR N   H2   sing N N 352 
THR CA  C    sing N N 353 
THR CA  CB   sing N N 354 
THR CA  HA   sing N N 355 
THR C   O    doub N N 356 
THR C   OXT  sing N N 357 
THR CB  OG1  sing N N 358 
THR CB  CG2  sing N N 359 
THR CB  HB   sing N N 360 
THR OG1 HG1  sing N N 361 
THR CG2 HG21 sing N N 362 
THR CG2 HG22 sing N N 363 
THR CG2 HG23 sing N N 364 
THR OXT HXT  sing N N 365 
TRP N   CA   sing N N 366 
TRP N   H    sing N N 367 
TRP N   H2   sing N N 368 
TRP CA  C    sing N N 369 
TRP CA  CB   sing N N 370 
TRP CA  HA   sing N N 371 
TRP C   O    doub N N 372 
TRP C   OXT  sing N N 373 
TRP CB  CG   sing N N 374 
TRP CB  HB2  sing N N 375 
TRP CB  HB3  sing N N 376 
TRP CG  CD1  doub Y N 377 
TRP CG  CD2  sing Y N 378 
TRP CD1 NE1  sing Y N 379 
TRP CD1 HD1  sing N N 380 
TRP CD2 CE2  doub Y N 381 
TRP CD2 CE3  sing Y N 382 
TRP NE1 CE2  sing Y N 383 
TRP NE1 HE1  sing N N 384 
TRP CE2 CZ2  sing Y N 385 
TRP CE3 CZ3  doub Y N 386 
TRP CE3 HE3  sing N N 387 
TRP CZ2 CH2  doub Y N 388 
TRP CZ2 HZ2  sing N N 389 
TRP CZ3 CH2  sing Y N 390 
TRP CZ3 HZ3  sing N N 391 
TRP CH2 HH2  sing N N 392 
TRP OXT HXT  sing N N 393 
TYR N   CA   sing N N 394 
TYR N   H    sing N N 395 
TYR N   H2   sing N N 396 
TYR CA  C    sing N N 397 
TYR CA  CB   sing N N 398 
TYR CA  HA   sing N N 399 
TYR C   O    doub N N 400 
TYR C   OXT  sing N N 401 
TYR CB  CG   sing N N 402 
TYR CB  HB2  sing N N 403 
TYR CB  HB3  sing N N 404 
TYR CG  CD1  doub Y N 405 
TYR CG  CD2  sing Y N 406 
TYR CD1 CE1  sing Y N 407 
TYR CD1 HD1  sing N N 408 
TYR CD2 CE2  doub Y N 409 
TYR CD2 HD2  sing N N 410 
TYR CE1 CZ   doub Y N 411 
TYR CE1 HE1  sing N N 412 
TYR CE2 CZ   sing Y N 413 
TYR CE2 HE2  sing N N 414 
TYR CZ  OH   sing N N 415 
TYR OH  HH   sing N N 416 
TYR OXT HXT  sing N N 417 
VAL N   CA   sing N N 418 
VAL N   H    sing N N 419 
VAL N   H2   sing N N 420 
VAL CA  C    sing N N 421 
VAL CA  CB   sing N N 422 
VAL CA  HA   sing N N 423 
VAL C   O    doub N N 424 
VAL C   OXT  sing N N 425 
VAL CB  CG1  sing N N 426 
VAL CB  CG2  sing N N 427 
VAL CB  HB   sing N N 428 
VAL CG1 HG11 sing N N 429 
VAL CG1 HG12 sing N N 430 
VAL CG1 HG13 sing N N 431 
VAL CG2 HG21 sing N N 432 
VAL CG2 HG22 sing N N 433 
VAL CG2 HG23 sing N N 434 
VAL OXT HXT  sing N N 435 
# 
_atom_sites.entry_id                    1U9W 
_atom_sites.fract_transf_matrix[1][1]   -0.01167500 
_atom_sites.fract_transf_matrix[1][2]   0.00224729 
_atom_sites.fract_transf_matrix[1][3]   -0.01028868 
_atom_sites.fract_transf_matrix[2][1]   0.01051226 
_atom_sites.fract_transf_matrix[2][2]   0.00156474 
_atom_sites.fract_transf_matrix[2][3]   -0.01158692 
_atom_sites.fract_transf_matrix[3][1]   -0.00034543 
_atom_sites.fract_transf_matrix[3][2]   -0.00845970 
_atom_sites.fract_transf_matrix[3][3]   -0.00145582 
_atom_sites.fract_transf_vector[1]      0.846491 
_atom_sites.fract_transf_vector[2]      0.337122 
_atom_sites.fract_transf_vector[3]      0.011051 
# 
loop_
_atom_type.symbol 
C 
N 
O 
S 
# 
loop_
_atom_site.group_PDB 
_atom_site.id 
_atom_site.type_symbol 
_atom_site.label_atom_id 
_atom_site.label_alt_id 
_atom_site.label_comp_id 
_atom_site.label_asym_id 
_atom_site.label_entity_id 
_atom_site.label_seq_id 
_atom_site.pdbx_PDB_ins_code 
_atom_site.Cartn_x 
_atom_site.Cartn_y 
_atom_site.Cartn_z 
_atom_site.occupancy 
_atom_site.B_iso_or_equiv 
_atom_site.pdbx_formal_charge 
_atom_site.auth_seq_id 
_atom_site.auth_comp_id 
_atom_site.auth_asym_id 
_atom_site.auth_atom_id 
_atom_site.pdbx_PDB_model_num 
ATOM   1    N N   . ARG A 1 2   ? 20.498  -8.300  12.386  1.00 54.27 ? 0   ARG A N   1 
ATOM   2    C CA  . ARG A 1 2   ? 20.174  -6.843  12.299  1.00 52.63 ? 0   ARG A CA  1 
ATOM   3    C C   . ARG A 1 2   ? 19.445  -6.505  10.999  1.00 49.25 ? 0   ARG A C   1 
ATOM   4    O O   . ARG A 1 2   ? 19.723  -7.106  9.959   1.00 49.28 ? 0   ARG A O   1 
ATOM   5    C CB  . ARG A 1 2   ? 21.459  -6.023  12.376  1.00 57.36 ? 0   ARG A CB  1 
ATOM   6    C CG  . ARG A 1 2   ? 21.383  -4.879  13.362  1.00 66.86 ? 0   ARG A CG  1 
ATOM   7    C CD  . ARG A 1 2   ? 22.749  -4.245  13.570  1.00 73.39 ? 0   ARG A CD  1 
ATOM   8    N NE  . ARG A 1 2   ? 23.371  -4.641  14.838  1.00 79.77 ? 0   ARG A NE  1 
ATOM   9    C CZ  . ARG A 1 2   ? 22.916  -4.296  16.044  1.00 83.08 ? 0   ARG A CZ  1 
ATOM   10   N NH1 . ARG A 1 2   ? 21.823  -3.545  16.156  1.00 83.45 ? 0   ARG A NH1 1 
ATOM   11   N NH2 . ARG A 1 2   ? 23.566  -4.686  17.141  1.00 83.76 ? 0   ARG A NH2 1 
ATOM   12   N N   . ALA A 1 3   ? 18.507  -5.557  11.060  1.00 43.35 ? 1   ALA A N   1 
ATOM   13   C CA  . ALA A 1 3   ? 17.764  -5.129  9.873   1.00 33.81 ? 1   ALA A CA  1 
ATOM   14   C C   . ALA A 1 3   ? 18.742  -4.275  9.065   1.00 27.81 ? 1   ALA A C   1 
ATOM   15   O O   . ALA A 1 3   ? 19.450  -3.457  9.632   1.00 25.99 ? 1   ALA A O   1 
ATOM   16   C CB  . ALA A 1 3   ? 16.553  -4.284  10.282  1.00 33.32 ? 1   ALA A CB  1 
ATOM   17   N N   . PRO A 1 4   ? 18.807  -4.469  7.736   1.00 24.56 ? 2   PRO A N   1 
ATOM   18   C CA  . PRO A 1 4   ? 19.725  -3.669  6.916   1.00 21.39 ? 2   PRO A CA  1 
ATOM   19   C C   . PRO A 1 4   ? 19.439  -2.158  6.955   1.00 19.96 ? 2   PRO A C   1 
ATOM   20   O O   . PRO A 1 4   ? 18.324  -1.727  7.231   1.00 23.56 ? 2   PRO A O   1 
ATOM   21   C CB  . PRO A 1 4   ? 19.570  -4.246  5.505   1.00 20.23 ? 2   PRO A CB  1 
ATOM   22   C CG  . PRO A 1 4   ? 18.341  -5.062  5.535   1.00 21.42 ? 2   PRO A CG  1 
ATOM   23   C CD  . PRO A 1 4   ? 18.065  -5.467  6.946   1.00 19.82 ? 2   PRO A CD  1 
ATOM   24   N N   . ASP A 1 5   ? 20.465  -1.368  6.688   1.00 17.03 ? 3   ASP A N   1 
ATOM   25   C CA  . ASP A 1 5   ? 20.368  0.092   6.654   1.00 21.38 ? 3   ASP A CA  1 
ATOM   26   C C   . ASP A 1 5   ? 19.376  0.605   5.620   1.00 20.71 ? 3   ASP A C   1 
ATOM   27   O O   . ASP A 1 5   ? 18.761  1.650   5.805   1.00 24.50 ? 3   ASP A O   1 
ATOM   28   C CB  . ASP A 1 5   ? 21.722  0.688   6.284   1.00 18.47 ? 3   ASP A CB  1 
ATOM   29   C CG  . ASP A 1 5   ? 22.686  0.638   7.411   1.00 25.71 ? 3   ASP A CG  1 
ATOM   30   O OD1 . ASP A 1 5   ? 22.289  0.192   8.516   1.00 30.77 ? 3   ASP A OD1 1 
ATOM   31   O OD2 . ASP A 1 5   ? 23.843  1.034   7.201   1.00 25.75 ? 3   ASP A OD2 1 
ATOM   32   N N   . SER A 1 6   ? 19.257  -0.130  4.525   1.00 20.25 ? 4   SER A N   1 
ATOM   33   C CA  . SER A 1 6   ? 18.407  0.250   3.413   1.00 24.50 ? 4   SER A CA  1 
ATOM   34   C C   . SER A 1 6   ? 17.891  -0.990  2.730   1.00 24.78 ? 4   SER A C   1 
ATOM   35   O O   . SER A 1 6   ? 18.573  -2.027  2.690   1.00 25.13 ? 4   SER A O   1 
ATOM   36   C CB  . SER A 1 6   ? 19.219  1.011   2.357   1.00 22.64 ? 4   SER A CB  1 
ATOM   37   O OG  . SER A 1 6   ? 19.565  2.306   2.807   1.00 37.76 ? 4   SER A OG  1 
ATOM   38   N N   . VAL A 1 7   ? 16.696  -0.878  2.172   1.00 22.17 ? 5   VAL A N   1 
ATOM   39   C CA  . VAL A 1 7   ? 16.125  -1.975  1.401   1.00 21.36 ? 5   VAL A CA  1 
ATOM   40   C C   . VAL A 1 7   ? 15.137  -1.293  0.479   1.00 17.13 ? 5   VAL A C   1 
ATOM   41   O O   . VAL A 1 7   ? 14.418  -0.376  0.892   1.00 17.38 ? 5   VAL A O   1 
ATOM   42   C CB  . VAL A 1 7   ? 15.429  -3.023  2.289   1.00 21.85 ? 5   VAL A CB  1 
ATOM   43   C CG1 . VAL A 1 7   ? 14.750  -2.358  3.410   1.00 28.96 ? 5   VAL A CG1 1 
ATOM   44   C CG2 . VAL A 1 7   ? 14.423  -3.824  1.475   1.00 26.53 ? 5   VAL A CG2 1 
ATOM   45   N N   . ASP A 1 8   ? 15.135  -1.715  -0.773  1.00 12.64 ? 6   ASP A N   1 
ATOM   46   C CA  . ASP A 1 8   ? 14.247  -1.152  -1.769  1.00 13.40 ? 6   ASP A CA  1 
ATOM   47   C C   . ASP A 1 8   ? 13.713  -2.335  -2.562  1.00 13.73 ? 6   ASP A C   1 
ATOM   48   O O   . ASP A 1 8   ? 14.388  -2.873  -3.426  1.00 14.07 ? 6   ASP A O   1 
ATOM   49   C CB  . ASP A 1 8   ? 15.029  -0.190  -2.650  1.00 11.59 ? 6   ASP A CB  1 
ATOM   50   C CG  . ASP A 1 8   ? 14.192  0.405   -3.779  1.00 20.03 ? 6   ASP A CG  1 
ATOM   51   O OD1 . ASP A 1 8   ? 13.046  -0.044  -4.039  1.00 21.35 ? 6   ASP A OD1 1 
ATOM   52   O OD2 . ASP A 1 8   ? 14.695  1.342   -4.427  1.00 20.83 ? 6   ASP A OD2 1 
ATOM   53   N N   . TYR A 1 9   ? 12.490  -2.753  -2.271  1.00 13.08 ? 7   TYR A N   1 
ATOM   54   C CA  . TYR A 1 9   ? 11.958  -3.903  -2.980  1.00 15.69 ? 7   TYR A CA  1 
ATOM   55   C C   . TYR A 1 9   ? 11.719  -3.723  -4.474  1.00 17.22 ? 7   TYR A C   1 
ATOM   56   O O   . TYR A 1 9   ? 11.404  -4.680  -5.171  1.00 18.57 ? 7   TYR A O   1 
ATOM   57   C CB  . TYR A 1 9   ? 10.681  -4.388  -2.292  1.00 14.72 ? 7   TYR A CB  1 
ATOM   58   C CG  . TYR A 1 9   ? 10.967  -5.111  -1.015  1.00 14.94 ? 7   TYR A CG  1 
ATOM   59   C CD1 . TYR A 1 9   ? 11.373  -6.448  -1.030  1.00 17.88 ? 7   TYR A CD1 1 
ATOM   60   C CD2 . TYR A 1 9   ? 10.845  -4.462  0.216   1.00 14.38 ? 7   TYR A CD2 1 
ATOM   61   C CE1 . TYR A 1 9   ? 11.645  -7.121  0.140   1.00 17.69 ? 7   TYR A CE1 1 
ATOM   62   C CE2 . TYR A 1 9   ? 11.115  -5.124  1.400   1.00 15.22 ? 7   TYR A CE2 1 
ATOM   63   C CZ  . TYR A 1 9   ? 11.514  -6.456  1.354   1.00 18.78 ? 7   TYR A CZ  1 
ATOM   64   O OH  . TYR A 1 9   ? 11.769  -7.126  2.518   1.00 17.97 ? 7   TYR A OH  1 
ATOM   65   N N   . ARG A 1 10  ? 11.854  -2.508  -4.981  1.00 20.59 ? 8   ARG A N   1 
ATOM   66   C CA  . ARG A 1 10  ? 11.646  -2.298  -6.405  1.00 20.26 ? 8   ARG A CA  1 
ATOM   67   C C   . ARG A 1 10  ? 12.815  -2.977  -7.132  1.00 22.43 ? 8   ARG A C   1 
ATOM   68   O O   . ARG A 1 10  ? 12.648  -3.564  -8.207  1.00 25.59 ? 8   ARG A O   1 
ATOM   69   C CB  . ARG A 1 10  ? 11.617  -0.801  -6.699  1.00 19.30 ? 8   ARG A CB  1 
ATOM   70   C CG  . ARG A 1 10  ? 10.273  -0.130  -6.463  1.00 19.20 ? 8   ARG A CG  1 
ATOM   71   C CD  . ARG A 1 10  ? 10.424  1.387   -6.546  1.00 24.45 ? 8   ARG A CD  1 
ATOM   72   N NE  . ARG A 1 10  ? 11.585  1.878   -5.795  1.00 21.57 ? 8   ARG A NE  1 
ATOM   73   C CZ  . ARG A 1 10  ? 11.969  3.152   -5.781  1.00 21.20 ? 8   ARG A CZ  1 
ATOM   74   N NH1 . ARG A 1 10  ? 11.294  4.054   -6.469  1.00 20.79 ? 8   ARG A NH1 1 
ATOM   75   N NH2 . ARG A 1 10  ? 13.036  3.531   -5.097  1.00 18.30 ? 8   ARG A NH2 1 
ATOM   76   N N   . LYS A 1 11  ? 13.992  -2.926  -6.520  1.00 24.15 ? 9   LYS A N   1 
ATOM   77   C CA  . LYS A 1 11  ? 15.204  -3.522  -7.093  1.00 25.84 ? 9   LYS A CA  1 
ATOM   78   C C   . LYS A 1 11  ? 15.179  -5.046  -7.064  1.00 25.74 ? 9   LYS A C   1 
ATOM   79   O O   . LYS A 1 11  ? 15.949  -5.700  -7.768  1.00 27.47 ? 9   LYS A O   1 
ATOM   80   C CB  . LYS A 1 11  ? 16.446  -3.073  -6.322  1.00 30.62 ? 9   LYS A CB  1 
ATOM   81   C CG  . LYS A 1 11  ? 16.573  -1.593  -6.081  1.00 35.54 ? 9   LYS A CG  1 
ATOM   82   C CD  . LYS A 1 11  ? 18.044  -1.200  -6.196  1.00 42.05 ? 9   LYS A CD  1 
ATOM   83   C CE  . LYS A 1 11  ? 18.292  0.245   -5.787  1.00 45.06 ? 9   LYS A CE  1 
ATOM   84   N NZ  . LYS A 1 11  ? 18.709  0.304   -4.351  1.00 49.23 ? 9   LYS A NZ  1 
ATOM   85   N N   . LYS A 1 12  ? 14.335  -5.619  -6.218  1.00 22.79 ? 10  LYS A N   1 
ATOM   86   C CA  . LYS A 1 12  ? 14.238  -7.069  -6.140  1.00 23.25 ? 10  LYS A CA  1 
ATOM   87   C C   . LYS A 1 12  ? 13.095  -7.624  -6.994  1.00 21.30 ? 10  LYS A C   1 
ATOM   88   O O   . LYS A 1 12  ? 12.868  -8.821  -6.992  1.00 25.63 ? 10  LYS A O   1 
ATOM   89   C CB  . LYS A 1 12  ? 14.034  -7.528  -4.680  1.00 25.57 ? 10  LYS A CB  1 
ATOM   90   C CG  . LYS A 1 12  ? 14.983  -6.931  -3.650  1.00 31.87 ? 10  LYS A CG  1 
ATOM   91   C CD  . LYS A 1 12  ? 15.851  -8.011  -3.006  1.00 39.25 ? 10  LYS A CD  1 
ATOM   92   C CE  . LYS A 1 12  ? 15.768  -8.009  -1.469  1.00 43.15 ? 10  LYS A CE  1 
ATOM   93   N NZ  . LYS A 1 12  ? 15.720  -9.413  -0.913  1.00 45.50 ? 10  LYS A NZ  1 
ATOM   94   N N   . GLY A 1 13  ? 12.347  -6.770  -7.690  1.00 20.98 ? 11  GLY A N   1 
ATOM   95   C CA  . GLY A 1 13  ? 11.254  -7.275  -8.524  1.00 19.44 ? 11  GLY A CA  1 
ATOM   96   C C   . GLY A 1 13  ? 9.960   -7.666  -7.819  1.00 20.89 ? 11  GLY A C   1 
ATOM   97   O O   . GLY A 1 13  ? 9.161   -8.426  -8.362  1.00 20.31 ? 11  GLY A O   1 
ATOM   98   N N   . TYR A 1 14  ? 9.743   -7.114  -6.626  1.00 22.60 ? 12  TYR A N   1 
ATOM   99   C CA  . TYR A 1 14  ? 8.569   -7.388  -5.786  1.00 20.20 ? 12  TYR A CA  1 
ATOM   100  C C   . TYR A 1 14  ? 7.459   -6.371  -5.973  1.00 19.10 ? 12  TYR A C   1 
ATOM   101  O O   . TYR A 1 14  ? 6.372   -6.525  -5.419  1.00 17.97 ? 12  TYR A O   1 
ATOM   102  C CB  . TYR A 1 14  ? 8.970   -7.325  -4.310  1.00 23.38 ? 12  TYR A CB  1 
ATOM   103  C CG  . TYR A 1 14  ? 9.642   -8.561  -3.755  1.00 27.64 ? 12  TYR A CG  1 
ATOM   104  C CD1 . TYR A 1 14  ? 10.778  -9.106  -4.349  1.00 31.05 ? 12  TYR A CD1 1 
ATOM   105  C CD2 . TYR A 1 14  ? 9.142   -9.174  -2.618  1.00 29.44 ? 12  TYR A CD2 1 
ATOM   106  C CE1 . TYR A 1 14  ? 11.388  -10.235 -3.818  1.00 31.39 ? 12  TYR A CE1 1 
ATOM   107  C CE2 . TYR A 1 14  ? 9.737   -10.292 -2.082  1.00 32.23 ? 12  TYR A CE2 1 
ATOM   108  C CZ  . TYR A 1 14  ? 10.852  -10.819 -2.673  1.00 35.20 ? 12  TYR A CZ  1 
ATOM   109  O OH  . TYR A 1 14  ? 11.414  -11.936 -2.090  1.00 37.42 ? 12  TYR A OH  1 
ATOM   110  N N   . VAL A 1 15  ? 7.717   -5.333  -6.754  1.00 16.42 ? 13  VAL A N   1 
ATOM   111  C CA  . VAL A 1 15  ? 6.731   -4.286  -6.908  1.00 14.02 ? 13  VAL A CA  1 
ATOM   112  C C   . VAL A 1 15  ? 6.235   -4.097  -8.329  1.00 15.89 ? 13  VAL A C   1 
ATOM   113  O O   . VAL A 1 15  ? 7.036   -3.900  -9.234  1.00 14.59 ? 13  VAL A O   1 
ATOM   114  C CB  . VAL A 1 15  ? 7.321   -2.940  -6.400  1.00 13.18 ? 13  VAL A CB  1 
ATOM   115  C CG1 . VAL A 1 15  ? 6.212   -1.855  -6.237  1.00 14.38 ? 13  VAL A CG1 1 
ATOM   116  C CG2 . VAL A 1 15  ? 8.004   -3.176  -5.086  1.00 12.58 ? 13  VAL A CG2 1 
ATOM   117  N N   . THR A 1 16  ? 4.911   -4.143  -8.514  1.00 12.19 ? 14  THR A N   1 
ATOM   118  C CA  . THR A 1 16  ? 4.333   -3.935  -9.834  1.00 14.12 ? 14  THR A CA  1 
ATOM   119  C C   . THR A 1 16  ? 4.345   -2.441  -10.216 1.00 14.26 ? 14  THR A C   1 
ATOM   120  O O   . THR A 1 16  ? 4.627   -1.590  -9.406  1.00 14.20 ? 14  THR A O   1 
ATOM   121  C CB  . THR A 1 16  ? 2.873   -4.439  -9.906  1.00 17.78 ? 14  THR A CB  1 
ATOM   122  O OG1 . THR A 1 16  ? 2.039   -3.575  -9.123  1.00 14.18 ? 14  THR A OG1 1 
ATOM   123  C CG2 . THR A 1 16  ? 2.759   -5.892  -9.395  1.00 13.39 ? 14  THR A CG2 1 
ATOM   124  N N   . PRO A 1 17  ? 4.050   -2.113  -11.480 1.00 19.73 ? 15  PRO A N   1 
ATOM   125  C CA  . PRO A 1 17  ? 4.048   -0.696  -11.888 1.00 19.80 ? 15  PRO A CA  1 
ATOM   126  C C   . PRO A 1 17  ? 3.005   0.150   -11.159 1.00 18.74 ? 15  PRO A C   1 
ATOM   127  O O   . PRO A 1 17  ? 1.968   -0.355  -10.699 1.00 17.90 ? 15  PRO A O   1 
ATOM   128  C CB  . PRO A 1 17  ? 3.777   -0.751  -13.392 1.00 16.83 ? 15  PRO A CB  1 
ATOM   129  C CG  . PRO A 1 17  ? 4.148   -2.137  -13.787 1.00 21.86 ? 15  PRO A CG  1 
ATOM   130  C CD  . PRO A 1 17  ? 3.739   -2.994  -12.616 1.00 17.87 ? 15  PRO A CD  1 
ATOM   131  N N   . VAL A 1 18  ? 3.301   1.438   -11.062 1.00 17.25 ? 16  VAL A N   1 
ATOM   132  C CA  . VAL A 1 18  ? 2.427   2.388   -10.395 1.00 15.51 ? 16  VAL A CA  1 
ATOM   133  C C   . VAL A 1 18  ? 1.093   2.444   -11.151 1.00 17.00 ? 16  VAL A C   1 
ATOM   134  O O   . VAL A 1 18  ? 1.072   2.436   -12.378 1.00 19.71 ? 16  VAL A O   1 
ATOM   135  C CB  . VAL A 1 18  ? 3.103   3.807   -10.336 1.00 13.44 ? 16  VAL A CB  1 
ATOM   136  C CG1 . VAL A 1 18  ? 2.139   4.843   -9.829  1.00 10.50 ? 16  VAL A CG1 1 
ATOM   137  C CG2 . VAL A 1 18  ? 4.306   3.785   -9.381  1.00 9.43  ? 16  VAL A CG2 1 
ATOM   138  N N   . LYS A 1 19  ? -0.014  2.469   -10.411 1.00 17.38 ? 17  LYS A N   1 
ATOM   139  C CA  . LYS A 1 19  ? -1.359  2.538   -10.987 1.00 14.23 ? 17  LYS A CA  1 
ATOM   140  C C   . LYS A 1 19  ? -2.033  3.895   -10.681 1.00 16.36 ? 17  LYS A C   1 
ATOM   141  O O   . LYS A 1 19  ? -1.522  4.723   -9.913  1.00 15.96 ? 17  LYS A O   1 
ATOM   142  C CB  . LYS A 1 19  ? -2.241  1.405   -10.427 1.00 14.82 ? 17  LYS A CB  1 
ATOM   143  C CG  . LYS A 1 19  ? -1.631  -0.017  -10.482 1.00 16.61 ? 17  LYS A CG  1 
ATOM   144  C CD  . LYS A 1 19  ? -1.252  -0.472  -11.902 1.00 14.79 ? 17  LYS A CD  1 
ATOM   145  C CE  . LYS A 1 19  ? -0.836  -2.000  -11.938 1.00 16.13 ? 17  LYS A CE  1 
ATOM   146  N NZ  . LYS A 1 19  ? 0.233   -2.379  -10.933 1.00 10.14 ? 17  LYS A NZ  1 
ATOM   147  N N   . ASN A 1 20  ? -3.188  4.125   -11.288 1.00 17.01 ? 18  ASN A N   1 
ATOM   148  C CA  . ASN A 1 20  ? -3.948  5.351   -11.056 1.00 18.84 ? 18  ASN A CA  1 
ATOM   149  C C   . ASN A 1 20  ? -5.324  4.937   -10.611 1.00 17.85 ? 18  ASN A C   1 
ATOM   150  O O   . ASN A 1 20  ? -6.031  4.273   -11.358 1.00 19.85 ? 18  ASN A O   1 
ATOM   151  C CB  . ASN A 1 20  ? -4.096  6.137   -12.347 1.00 20.30 ? 18  ASN A CB  1 
ATOM   152  C CG  . ASN A 1 20  ? -4.463  7.604   -12.108 1.00 24.74 ? 18  ASN A CG  1 
ATOM   153  O OD1 . ASN A 1 20  ? -3.998  8.460   -12.838 1.00 24.01 ? 18  ASN A OD1 1 
ATOM   154  N ND2 . ASN A 1 20  ? -5.292  7.892   -11.093 1.00 19.41 ? 18  ASN A ND2 1 
ATOM   155  N N   . GLN A 1 21  ? -5.721  5.290   -9.404  1.00 18.50 ? 19  GLN A N   1 
ATOM   156  C CA  . GLN A 1 21  ? -7.060  4.909   -8.969  1.00 20.63 ? 19  GLN A CA  1 
ATOM   157  C C   . GLN A 1 21  ? -8.134  5.778   -9.686  1.00 18.95 ? 19  GLN A C   1 
ATOM   158  O O   . GLN A 1 21  ? -9.331  5.530   -9.579  1.00 14.42 ? 19  GLN A O   1 
ATOM   159  C CB  . GLN A 1 21  ? -7.176  5.069   -7.459  1.00 20.83 ? 19  GLN A CB  1 
ATOM   160  C CG  . GLN A 1 21  ? -6.773  6.441   -6.977  1.00 23.65 ? 19  GLN A CG  1 
ATOM   161  C CD  . GLN A 1 21  ? -6.732  6.509   -5.468  1.00 23.18 ? 19  GLN A CD  1 
ATOM   162  O OE1 . GLN A 1 21  ? -5.823  5.972   -4.842  1.00 24.87 ? 19  GLN A OE1 1 
ATOM   163  N NE2 . GLN A 1 21  ? -7.726  7.161   -4.875  1.00 23.67 ? 19  GLN A NE2 1 
ATOM   164  N N   . GLY A 1 22  ? -7.691  6.794   -10.412 1.00 17.82 ? 20  GLY A N   1 
ATOM   165  C CA  . GLY A 1 22  ? -8.630  7.650   -11.103 1.00 20.01 ? 20  GLY A CA  1 
ATOM   166  C C   . GLY A 1 22  ? -9.472  8.531   -10.190 1.00 24.54 ? 20  GLY A C   1 
ATOM   167  O O   . GLY A 1 22  ? -8.974  9.133   -9.237  1.00 25.78 ? 20  GLY A O   1 
ATOM   168  N N   . GLN A 1 23  ? -10.761 8.590   -10.497 1.00 23.01 ? 21  GLN A N   1 
ATOM   169  C CA  . GLN A 1 23  ? -11.730 9.395   -9.776  1.00 26.10 ? 21  GLN A CA  1 
ATOM   170  C C   . GLN A 1 23  ? -12.408 8.636   -8.663  1.00 26.21 ? 21  GLN A C   1 
ATOM   171  O O   . GLN A 1 23  ? -13.475 9.025   -8.233  1.00 29.77 ? 21  GLN A O   1 
ATOM   172  C CB  . GLN A 1 23  ? -12.817 9.838   -10.737 1.00 26.75 ? 21  GLN A CB  1 
ATOM   173  C CG  . GLN A 1 23  ? -12.295 10.389  -12.031 1.00 36.62 ? 21  GLN A CG  1 
ATOM   174  C CD  . GLN A 1 23  ? -12.223 11.899  -12.002 1.00 39.48 ? 21  GLN A CD  1 
ATOM   175  O OE1 . GLN A 1 23  ? -13.211 12.568  -11.677 1.00 43.10 ? 21  GLN A OE1 1 
ATOM   176  N NE2 . GLN A 1 23  ? -11.052 12.446  -12.328 1.00 42.06 ? 21  GLN A NE2 1 
ATOM   177  N N   . CYS A 1 24  ? -11.807 7.547   -8.217  1.00 26.43 ? 22  CYS A N   1 
ATOM   178  C CA  . CYS A 1 24  ? -12.395 6.727   -7.183  1.00 20.68 ? 22  CYS A CA  1 
ATOM   179  C C   . CYS A 1 24  ? -11.455 6.749   -5.986  1.00 21.09 ? 22  CYS A C   1 
ATOM   180  O O   . CYS A 1 24  ? -10.256 6.589   -6.151  1.00 24.78 ? 22  CYS A O   1 
ATOM   181  C CB  . CYS A 1 24  ? -12.566 5.309   -7.740  1.00 21.36 ? 22  CYS A CB  1 
ATOM   182  S SG  . CYS A 1 24  ? -13.109 4.019   -6.573  1.00 21.62 ? 22  CYS A SG  1 
ATOM   183  N N   . GLY A 1 25  ? -11.998 6.967   -4.790  1.00 18.14 ? 23  GLY A N   1 
ATOM   184  C CA  . GLY A 1 25  ? -11.188 7.005   -3.587  1.00 15.96 ? 23  GLY A CA  1 
ATOM   185  C C   . GLY A 1 25  ? -10.955 5.592   -3.098  1.00 18.92 ? 23  GLY A C   1 
ATOM   186  O O   . GLY A 1 25  ? -11.394 5.211   -2.005  1.00 19.44 ? 23  GLY A O   1 
ATOM   187  N N   . SER A 1 26  ? -10.263 4.809   -3.917  1.00 15.41 ? 24  SER A N   1 
ATOM   188  C CA  . SER A 1 26  ? -9.989  3.413   -3.599  1.00 17.39 ? 24  SER A CA  1 
ATOM   189  C C   . SER A 1 26  ? -8.528  3.151   -3.231  1.00 16.68 ? 24  SER A C   1 
ATOM   190  O O   . SER A 1 26  ? -8.011  2.073   -3.491  1.00 16.78 ? 24  SER A O   1 
ATOM   191  C CB  . SER A 1 26  ? -10.335 2.567   -4.804  1.00 16.48 ? 24  SER A CB  1 
ATOM   192  O OG  . SER A 1 26  ? -9.707  3.143   -5.938  1.00 19.51 ? 24  SER A OG  1 
ATOM   193  N N   . CYS A 1 27  ? -7.871  4.133   -2.631  1.00 16.85 ? 25  CYS A N   1 
ATOM   194  C CA  . CYS A 1 27  ? -6.487  3.973   -2.233  1.00 13.76 ? 25  CYS A CA  1 
ATOM   195  C C   . CYS A 1 27  ? -6.287  2.704   -1.407  1.00 14.04 ? 25  CYS A C   1 
ATOM   196  O O   . CYS A 1 27  ? -5.318  1.979   -1.637  1.00 15.94 ? 25  CYS A O   1 
ATOM   197  C CB  . CYS A 1 27  ? -6.028  5.177   -1.420  1.00 14.81 ? 25  CYS A CB  1 
ATOM   198  S SG  . CYS A 1 27  ? -7.016  5.447   0.082   1.00 16.93 ? 25  CYS A SG  1 
ATOM   199  N N   . TRP A 1 28  ? -7.187  2.443   -0.453  1.00 12.01 ? 26  TRP A N   1 
ATOM   200  C CA  . TRP A 1 28  ? -7.094  1.264   0.407   1.00 12.46 ? 26  TRP A CA  1 
ATOM   201  C C   . TRP A 1 28  ? -7.064  -0.013  -0.395  1.00 14.17 ? 26  TRP A C   1 
ATOM   202  O O   . TRP A 1 28  ? -6.462  -0.990  0.049   1.00 15.55 ? 26  TRP A O   1 
ATOM   203  C CB  . TRP A 1 28  ? -8.275  1.177   1.384   1.00 10.82 ? 26  TRP A CB  1 
ATOM   204  C CG  . TRP A 1 28  ? -9.600  1.105   0.670   1.00 16.09 ? 26  TRP A CG  1 
ATOM   205  C CD1 . TRP A 1 28  ? -10.342 2.173   0.203   1.00 13.60 ? 26  TRP A CD1 1 
ATOM   206  C CD2 . TRP A 1 28  ? -10.317 -0.082  0.289   1.00 12.61 ? 26  TRP A CD2 1 
ATOM   207  N NE1 . TRP A 1 28  ? -11.473 1.713   -0.445  1.00 16.28 ? 26  TRP A NE1 1 
ATOM   208  C CE2 . TRP A 1 28  ? -11.486 0.339   -0.413  1.00 16.82 ? 26  TRP A CE2 1 
ATOM   209  C CE3 . TRP A 1 28  ? -10.092 -1.459  0.465   1.00 17.42 ? 26  TRP A CE3 1 
ATOM   210  C CZ2 . TRP A 1 28  ? -12.429 -0.572  -0.938  1.00 13.62 ? 26  TRP A CZ2 1 
ATOM   211  C CZ3 . TRP A 1 28  ? -11.030 -2.374  -0.055  1.00 15.94 ? 26  TRP A CZ3 1 
ATOM   212  C CH2 . TRP A 1 28  ? -12.187 -1.920  -0.751  1.00 17.54 ? 26  TRP A CH2 1 
ATOM   213  N N   . ALA A 1 29  ? -7.721  -0.023  -1.561  1.00 15.20 ? 27  ALA A N   1 
ATOM   214  C CA  . ALA A 1 29  ? -7.738  -1.224  -2.409  1.00 15.27 ? 27  ALA A CA  1 
ATOM   215  C C   . ALA A 1 29  ? -6.370  -1.374  -3.100  1.00 16.03 ? 27  ALA A C   1 
ATOM   216  O O   . ALA A 1 29  ? -5.826  -2.471  -3.187  1.00 17.47 ? 27  ALA A O   1 
ATOM   217  C CB  . ALA A 1 29  ? -8.841  -1.135  -3.455  1.00 15.73 ? 27  ALA A CB  1 
ATOM   218  N N   . PHE A 1 30  ? -5.808  -0.272  -3.585  1.00 14.59 ? 28  PHE A N   1 
ATOM   219  C CA  . PHE A 1 30  ? -4.499  -0.338  -4.238  1.00 13.37 ? 28  PHE A CA  1 
ATOM   220  C C   . PHE A 1 30  ? -3.369  -0.660  -3.235  1.00 9.69  ? 28  PHE A C   1 
ATOM   221  O O   . PHE A 1 30  ? -2.478  -1.434  -3.530  1.00 13.13 ? 28  PHE A O   1 
ATOM   222  C CB  . PHE A 1 30  ? -4.235  0.968   -4.974  1.00 11.16 ? 28  PHE A CB  1 
ATOM   223  C CG  . PHE A 1 30  ? -5.010  1.090   -6.251  1.00 14.37 ? 28  PHE A CG  1 
ATOM   224  C CD1 . PHE A 1 30  ? -6.316  1.609   -6.254  1.00 13.98 ? 28  PHE A CD1 1 
ATOM   225  C CD2 . PHE A 1 30  ? -4.468  0.646   -7.440  1.00 10.11 ? 28  PHE A CD2 1 
ATOM   226  C CE1 . PHE A 1 30  ? -7.056  1.665   -7.427  1.00 17.72 ? 28  PHE A CE1 1 
ATOM   227  C CE2 . PHE A 1 30  ? -5.203  0.700   -8.637  1.00 14.40 ? 28  PHE A CE2 1 
ATOM   228  C CZ  . PHE A 1 30  ? -6.493  1.205   -8.637  1.00 14.49 ? 28  PHE A CZ  1 
ATOM   229  N N   . SER A 1 31  ? -3.408  -0.062  -2.053  1.00 13.45 ? 29  SER A N   1 
ATOM   230  C CA  . SER A 1 31  ? -2.413  -0.341  -1.014  1.00 12.46 ? 29  SER A CA  1 
ATOM   231  C C   . SER A 1 31  ? -2.468  -1.829  -0.645  1.00 13.28 ? 29  SER A C   1 
ATOM   232  O O   . SER A 1 31  ? -1.440  -2.469  -0.431  1.00 15.58 ? 29  SER A O   1 
ATOM   233  C CB  . SER A 1 31  ? -2.737  0.475   0.235   1.00 8.80  ? 29  SER A CB  1 
ATOM   234  O OG  . SER A 1 31  ? -1.977  0.026   1.350   1.00 12.28 ? 29  SER A OG  1 
ATOM   235  N N   . SER A 1 32  ? -3.689  -2.353  -0.524  1.00 15.29 ? 30  SER A N   1 
ATOM   236  C CA  . SER A 1 32  ? -3.920  -3.766  -0.185  1.00 15.52 ? 30  SER A CA  1 
ATOM   237  C C   . SER A 1 32  ? -3.392  -4.712  -1.281  1.00 13.45 ? 30  SER A C   1 
ATOM   238  O O   . SER A 1 32  ? -2.655  -5.645  -0.975  1.00 12.98 ? 30  SER A O   1 
ATOM   239  C CB  . SER A 1 32  ? -5.419  -4.042  0.039   1.00 13.49 ? 30  SER A CB  1 
ATOM   240  O OG  . SER A 1 32  ? -5.900  -3.384  1.205   1.00 21.19 ? 30  SER A OG  1 
ATOM   241  N N   . VAL A 1 33  ? -3.742  -4.492  -2.550  1.00 12.56 ? 31  VAL A N   1 
ATOM   242  C CA  . VAL A 1 33  ? -3.223  -5.425  -3.553  1.00 16.73 ? 31  VAL A CA  1 
ATOM   243  C C   . VAL A 1 33  ? -1.701  -5.318  -3.659  1.00 15.51 ? 31  VAL A C   1 
ATOM   244  O O   . VAL A 1 33  ? -1.028  -6.306  -3.954  1.00 14.64 ? 31  VAL A O   1 
ATOM   245  C CB  . VAL A 1 33  ? -3.882  -5.254  -4.972  1.00 17.59 ? 31  VAL A CB  1 
ATOM   246  C CG1 . VAL A 1 33  ? -5.378  -5.656  -4.909  1.00 15.90 ? 31  VAL A CG1 1 
ATOM   247  C CG2 . VAL A 1 33  ? -3.705  -3.880  -5.469  1.00 23.36 ? 31  VAL A CG2 1 
ATOM   248  N N   . GLY A 1 34  ? -1.162  -4.125  -3.399  1.00 13.88 ? 32  GLY A N   1 
ATOM   249  C CA  . GLY A 1 34  ? 0.276   -3.956  -3.450  1.00 12.39 ? 32  GLY A CA  1 
ATOM   250  C C   . GLY A 1 34  ? 0.967   -4.839  -2.426  1.00 13.16 ? 32  GLY A C   1 
ATOM   251  O O   . GLY A 1 34  ? 1.993   -5.441  -2.723  1.00 10.63 ? 32  GLY A O   1 
ATOM   252  N N   . ALA A 1 35  ? 0.419   -4.935  -1.215  1.00 11.82 ? 33  ALA A N   1 
ATOM   253  C CA  . ALA A 1 35  ? 1.061   -5.769  -0.211  1.00 12.48 ? 33  ALA A CA  1 
ATOM   254  C C   . ALA A 1 35  ? 0.924   -7.237  -0.638  1.00 12.30 ? 33  ALA A C   1 
ATOM   255  O O   . ALA A 1 35  ? 1.852   -8.034  -0.478  1.00 12.79 ? 33  ALA A O   1 
ATOM   256  C CB  . ALA A 1 35  ? 0.430   -5.539  1.170   1.00 10.38 ? 33  ALA A CB  1 
ATOM   257  N N   . LEU A 1 36  ? -0.224  -7.586  -1.207  1.00 11.69 ? 34  LEU A N   1 
ATOM   258  C CA  . LEU A 1 36  ? -0.443  -8.951  -1.652  1.00 11.69 ? 34  LEU A CA  1 
ATOM   259  C C   . LEU A 1 36  ? 0.460   -9.291  -2.832  1.00 13.50 ? 34  LEU A C   1 
ATOM   260  O O   . LEU A 1 36  ? 0.869   -10.440 -2.978  1.00 17.39 ? 34  LEU A O   1 
ATOM   261  C CB  . LEU A 1 36  ? -1.917  -9.163  -2.012  1.00 7.02  ? 34  LEU A CB  1 
ATOM   262  C CG  . LEU A 1 36  ? -2.859  -9.114  -0.782  1.00 9.46  ? 34  LEU A CG  1 
ATOM   263  C CD1 . LEU A 1 36  ? -4.271  -8.731  -1.190  1.00 9.32  ? 34  LEU A CD1 1 
ATOM   264  C CD2 . LEU A 1 36  ? -2.866  -10.477 -0.088  1.00 8.54  ? 34  LEU A CD2 1 
ATOM   265  N N   . GLU A 1 37  ? 0.781   -8.316  -3.681  1.00 13.10 ? 35  GLU A N   1 
ATOM   266  C CA  . GLU A 1 37  ? 1.656   -8.620  -4.827  1.00 14.16 ? 35  GLU A CA  1 
ATOM   267  C C   . GLU A 1 37  ? 3.063   -8.912  -4.330  1.00 14.70 ? 35  GLU A C   1 
ATOM   268  O O   . GLU A 1 37  ? 3.743   -9.780  -4.867  1.00 16.34 ? 35  GLU A O   1 
ATOM   269  C CB  . GLU A 1 37  ? 1.668   -7.472  -5.848  1.00 9.85  ? 35  GLU A CB  1 
ATOM   270  C CG  . GLU A 1 37  ? 0.278   -7.238  -6.435  1.00 14.63 ? 35  GLU A CG  1 
ATOM   271  C CD  . GLU A 1 37  ? 0.143   -5.945  -7.233  1.00 16.11 ? 35  GLU A CD  1 
ATOM   272  O OE1 . GLU A 1 37  ? 0.971   -5.026  -7.068  1.00 12.01 ? 35  GLU A OE1 1 
ATOM   273  O OE2 . GLU A 1 37  ? -0.808  -5.863  -8.034  1.00 19.25 ? 35  GLU A OE2 1 
ATOM   274  N N   . GLY A 1 38  ? 3.489   -8.197  -3.288  1.00 14.44 ? 36  GLY A N   1 
ATOM   275  C CA  . GLY A 1 38  ? 4.807   -8.453  -2.742  1.00 14.80 ? 36  GLY A CA  1 
ATOM   276  C C   . GLY A 1 38  ? 4.865   -9.870  -2.169  1.00 16.26 ? 36  GLY A C   1 
ATOM   277  O O   . GLY A 1 38  ? 5.812   -10.605 -2.426  1.00 16.26 ? 36  GLY A O   1 
ATOM   278  N N   . GLN A 1 39  ? 3.847   -10.257 -1.401  1.00 14.45 ? 37  GLN A N   1 
ATOM   279  C CA  . GLN A 1 39  ? 3.822   -11.591 -0.798  1.00 18.99 ? 37  GLN A CA  1 
ATOM   280  C C   . GLN A 1 39  ? 3.664   -12.694 -1.849  1.00 17.95 ? 37  GLN A C   1 
ATOM   281  O O   . GLN A 1 39  ? 4.274   -13.742 -1.720  1.00 18.40 ? 37  GLN A O   1 
ATOM   282  C CB  . GLN A 1 39  ? 2.725   -11.690 0.288   1.00 16.02 ? 37  GLN A CB  1 
ATOM   283  C CG  . GLN A 1 39  ? 3.024   -10.809 1.511   1.00 13.97 ? 37  GLN A CG  1 
ATOM   284  C CD  . GLN A 1 39  ? 4.433   -11.056 2.050   1.00 16.67 ? 37  GLN A CD  1 
ATOM   285  O OE1 . GLN A 1 39  ? 4.713   -12.123 2.577   1.00 15.11 ? 37  GLN A OE1 1 
ATOM   286  N NE2 . GLN A 1 39  ? 5.323   -10.071 1.912   1.00 11.64 ? 37  GLN A NE2 1 
ATOM   287  N N   . LEU A 1 40  ? 2.884   -12.452 -2.901  1.00 17.79 ? 38  LEU A N   1 
ATOM   288  C CA  . LEU A 1 40  ? 2.728   -13.463 -3.943  1.00 18.01 ? 38  LEU A CA  1 
ATOM   289  C C   . LEU A 1 40  ? 4.078   -13.690 -4.640  1.00 21.33 ? 38  LEU A C   1 
ATOM   290  O O   . LEU A 1 40  ? 4.449   -14.826 -5.006  1.00 17.96 ? 38  LEU A O   1 
ATOM   291  C CB  . LEU A 1 40  ? 1.701   -13.003 -4.975  1.00 19.20 ? 38  LEU A CB  1 
ATOM   292  C CG  . LEU A 1 40  ? 1.485   -13.940 -6.176  1.00 21.56 ? 38  LEU A CG  1 
ATOM   293  C CD1 . LEU A 1 40  ? 0.871   -15.282 -5.679  1.00 18.68 ? 38  LEU A CD1 1 
ATOM   294  C CD2 . LEU A 1 40  ? 0.569   -13.261 -7.200  1.00 15.24 ? 38  LEU A CD2 1 
ATOM   295  N N   . LYS A 1 41  ? 4.817   -12.599 -4.838  1.00 19.21 ? 39  LYS A N   1 
ATOM   296  C CA  . LYS A 1 41  ? 6.105   -12.708 -5.510  1.00 16.65 ? 39  LYS A CA  1 
ATOM   297  C C   . LYS A 1 41  ? 7.080   -13.447 -4.601  1.00 19.09 ? 39  LYS A C   1 
ATOM   298  O O   . LYS A 1 41  ? 7.874   -14.263 -5.055  1.00 16.18 ? 39  LYS A O   1 
ATOM   299  C CB  . LYS A 1 41  ? 6.647   -11.312 -5.863  1.00 16.05 ? 39  LYS A CB  1 
ATOM   300  C CG  . LYS A 1 41  ? 8.147   -11.269 -6.217  1.00 18.38 ? 39  LYS A CG  1 
ATOM   301  C CD  . LYS A 1 41  ? 8.450   -11.977 -7.554  1.00 16.91 ? 39  LYS A CD  1 
ATOM   302  C CE  . LYS A 1 41  ? 9.967   -12.076 -7.814  1.00 19.25 ? 39  LYS A CE  1 
ATOM   303  N NZ  . LYS A 1 41  ? 10.277  -12.563 -9.201  1.00 20.79 ? 39  LYS A NZ  1 
ATOM   304  N N   . LYS A 1 42  ? 7.008   -13.177 -3.303  1.00 19.98 ? 40  LYS A N   1 
ATOM   305  C CA  . LYS A 1 42  ? 7.905   -13.825 -2.353  1.00 21.56 ? 40  LYS A CA  1 
ATOM   306  C C   . LYS A 1 42  ? 7.654   -15.329 -2.233  1.00 23.25 ? 40  LYS A C   1 
ATOM   307  O O   . LYS A 1 42  ? 8.575   -16.118 -2.066  1.00 21.51 ? 40  LYS A O   1 
ATOM   308  C CB  . LYS A 1 42  ? 7.767   -13.190 -0.963  1.00 23.76 ? 40  LYS A CB  1 
ATOM   309  C CG  . LYS A 1 42  ? 8.944   -13.458 -0.053  1.00 25.35 ? 40  LYS A CG  1 
ATOM   310  C CD  . LYS A 1 42  ? 8.592   -13.209 1.407   1.00 31.59 ? 40  LYS A CD  1 
ATOM   311  C CE  . LYS A 1 42  ? 9.849   -12.881 2.197   1.00 31.04 ? 40  LYS A CE  1 
ATOM   312  N NZ  . LYS A 1 42  ? 9.537   -12.476 3.576   1.00 30.24 ? 40  LYS A NZ  1 
ATOM   313  N N   . LYS A 1 43  ? 6.402   -15.730 -2.345  1.00 24.06 ? 41  LYS A N   1 
ATOM   314  C CA  . LYS A 1 43  ? 6.074   -17.126 -2.212  1.00 25.05 ? 41  LYS A CA  1 
ATOM   315  C C   . LYS A 1 43  ? 6.150   -17.934 -3.503  1.00 25.08 ? 41  LYS A C   1 
ATOM   316  O O   . LYS A 1 43  ? 6.578   -19.078 -3.477  1.00 23.83 ? 41  LYS A O   1 
ATOM   317  C CB  . LYS A 1 43  ? 4.677   -17.255 -1.593  1.00 27.39 ? 41  LYS A CB  1 
ATOM   318  C CG  . LYS A 1 43  ? 3.851   -18.441 -2.093  1.00 33.43 ? 41  LYS A CG  1 
ATOM   319  C CD  . LYS A 1 43  ? 2.811   -18.827 -1.043  1.00 41.25 ? 41  LYS A CD  1 
ATOM   320  C CE  . LYS A 1 43  ? 2.218   -20.208 -1.277  1.00 41.68 ? 41  LYS A CE  1 
ATOM   321  N NZ  . LYS A 1 43  ? 1.014   -20.372 -0.411  1.00 45.33 ? 41  LYS A NZ  1 
ATOM   322  N N   . THR A 1 44  ? 5.781   -17.334 -4.630  1.00 23.38 ? 42  THR A N   1 
ATOM   323  C CA  . THR A 1 44  ? 5.734   -18.071 -5.887  1.00 22.54 ? 42  THR A CA  1 
ATOM   324  C C   . THR A 1 44  ? 6.771   -17.736 -6.937  1.00 21.45 ? 42  THR A C   1 
ATOM   325  O O   . THR A 1 44  ? 7.000   -18.532 -7.843  1.00 23.07 ? 42  THR A O   1 
ATOM   326  C CB  . THR A 1 44  ? 4.352   -17.900 -6.560  1.00 25.02 ? 42  THR A CB  1 
ATOM   327  O OG1 . THR A 1 44  ? 4.248   -16.572 -7.096  1.00 27.95 ? 42  THR A OG1 1 
ATOM   328  C CG2 . THR A 1 44  ? 3.228   -18.099 -5.548  1.00 23.96 ? 42  THR A CG2 1 
ATOM   329  N N   . GLY A 1 45  ? 7.388   -16.567 -6.840  1.00 21.79 ? 43  GLY A N   1 
ATOM   330  C CA  . GLY A 1 45  ? 8.377   -16.171 -7.834  1.00 18.13 ? 43  GLY A CA  1 
ATOM   331  C C   . GLY A 1 45  ? 7.801   -15.363 -8.997  1.00 18.89 ? 43  GLY A C   1 
ATOM   332  O O   . GLY A 1 45  ? 8.543   -14.863 -9.827  1.00 20.17 ? 43  GLY A O   1 
ATOM   333  N N   . LYS A 1 46  ? 6.482   -15.249 -9.090  1.00 20.26 ? 44  LYS A N   1 
ATOM   334  C CA  . LYS A 1 46  ? 5.902   -14.459 -10.163 1.00 22.15 ? 44  LYS A CA  1 
ATOM   335  C C   . LYS A 1 46  ? 5.402   -13.129 -9.652  1.00 20.88 ? 44  LYS A C   1 
ATOM   336  O O   . LYS A 1 46  ? 4.887   -13.028 -8.529  1.00 17.63 ? 44  LYS A O   1 
ATOM   337  C CB  . LYS A 1 46  ? 4.733   -15.169 -10.861 1.00 23.68 ? 44  LYS A CB  1 
ATOM   338  C CG  . LYS A 1 46  ? 4.109   -16.299 -10.102 1.00 32.02 ? 44  LYS A CG  1 
ATOM   339  C CD  . LYS A 1 46  ? 3.596   -17.334 -11.081 1.00 35.63 ? 44  LYS A CD  1 
ATOM   340  C CE  . LYS A 1 46  ? 2.471   -18.178 -10.489 1.00 40.36 ? 44  LYS A CE  1 
ATOM   341  N NZ  . LYS A 1 46  ? 1.865   -19.073 -11.541 1.00 40.46 ? 44  LYS A NZ  1 
ATOM   342  N N   . LEU A 1 47  ? 5.565   -12.114 -10.497 1.00 18.71 ? 45  LEU A N   1 
ATOM   343  C CA  . LEU A 1 47  ? 5.109   -10.771 -10.205 1.00 18.25 ? 45  LEU A CA  1 
ATOM   344  C C   . LEU A 1 47  ? 3.902   -10.627 -11.118 1.00 20.25 ? 45  LEU A C   1 
ATOM   345  O O   . LEU A 1 47  ? 3.999   -10.844 -12.320 1.00 20.93 ? 45  LEU A O   1 
ATOM   346  C CB  . LEU A 1 47  ? 6.193   -9.756  -10.559 1.00 17.94 ? 45  LEU A CB  1 
ATOM   347  C CG  . LEU A 1 47  ? 5.887   -8.293  -10.225 1.00 19.96 ? 45  LEU A CG  1 
ATOM   348  C CD1 . LEU A 1 47  ? 5.628   -8.135  -8.721  1.00 13.26 ? 45  LEU A CD1 1 
ATOM   349  C CD2 . LEU A 1 47  ? 7.060   -7.417  -10.707 1.00 16.38 ? 45  LEU A CD2 1 
ATOM   350  N N   . LEU A 1 48  ? 2.771   -10.243 -10.549 1.00 19.90 ? 46  LEU A N   1 
ATOM   351  C CA  . LEU A 1 48  ? 1.533   -10.156 -11.310 1.00 21.96 ? 46  LEU A CA  1 
ATOM   352  C C   . LEU A 1 48  ? 0.586   -9.082  -10.728 1.00 22.19 ? 46  LEU A C   1 
ATOM   353  O O   . LEU A 1 48  ? 0.531   -8.884  -9.507  1.00 22.89 ? 46  LEU A O   1 
ATOM   354  C CB  . LEU A 1 48  ? 0.912   -11.545 -11.230 1.00 27.20 ? 46  LEU A CB  1 
ATOM   355  C CG  . LEU A 1 48  ? -0.524  -11.928 -11.514 1.00 32.98 ? 46  LEU A CG  1 
ATOM   356  C CD1 . LEU A 1 48  ? -0.627  -12.211 -13.007 1.00 34.31 ? 46  LEU A CD1 1 
ATOM   357  C CD2 . LEU A 1 48  ? -0.894  -13.190 -10.720 1.00 29.00 ? 46  LEU A CD2 1 
ATOM   358  N N   . ASN A 1 49  ? -0.147  -8.377  -11.585 1.00 19.74 ? 47  ASN A N   1 
ATOM   359  C CA  . ASN A 1 49  ? -1.083  -7.350  -11.094 1.00 19.05 ? 47  ASN A CA  1 
ATOM   360  C C   . ASN A 1 49  ? -2.349  -7.988  -10.504 1.00 18.59 ? 47  ASN A C   1 
ATOM   361  O O   . ASN A 1 49  ? -3.060  -8.713  -11.193 1.00 20.74 ? 47  ASN A O   1 
ATOM   362  C CB  . ASN A 1 49  ? -1.519  -6.413  -12.220 1.00 15.78 ? 47  ASN A CB  1 
ATOM   363  C CG  . ASN A 1 49  ? -0.417  -5.471  -12.685 1.00 17.16 ? 47  ASN A CG  1 
ATOM   364  O OD1 . ASN A 1 49  ? 0.395   -4.957  -11.906 1.00 14.21 ? 47  ASN A OD1 1 
ATOM   365  N ND2 . ASN A 1 49  ? -0.408  -5.219  -13.974 1.00 19.59 ? 47  ASN A ND2 1 
ATOM   366  N N   . LEU A 1 50  ? -2.622  -7.737  -9.231  1.00 16.03 ? 48  LEU A N   1 
ATOM   367  C CA  . LEU A 1 50  ? -3.821  -8.273  -8.615  1.00 15.61 ? 48  LEU A CA  1 
ATOM   368  C C   . LEU A 1 50  ? -4.946  -7.245  -8.804  1.00 16.24 ? 48  LEU A C   1 
ATOM   369  O O   . LEU A 1 50  ? -4.703  -6.115  -9.227  1.00 18.70 ? 48  LEU A O   1 
ATOM   370  C CB  . LEU A 1 50  ? -3.573  -8.597  -7.141  1.00 13.11 ? 48  LEU A CB  1 
ATOM   371  C CG  . LEU A 1 50  ? -2.623  -9.799  -7.003  1.00 12.71 ? 48  LEU A CG  1 
ATOM   372  C CD1 . LEU A 1 50  ? -2.410  -10.089 -5.505  1.00 13.06 ? 48  LEU A CD1 1 
ATOM   373  C CD2 . LEU A 1 50  ? -3.199  -11.030 -7.715  1.00 13.94 ? 48  LEU A CD2 1 
ATOM   374  N N   . SER A 1 51  ? -6.171  -7.622  -8.473  1.00 15.87 ? 49  SER A N   1 
ATOM   375  C CA  . SER A 1 51  ? -7.313  -6.770  -8.724  1.00 14.98 ? 49  SER A CA  1 
ATOM   376  C C   . SER A 1 51  ? -7.855  -5.830  -7.656  1.00 14.80 ? 49  SER A C   1 
ATOM   377  O O   . SER A 1 51  ? -8.481  -6.268  -6.692  1.00 16.15 ? 49  SER A O   1 
ATOM   378  C CB  . SER A 1 51  ? -8.471  -7.663  -9.238  1.00 17.21 ? 49  SER A CB  1 
ATOM   379  O OG  . SER A 1 51  ? -9.718  -6.969  -9.306  1.00 16.51 ? 49  SER A OG  1 
ATOM   380  N N   . PRO A 1 52  ? -7.586  -4.518  -7.783  1.00 16.92 ? 50  PRO A N   1 
ATOM   381  C CA  . PRO A 1 52  ? -8.154  -3.637  -6.758  1.00 17.20 ? 50  PRO A CA  1 
ATOM   382  C C   . PRO A 1 52  ? -9.704  -3.567  -6.927  1.00 17.64 ? 50  PRO A C   1 
ATOM   383  O O   . PRO A 1 52  ? -10.438 -3.375  -5.945  1.00 16.50 ? 50  PRO A O   1 
ATOM   384  C CB  . PRO A 1 52  ? -7.487  -2.285  -7.041  1.00 15.80 ? 50  PRO A CB  1 
ATOM   385  C CG  . PRO A 1 52  ? -7.122  -2.365  -8.515  1.00 17.11 ? 50  PRO A CG  1 
ATOM   386  C CD  . PRO A 1 52  ? -6.715  -3.779  -8.725  1.00 15.30 ? 50  PRO A CD  1 
ATOM   387  N N   . GLN A 1 53  ? -10.193 -3.713  -8.164  1.00 17.45 ? 51  GLN A N   1 
ATOM   388  C CA  . GLN A 1 53  ? -11.645 -3.648  -8.430  1.00 18.31 ? 51  GLN A CA  1 
ATOM   389  C C   . GLN A 1 53  ? -12.395 -4.768  -7.726  1.00 20.34 ? 51  GLN A C   1 
ATOM   390  O O   . GLN A 1 53  ? -13.518 -4.587  -7.271  1.00 20.26 ? 51  GLN A O   1 
ATOM   391  C CB  . GLN A 1 53  ? -11.934 -3.697  -9.930  1.00 18.09 ? 51  GLN A CB  1 
ATOM   392  C CG  . GLN A 1 53  ? -13.390 -3.322  -10.282 1.00 21.28 ? 51  GLN A CG  1 
ATOM   393  C CD  . GLN A 1 53  ? -13.668 -1.825  -10.161 1.00 17.27 ? 51  GLN A CD  1 
ATOM   394  O OE1 . GLN A 1 53  ? -12.906 -1.006  -10.663 1.00 15.73 ? 51  GLN A OE1 1 
ATOM   395  N NE2 . GLN A 1 53  ? -14.772 -1.470  -9.503  1.00 14.23 ? 51  GLN A NE2 1 
ATOM   396  N N   . ASN A 1 54  ? -11.755 -5.931  -7.631  1.00 22.80 ? 52  ASN A N   1 
ATOM   397  C CA  . ASN A 1 54  ? -12.324 -7.086  -6.952  1.00 20.74 ? 52  ASN A CA  1 
ATOM   398  C C   . ASN A 1 54  ? -12.668 -6.655  -5.518  1.00 23.49 ? 52  ASN A C   1 
ATOM   399  O O   . ASN A 1 54  ? -13.749 -6.979  -5.000  1.00 24.80 ? 52  ASN A O   1 
ATOM   400  C CB  . ASN A 1 54  ? -11.272 -8.206  -6.939  1.00 21.18 ? 52  ASN A CB  1 
ATOM   401  C CG  . ASN A 1 54  ? -11.823 -9.567  -6.514  1.00 22.64 ? 52  ASN A CG  1 
ATOM   402  O OD1 . ASN A 1 54  ? -11.153 -10.590 -6.712  1.00 22.24 ? 52  ASN A OD1 1 
ATOM   403  N ND2 . ASN A 1 54  ? -13.023 -9.592  -5.928  1.00 17.12 ? 52  ASN A ND2 1 
ATOM   404  N N   . LEU A 1 55  ? -11.756 -5.909  -4.882  1.00 20.66 ? 53  LEU A N   1 
ATOM   405  C CA  . LEU A 1 55  ? -11.970 -5.459  -3.493  1.00 18.06 ? 53  LEU A CA  1 
ATOM   406  C C   . LEU A 1 55  ? -12.980 -4.318  -3.408  1.00 17.56 ? 53  LEU A C   1 
ATOM   407  O O   . LEU A 1 55  ? -13.874 -4.305  -2.531  1.00 12.87 ? 53  LEU A O   1 
ATOM   408  C CB  . LEU A 1 55  ? -10.643 -5.005  -2.836  1.00 15.80 ? 53  LEU A CB  1 
ATOM   409  C CG  . LEU A 1 55  ? -9.427  -5.946  -2.914  1.00 18.23 ? 53  LEU A CG  1 
ATOM   410  C CD1 . LEU A 1 55  ? -8.166  -5.233  -2.396  1.00 17.32 ? 53  LEU A CD1 1 
ATOM   411  C CD2 . LEU A 1 55  ? -9.686  -7.194  -2.077  1.00 14.23 ? 53  LEU A CD2 1 
ATOM   412  N N   . VAL A 1 56  ? -12.834 -3.352  -4.308  1.00 14.94 ? 54  VAL A N   1 
ATOM   413  C CA  . VAL A 1 56  ? -13.750 -2.223  -4.320  1.00 21.50 ? 54  VAL A CA  1 
ATOM   414  C C   . VAL A 1 56  ? -15.198 -2.718  -4.424  1.00 23.00 ? 54  VAL A C   1 
ATOM   415  O O   . VAL A 1 56  ? -16.058 -2.306  -3.642  1.00 21.66 ? 54  VAL A O   1 
ATOM   416  C CB  . VAL A 1 56  ? -13.446 -1.275  -5.493  1.00 26.76 ? 54  VAL A CB  1 
ATOM   417  C CG1 . VAL A 1 56  ? -14.654 -0.378  -5.771  1.00 24.96 ? 54  VAL A CG1 1 
ATOM   418  C CG2 . VAL A 1 56  ? -12.205 -0.425  -5.152  1.00 24.97 ? 54  VAL A CG2 1 
ATOM   419  N N   . ASP A 1 57  ? -15.439 -3.622  -5.374  1.00 22.40 ? 55  ASP A N   1 
ATOM   420  C CA  . ASP A 1 57  ? -16.770 -4.182  -5.602  1.00 24.46 ? 55  ASP A CA  1 
ATOM   421  C C   . ASP A 1 57  ? -17.227 -5.151  -4.522  1.00 24.60 ? 55  ASP A C   1 
ATOM   422  O O   . ASP A 1 57  ? -18.406 -5.209  -4.227  1.00 25.54 ? 55  ASP A O   1 
ATOM   423  C CB  . ASP A 1 57  ? -16.835 -4.956  -6.920  1.00 22.67 ? 55  ASP A CB  1 
ATOM   424  C CG  . ASP A 1 57  ? -16.768 -4.081  -8.126  1.00 23.97 ? 55  ASP A CG  1 
ATOM   425  O OD1 . ASP A 1 57  ? -16.857 -2.836  -8.008  1.00 24.08 ? 55  ASP A OD1 1 
ATOM   426  O OD2 . ASP A 1 57  ? -16.627 -4.660  -9.222  1.00 27.39 ? 55  ASP A OD2 1 
ATOM   427  N N   . CYS A 1 58  ? -16.312 -5.914  -3.929  1.00 26.28 ? 56  CYS A N   1 
ATOM   428  C CA  . CYS A 1 58  ? -16.728 -6.916  -2.942  1.00 21.82 ? 56  CYS A CA  1 
ATOM   429  C C   . CYS A 1 58  ? -16.543 -6.734  -1.430  1.00 23.82 ? 56  CYS A C   1 
ATOM   430  O O   . CYS A 1 58  ? -17.167 -7.462  -0.652  1.00 23.73 ? 56  CYS A O   1 
ATOM   431  C CB  . CYS A 1 58  ? -16.134 -8.266  -3.349  1.00 20.01 ? 56  CYS A CB  1 
ATOM   432  S SG  . CYS A 1 58  ? -16.327 -8.624  -5.118  1.00 22.84 ? 56  CYS A SG  1 
ATOM   433  N N   . VAL A 1 59  ? -15.704 -5.804  -0.984  1.00 24.02 ? 57  VAL A N   1 
ATOM   434  C CA  . VAL A 1 59  ? -15.529 -5.662  0.453   1.00 22.74 ? 57  VAL A CA  1 
ATOM   435  C C   . VAL A 1 59  ? -16.676 -4.820  0.987   1.00 25.26 ? 57  VAL A C   1 
ATOM   436  O O   . VAL A 1 59  ? -16.609 -3.581  1.086   1.00 24.58 ? 57  VAL A O   1 
ATOM   437  C CB  . VAL A 1 59  ? -14.129 -5.078  0.806   1.00 21.65 ? 57  VAL A CB  1 
ATOM   438  C CG1 . VAL A 1 59  ? -14.016 -4.829  2.306   1.00 16.69 ? 57  VAL A CG1 1 
ATOM   439  C CG2 . VAL A 1 59  ? -13.039 -6.081  0.351   1.00 16.58 ? 57  VAL A CG2 1 
ATOM   440  N N   . SER A 1 60  ? -17.742 -5.541  1.326   1.00 26.03 ? 58  SER A N   1 
ATOM   441  C CA  . SER A 1 60  ? -18.979 -4.945  1.832   1.00 30.81 ? 58  SER A CA  1 
ATOM   442  C C   . SER A 1 60  ? -18.744 -4.097  3.062   1.00 28.54 ? 58  SER A C   1 
ATOM   443  O O   . SER A 1 60  ? -19.457 -3.133  3.294   1.00 28.37 ? 58  SER A O   1 
ATOM   444  C CB  . SER A 1 60  ? -20.015 -6.038  2.148   1.00 30.76 ? 58  SER A CB  1 
ATOM   445  O OG  . SER A 1 60  ? -19.766 -6.621  3.421   1.00 36.63 ? 58  SER A OG  1 
ATOM   446  N N   . GLU A 1 61  ? -17.736 -4.459  3.841   1.00 31.37 ? 59  GLU A N   1 
ATOM   447  C CA  . GLU A 1 61  ? -17.404 -3.713  5.041   1.00 30.37 ? 59  GLU A CA  1 
ATOM   448  C C   . GLU A 1 61  ? -16.686 -2.402  4.736   1.00 28.37 ? 59  GLU A C   1 
ATOM   449  O O   . GLU A 1 61  ? -16.467 -1.587  5.634   1.00 28.93 ? 59  GLU A O   1 
ATOM   450  C CB  . GLU A 1 61  ? -16.544 -4.576  5.950   1.00 37.69 ? 59  GLU A CB  1 
ATOM   451  C CG  . GLU A 1 61  ? -17.033 -5.999  6.046   1.00 47.02 ? 59  GLU A CG  1 
ATOM   452  C CD  . GLU A 1 61  ? -16.833 -6.563  7.427   1.00 55.88 ? 59  GLU A CD  1 
ATOM   453  O OE1 . GLU A 1 61  ? -16.421 -5.787  8.319   1.00 58.45 ? 59  GLU A OE1 1 
ATOM   454  O OE2 . GLU A 1 61  ? -17.080 -7.777  7.625   1.00 60.91 ? 59  GLU A OE2 1 
ATOM   455  N N   . ASN A 1 62  ? -16.306 -2.182  3.484   1.00 25.75 ? 60  ASN A N   1 
ATOM   456  C CA  . ASN A 1 62  ? -15.632 -0.923  3.159   1.00 25.94 ? 60  ASN A CA  1 
ATOM   457  C C   . ASN A 1 62  ? -16.592 -0.008  2.388   1.00 25.33 ? 60  ASN A C   1 
ATOM   458  O O   . ASN A 1 62  ? -17.748 -0.366  2.170   1.00 26.60 ? 60  ASN A O   1 
ATOM   459  C CB  . ASN A 1 62  ? -14.350 -1.205  2.368   1.00 20.95 ? 60  ASN A CB  1 
ATOM   460  C CG  . ASN A 1 62  ? -13.158 -1.463  3.283   1.00 21.76 ? 60  ASN A CG  1 
ATOM   461  O OD1 . ASN A 1 62  ? -13.229 -1.221  4.486   1.00 18.48 ? 60  ASN A OD1 1 
ATOM   462  N ND2 . ASN A 1 62  ? -12.065 -1.958  2.721   1.00 21.07 ? 60  ASN A ND2 1 
ATOM   463  N N   . ASP A 1 63  ? -16.136 1.164   1.983   1.00 27.34 ? 61  ASP A N   1 
ATOM   464  C CA  . ASP A 1 63  ? -17.017 2.083   1.257   1.00 27.21 ? 61  ASP A CA  1 
ATOM   465  C C   . ASP A 1 63  ? -16.699 2.290   -0.203  1.00 24.82 ? 61  ASP A C   1 
ATOM   466  O O   . ASP A 1 63  ? -16.936 3.379   -0.733  1.00 26.99 ? 61  ASP A O   1 
ATOM   467  C CB  . ASP A 1 63  ? -17.020 3.445   1.926   1.00 35.51 ? 61  ASP A CB  1 
ATOM   468  C CG  . ASP A 1 63  ? -17.677 3.416   3.275   1.00 43.78 ? 61  ASP A CG  1 
ATOM   469  O OD1 . ASP A 1 63  ? -18.756 2.794   3.385   1.00 54.34 ? 61  ASP A OD1 1 
ATOM   470  O OD2 . ASP A 1 63  ? -17.125 4.008   4.225   1.00 48.97 ? 61  ASP A OD2 1 
ATOM   471  N N   . GLY A 1 64  ? -16.146 1.275   -0.849  1.00 20.64 ? 62  GLY A N   1 
ATOM   472  C CA  . GLY A 1 64  ? -15.841 1.380   -2.265  1.00 19.70 ? 62  GLY A CA  1 
ATOM   473  C C   . GLY A 1 64  ? -14.972 2.567   -2.618  1.00 23.83 ? 62  GLY A C   1 
ATOM   474  O O   . GLY A 1 64  ? -13.820 2.665   -2.185  1.00 25.54 ? 62  GLY A O   1 
ATOM   475  N N   . CYS A 1 65  ? -15.519 3.474   -3.418  1.00 23.17 ? 63  CYS A N   1 
ATOM   476  C CA  . CYS A 1 65  ? -14.785 4.663   -3.821  1.00 23.05 ? 63  CYS A CA  1 
ATOM   477  C C   . CYS A 1 65  ? -14.808 5.686   -2.709  1.00 23.41 ? 63  CYS A C   1 
ATOM   478  O O   . CYS A 1 65  ? -14.201 6.751   -2.822  1.00 22.17 ? 63  CYS A O   1 
ATOM   479  C CB  . CYS A 1 65  ? -15.384 5.260   -5.088  1.00 18.27 ? 63  CYS A CB  1 
ATOM   480  S SG  . CYS A 1 65  ? -15.127 4.172   -6.522  1.00 23.01 ? 63  CYS A SG  1 
ATOM   481  N N   . GLY A 1 66  ? -15.488 5.353   -1.620  1.00 24.45 ? 64  GLY A N   1 
ATOM   482  C CA  . GLY A 1 66  ? -15.563 6.283   -0.509  1.00 26.26 ? 64  GLY A CA  1 
ATOM   483  C C   . GLY A 1 66  ? -14.513 6.094   0.566   1.00 28.84 ? 64  GLY A C   1 
ATOM   484  O O   . GLY A 1 66  ? -14.445 6.891   1.501   1.00 29.82 ? 64  GLY A O   1 
ATOM   485  N N   . GLY A 1 67  ? -13.694 5.048   0.444   1.00 29.18 ? 65  GLY A N   1 
ATOM   486  C CA  . GLY A 1 67  ? -12.668 4.806   1.441   1.00 25.67 ? 65  GLY A CA  1 
ATOM   487  C C   . GLY A 1 67  ? -12.858 3.459   2.102   1.00 24.86 ? 65  GLY A C   1 
ATOM   488  O O   . GLY A 1 67  ? -13.916 2.843   1.965   1.00 24.28 ? 65  GLY A O   1 
ATOM   489  N N   . GLY A 1 68  ? -11.838 2.994   2.816   1.00 24.86 ? 66  GLY A N   1 
ATOM   490  C CA  . GLY A 1 68  ? -11.933 1.702   3.480   1.00 23.45 ? 66  GLY A CA  1 
ATOM   491  C C   . GLY A 1 68  ? -10.653 1.358   4.223   1.00 21.49 ? 66  GLY A C   1 
ATOM   492  O O   . GLY A 1 68  ? -9.718  2.136   4.241   1.00 22.33 ? 66  GLY A O   1 
ATOM   493  N N   . TYR A 1 69  ? -10.612 0.195   4.848   1.00 21.44 ? 67  TYR A N   1 
ATOM   494  C CA  . TYR A 1 69  ? -9.429  -0.225  5.576   1.00 21.08 ? 67  TYR A CA  1 
ATOM   495  C C   . TYR A 1 69  ? -8.773  -1.386  4.876   1.00 19.96 ? 67  TYR A C   1 
ATOM   496  O O   . TYR A 1 69  ? -9.457  -2.232  4.296   1.00 21.79 ? 67  TYR A O   1 
ATOM   497  C CB  . TYR A 1 69  ? -9.799  -0.660  6.994   1.00 22.51 ? 67  TYR A CB  1 
ATOM   498  C CG  . TYR A 1 69  ? -10.232 0.493   7.830   1.00 26.02 ? 67  TYR A CG  1 
ATOM   499  C CD1 . TYR A 1 69  ? -9.295  1.318   8.434   1.00 26.98 ? 67  TYR A CD1 1 
ATOM   500  C CD2 . TYR A 1 69  ? -11.585 0.818   7.954   1.00 30.81 ? 67  TYR A CD2 1 
ATOM   501  C CE1 . TYR A 1 69  ? -9.687  2.442   9.140   1.00 32.96 ? 67  TYR A CE1 1 
ATOM   502  C CE2 . TYR A 1 69  ? -11.995 1.936   8.658   1.00 31.96 ? 67  TYR A CE2 1 
ATOM   503  C CZ  . TYR A 1 69  ? -11.039 2.749   9.245   1.00 34.78 ? 67  TYR A CZ  1 
ATOM   504  O OH  . TYR A 1 69  ? -11.420 3.879   9.918   1.00 37.49 ? 67  TYR A OH  1 
ATOM   505  N N   . MET A 1 70  ? -7.448  -1.427  4.935   1.00 15.51 ? 68  MET A N   1 
ATOM   506  C CA  . MET A 1 70  ? -6.717  -2.515  4.337   1.00 15.00 ? 68  MET A CA  1 
ATOM   507  C C   . MET A 1 70  ? -6.984  -3.826  5.113   1.00 17.20 ? 68  MET A C   1 
ATOM   508  O O   . MET A 1 70  ? -7.094  -4.886  4.505   1.00 16.98 ? 68  MET A O   1 
ATOM   509  C CB  . MET A 1 70  ? -5.226  -2.174  4.314   1.00 17.74 ? 68  MET A CB  1 
ATOM   510  C CG  . MET A 1 70  ? -4.871  -0.960  3.431   1.00 17.15 ? 68  MET A CG  1 
ATOM   511  S SD  . MET A 1 70  ? -5.133  0.665   4.235   1.00 22.23 ? 68  MET A SD  1 
ATOM   512  C CE  . MET A 1 70  ? -3.625  0.982   5.108   1.00 16.19 ? 68  MET A CE  1 
ATOM   513  N N   . THR A 1 71  ? -7.137  -3.764  6.440   1.00 16.84 ? 69  THR A N   1 
ATOM   514  C CA  . THR A 1 71  ? -7.361  -5.000  7.196   1.00 17.99 ? 69  THR A CA  1 
ATOM   515  C C   . THR A 1 71  ? -8.640  -5.720  6.746   1.00 20.67 ? 69  THR A C   1 
ATOM   516  O O   . THR A 1 71  ? -8.666  -6.958  6.606   1.00 20.78 ? 69  THR A O   1 
ATOM   517  C CB  . THR A 1 71  ? -7.392  -4.743  8.729   1.00 18.49 ? 69  THR A CB  1 
ATOM   518  O OG1 . THR A 1 71  ? -8.259  -3.640  9.036   1.00 18.95 ? 69  THR A OG1 1 
ATOM   519  C CG2 . THR A 1 71  ? -5.988  -4.428  9.224   1.00 16.33 ? 69  THR A CG2 1 
ATOM   520  N N   . ASN A 1 72  ? -9.678  -4.929  6.494   1.00 19.84 ? 70  ASN A N   1 
ATOM   521  C CA  . ASN A 1 72  ? -10.953 -5.419  6.017   1.00 17.16 ? 70  ASN A CA  1 
ATOM   522  C C   . ASN A 1 72  ? -10.729 -6.119  4.684   1.00 18.60 ? 70  ASN A C   1 
ATOM   523  O O   . ASN A 1 72  ? -11.280 -7.185  4.425   1.00 19.39 ? 70  ASN A O   1 
ATOM   524  C CB  . ASN A 1 72  ? -11.903 -4.241  5.830   1.00 19.35 ? 70  ASN A CB  1 
ATOM   525  C CG  . ASN A 1 72  ? -12.448 -3.704  7.161   1.00 22.65 ? 70  ASN A CG  1 
ATOM   526  O OD1 . ASN A 1 72  ? -12.870 -2.564  7.249   1.00 31.11 ? 70  ASN A OD1 1 
ATOM   527  N ND2 . ASN A 1 72  ? -12.434 -4.528  8.186   1.00 20.14 ? 70  ASN A ND2 1 
ATOM   528  N N   . ALA A 1 73  ? -9.907  -5.521  3.836   1.00 16.17 ? 71  ALA A N   1 
ATOM   529  C CA  . ALA A 1 73  ? -9.628  -6.117  2.541   1.00 16.37 ? 71  ALA A CA  1 
ATOM   530  C C   . ALA A 1 73  ? -8.876  -7.438  2.728   1.00 16.53 ? 71  ALA A C   1 
ATOM   531  O O   . ALA A 1 73  ? -9.165  -8.422  2.045   1.00 18.00 ? 71  ALA A O   1 
ATOM   532  C CB  . ALA A 1 73  ? -8.813  -5.151  1.686   1.00 15.21 ? 71  ALA A CB  1 
ATOM   533  N N   . PHE A 1 74  ? -7.917  -7.482  3.649   1.00 18.62 ? 72  PHE A N   1 
ATOM   534  C CA  . PHE A 1 74  ? -7.180  -8.728  3.850   1.00 19.98 ? 72  PHE A CA  1 
ATOM   535  C C   . PHE A 1 74  ? -8.155  -9.781  4.420   1.00 22.59 ? 72  PHE A C   1 
ATOM   536  O O   . PHE A 1 74  ? -8.141  -10.941 4.020   1.00 23.71 ? 72  PHE A O   1 
ATOM   537  C CB  . PHE A 1 74  ? -5.988  -8.520  4.806   1.00 19.56 ? 72  PHE A CB  1 
ATOM   538  C CG  . PHE A 1 74  ? -4.908  -7.594  4.271   1.00 18.35 ? 72  PHE A CG  1 
ATOM   539  C CD1 . PHE A 1 74  ? -4.515  -7.642  2.925   1.00 19.51 ? 72  PHE A CD1 1 
ATOM   540  C CD2 . PHE A 1 74  ? -4.274  -6.682  5.115   1.00 17.15 ? 72  PHE A CD2 1 
ATOM   541  C CE1 . PHE A 1 74  ? -3.514  -6.798  2.440   1.00 16.55 ? 72  PHE A CE1 1 
ATOM   542  C CE2 . PHE A 1 74  ? -3.261  -5.826  4.628   1.00 17.10 ? 72  PHE A CE2 1 
ATOM   543  C CZ  . PHE A 1 74  ? -2.887  -5.881  3.310   1.00 16.06 ? 72  PHE A CZ  1 
ATOM   544  N N   . GLN A 1 75  ? -9.013  -9.381  5.348   1.00 24.92 ? 73  GLN A N   1 
ATOM   545  C CA  . GLN A 1 75  ? -9.955  -10.332 5.918   1.00 28.16 ? 73  GLN A CA  1 
ATOM   546  C C   . GLN A 1 75  ? -10.829 -10.923 4.813   1.00 28.37 ? 73  GLN A C   1 
ATOM   547  O O   . GLN A 1 75  ? -11.081 -12.131 4.776   1.00 25.75 ? 73  GLN A O   1 
ATOM   548  C CB  . GLN A 1 75  ? -10.850 -9.648  6.940   1.00 33.63 ? 73  GLN A CB  1 
ATOM   549  C CG  . GLN A 1 75  ? -10.354 -9.760  8.354   1.00 46.00 ? 73  GLN A CG  1 
ATOM   550  C CD  . GLN A 1 75  ? -11.213 -8.962  9.317   1.00 54.20 ? 73  GLN A CD  1 
ATOM   551  O OE1 . GLN A 1 75  ? -12.305 -9.399  9.691   1.00 58.86 ? 73  GLN A OE1 1 
ATOM   552  N NE2 . GLN A 1 75  ? -10.730 -7.780  9.720   1.00 55.72 ? 73  GLN A NE2 1 
ATOM   553  N N   . TYR A 1 76  ? -11.299 -10.053 3.920   1.00 26.40 ? 74  TYR A N   1 
ATOM   554  C CA  . TYR A 1 76  ? -12.137 -10.489 2.822   1.00 22.61 ? 74  TYR A CA  1 
ATOM   555  C C   . TYR A 1 76  ? -11.450 -11.528 1.926   1.00 22.59 ? 74  TYR A C   1 
ATOM   556  O O   . TYR A 1 76  ? -12.044 -12.561 1.610   1.00 23.78 ? 74  TYR A O   1 
ATOM   557  C CB  . TYR A 1 76  ? -12.568 -9.291  1.988   1.00 23.30 ? 74  TYR A CB  1 
ATOM   558  C CG  . TYR A 1 76  ? -13.322 -9.706  0.755   1.00 24.46 ? 74  TYR A CG  1 
ATOM   559  C CD1 . TYR A 1 76  ? -14.670 -10.051 0.827   1.00 23.72 ? 74  TYR A CD1 1 
ATOM   560  C CD2 . TYR A 1 76  ? -12.668 -9.867  -0.456  1.00 25.02 ? 74  TYR A CD2 1 
ATOM   561  C CE1 . TYR A 1 76  ? -15.348 -10.563 -0.277  1.00 25.83 ? 74  TYR A CE1 1 
ATOM   562  C CE2 . TYR A 1 76  ? -13.335 -10.376 -1.562  1.00 30.24 ? 74  TYR A CE2 1 
ATOM   563  C CZ  . TYR A 1 76  ? -14.674 -10.727 -1.460  1.00 28.13 ? 74  TYR A CZ  1 
ATOM   564  O OH  . TYR A 1 76  ? -15.316 -11.274 -2.551  1.00 35.82 ? 74  TYR A OH  1 
ATOM   565  N N   . VAL A 1 77  ? -10.212 -11.266 1.511   1.00 20.13 ? 75  VAL A N   1 
ATOM   566  C CA  . VAL A 1 77  ? -9.505  -12.200 0.645   1.00 19.94 ? 75  VAL A CA  1 
ATOM   567  C C   . VAL A 1 77  ? -9.327  -13.543 1.361   1.00 26.60 ? 75  VAL A C   1 
ATOM   568  O O   . VAL A 1 77  ? -9.399  -14.605 0.739   1.00 24.00 ? 75  VAL A O   1 
ATOM   569  C CB  . VAL A 1 77  ? -8.142  -11.631 0.211   1.00 20.17 ? 75  VAL A CB  1 
ATOM   570  C CG1 . VAL A 1 77  ? -7.387  -12.625 -0.688  1.00 17.24 ? 75  VAL A CG1 1 
ATOM   571  C CG2 . VAL A 1 77  ? -8.362  -10.352 -0.560  1.00 16.78 ? 75  VAL A CG2 1 
ATOM   572  N N   . GLN A 1 78  ? -9.113  -13.502 2.670   1.00 27.50 ? 76  GLN A N   1 
ATOM   573  C CA  . GLN A 1 78  ? -8.953  -14.739 3.419   1.00 31.79 ? 76  GLN A CA  1 
ATOM   574  C C   . GLN A 1 78  ? -10.270 -15.512 3.481   1.00 30.50 ? 76  GLN A C   1 
ATOM   575  O O   . GLN A 1 78  ? -10.311 -16.691 3.173   1.00 30.08 ? 76  GLN A O   1 
ATOM   576  C CB  . GLN A 1 78  ? -8.495  -14.473 4.850   1.00 34.04 ? 76  GLN A CB  1 
ATOM   577  C CG  . GLN A 1 78  ? -8.701  -15.684 5.749   1.00 37.39 ? 76  GLN A CG  1 
ATOM   578  C CD  . GLN A 1 78  ? -8.165  -15.471 7.141   1.00 42.04 ? 76  GLN A CD  1 
ATOM   579  O OE1 . GLN A 1 78  ? -7.467  -16.334 7.686   1.00 47.20 ? 76  GLN A OE1 1 
ATOM   580  N NE2 . GLN A 1 78  ? -8.477  -14.316 7.731   1.00 41.80 ? 76  GLN A NE2 1 
ATOM   581  N N   . LYS A 1 79  ? -11.338 -14.843 3.894   1.00 28.46 ? 77  LYS A N   1 
ATOM   582  C CA  . LYS A 1 79  ? -12.638 -15.494 3.983   1.00 28.08 ? 77  LYS A CA  1 
ATOM   583  C C   . LYS A 1 79  ? -13.156 -15.956 2.612   1.00 28.77 ? 77  LYS A C   1 
ATOM   584  O O   . LYS A 1 79  ? -13.787 -17.003 2.491   1.00 32.36 ? 77  LYS A O   1 
ATOM   585  C CB  . LYS A 1 79  ? -13.656 -14.548 4.626   1.00 20.57 ? 77  LYS A CB  1 
ATOM   586  N N   . ASN A 1 80  ? -12.884 -15.172 1.582   1.00 29.50 ? 78  ASN A N   1 
ATOM   587  C CA  . ASN A 1 80  ? -13.346 -15.475 0.234   1.00 31.29 ? 78  ASN A CA  1 
ATOM   588  C C   . ASN A 1 80  ? -12.444 -16.458 -0.526  1.00 31.93 ? 78  ASN A C   1 
ATOM   589  O O   . ASN A 1 80  ? -12.702 -16.814 -1.675  1.00 29.89 ? 78  ASN A O   1 
ATOM   590  C CB  . ASN A 1 80  ? -13.464 -14.164 -0.526  1.00 34.46 ? 78  ASN A CB  1 
ATOM   591  C CG  . ASN A 1 80  ? -13.838 -14.355 -1.961  1.00 36.89 ? 78  ASN A CG  1 
ATOM   592  O OD1 . ASN A 1 80  ? -13.013 -14.155 -2.862  1.00 39.82 ? 78  ASN A OD1 1 
ATOM   593  N ND2 . ASN A 1 80  ? -15.091 -14.738 -2.200  1.00 36.31 ? 78  ASN A ND2 1 
ATOM   594  N N   . ARG A 1 81  ? -11.375 -16.881 0.134   1.00 36.49 ? 79  ARG A N   1 
ATOM   595  C CA  . ARG A 1 81  ? -10.433 -17.826 -0.439  1.00 39.76 ? 79  ARG A CA  1 
ATOM   596  C C   . ARG A 1 81  ? -9.819  -17.402 -1.775  1.00 38.44 ? 79  ARG A C   1 
ATOM   597  O O   . ARG A 1 81  ? -9.690  -18.211 -2.706  1.00 37.90 ? 79  ARG A O   1 
ATOM   598  C CB  . ARG A 1 81  ? -11.113 -19.182 -0.553  1.00 47.56 ? 79  ARG A CB  1 
ATOM   599  C CG  . ARG A 1 81  ? -11.855 -19.545 0.727   1.00 58.89 ? 79  ARG A CG  1 
ATOM   600  C CD  . ARG A 1 81  ? -12.835 -20.675 0.506   1.00 71.56 ? 79  ARG A CD  1 
ATOM   601  N NE  . ARG A 1 81  ? -12.210 -21.981 0.719   1.00 81.41 ? 79  ARG A NE  1 
ATOM   602  C CZ  . ARG A 1 81  ? -12.753 -23.143 0.357   1.00 86.91 ? 79  ARG A CZ  1 
ATOM   603  N NH1 . ARG A 1 81  ? -13.945 -23.172 -0.241  1.00 89.13 ? 79  ARG A NH1 1 
ATOM   604  N NH2 . ARG A 1 81  ? -12.104 -24.283 0.588   1.00 89.04 ? 79  ARG A NH2 1 
ATOM   605  N N   . GLY A 1 82  ? -9.437  -16.128 -1.863  1.00 33.89 ? 80  GLY A N   1 
ATOM   606  C CA  . GLY A 1 82  ? -8.811  -15.662 -3.080  1.00 27.55 ? 80  GLY A CA  1 
ATOM   607  C C   . GLY A 1 82  ? -9.174  -14.284 -3.578  1.00 25.00 ? 80  GLY A C   1 
ATOM   608  O O   . GLY A 1 82  ? -10.154 -13.674 -3.147  1.00 19.71 ? 80  GLY A O   1 
ATOM   609  N N   . ILE A 1 83  ? -8.338  -13.790 -4.486  1.00 22.74 ? 81  ILE A N   1 
ATOM   610  C CA  . ILE A 1 83  ? -8.533  -12.504 -5.113  1.00 19.78 ? 81  ILE A CA  1 
ATOM   611  C C   . ILE A 1 83  ? -8.135  -12.733 -6.552  1.00 19.09 ? 81  ILE A C   1 
ATOM   612  O O   . ILE A 1 83  ? -7.208  -13.489 -6.813  1.00 18.27 ? 81  ILE A O   1 
ATOM   613  C CB  . ILE A 1 83  ? -7.642  -11.408 -4.465  1.00 21.65 ? 81  ILE A CB  1 
ATOM   614  C CG1 . ILE A 1 83  ? -7.835  -10.064 -5.202  1.00 20.14 ? 81  ILE A CG1 1 
ATOM   615  C CG2 . ILE A 1 83  ? -6.195  -11.855 -4.438  1.00 16.27 ? 81  ILE A CG2 1 
ATOM   616  C CD1 . ILE A 1 83  ? -7.107  -8.874  -4.518  1.00 16.50 ? 81  ILE A CD1 1 
ATOM   617  N N   . ASP A 1 84  ? -8.848  -12.108 -7.484  1.00 16.87 ? 82  ASP A N   1 
ATOM   618  C CA  . ASP A 1 84  ? -8.554  -12.275 -8.898  1.00 17.29 ? 82  ASP A CA  1 
ATOM   619  C C   . ASP A 1 84  ? -7.410  -11.376 -9.340  1.00 18.11 ? 82  ASP A C   1 
ATOM   620  O O   . ASP A 1 84  ? -6.963  -10.494 -8.604  1.00 15.99 ? 82  ASP A O   1 
ATOM   621  C CB  . ASP A 1 84  ? -9.787  -11.952 -9.776  1.00 19.93 ? 82  ASP A CB  1 
ATOM   622  C CG  . ASP A 1 84  ? -10.995 -12.853 -9.490  1.00 23.41 ? 82  ASP A CG  1 
ATOM   623  O OD1 . ASP A 1 84  ? -10.900 -13.837 -8.725  1.00 25.36 ? 82  ASP A OD1 1 
ATOM   624  O OD2 . ASP A 1 84  ? -12.065 -12.563 -10.052 1.00 28.96 ? 82  ASP A OD2 1 
ATOM   625  N N   . SER A 1 85  ? -6.947  -11.613 -10.560 1.00 16.84 ? 83  SER A N   1 
ATOM   626  C CA  . SER A 1 85  ? -5.881  -10.823 -11.155 1.00 18.86 ? 83  SER A CA  1 
ATOM   627  C C   . SER A 1 85  ? -6.533  -9.593  -11.804 1.00 19.43 ? 83  SER A C   1 
ATOM   628  O O   . SER A 1 85  ? -7.745  -9.561  -12.026 1.00 18.30 ? 83  SER A O   1 
ATOM   629  C CB  . SER A 1 85  ? -5.192  -11.647 -12.244 1.00 16.72 ? 83  SER A CB  1 
ATOM   630  O OG  . SER A 1 85  ? -6.132  -11.885 -13.296 1.00 20.64 ? 83  SER A OG  1 
ATOM   631  N N   . GLU A 1 86  ? -5.724  -8.597  -12.134 1.00 21.01 ? 84  GLU A N   1 
ATOM   632  C CA  . GLU A 1 86  ? -6.242  -7.406  -12.791 1.00 22.82 ? 84  GLU A CA  1 
ATOM   633  C C   . GLU A 1 86  ? -6.835  -7.829  -14.136 1.00 23.86 ? 84  GLU A C   1 
ATOM   634  O O   . GLU A 1 86  ? -7.844  -7.288  -14.573 1.00 24.06 ? 84  GLU A O   1 
ATOM   635  C CB  . GLU A 1 86  ? -5.115  -6.406  -13.030 1.00 22.47 ? 84  GLU A CB  1 
ATOM   636  C CG  . GLU A 1 86  ? -5.481  -5.240  -13.938 1.00 20.65 ? 84  GLU A CG  1 
ATOM   637  C CD  . GLU A 1 86  ? -6.494  -4.304  -13.297 1.00 24.70 ? 84  GLU A CD  1 
ATOM   638  O OE1 . GLU A 1 86  ? -6.583  -4.287  -12.052 1.00 20.60 ? 84  GLU A OE1 1 
ATOM   639  O OE2 . GLU A 1 86  ? -7.205  -3.590  -14.042 1.00 26.63 ? 84  GLU A OE2 1 
ATOM   640  N N   . ASP A 1 87  ? -6.184  -8.791  -14.786 1.00 24.21 ? 85  ASP A N   1 
ATOM   641  C CA  . ASP A 1 87  ? -6.630  -9.294  -16.080 1.00 26.66 ? 85  ASP A CA  1 
ATOM   642  C C   . ASP A 1 87  ? -8.026  -9.921  -16.058 1.00 23.17 ? 85  ASP A C   1 
ATOM   643  O O   . ASP A 1 87  ? -8.804  -9.701  -16.975 1.00 24.30 ? 85  ASP A O   1 
ATOM   644  C CB  . ASP A 1 87  ? -5.610  -10.290 -16.626 1.00 30.58 ? 85  ASP A CB  1 
ATOM   645  C CG  . ASP A 1 87  ? -4.345  -9.596  -17.129 1.00 37.72 ? 85  ASP A CG  1 
ATOM   646  O OD1 . ASP A 1 87  ? -4.418  -8.380  -17.428 1.00 39.32 ? 85  ASP A OD1 1 
ATOM   647  O OD2 . ASP A 1 87  ? -3.280  -10.251 -17.222 1.00 40.57 ? 85  ASP A OD2 1 
ATOM   648  N N   . ALA A 1 88  ? -8.346  -10.669 -15.006 1.00 20.95 ? 86  ALA A N   1 
ATOM   649  C CA  . ALA A 1 88  ? -9.645  -11.307 -14.870 1.00 20.17 ? 86  ALA A CA  1 
ATOM   650  C C   . ALA A 1 88  ? -10.723 -10.351 -14.351 1.00 22.96 ? 86  ALA A C   1 
ATOM   651  O O   . ALA A 1 88  ? -11.915 -10.544 -14.625 1.00 25.51 ? 86  ALA A O   1 
ATOM   652  C CB  . ALA A 1 88  ? -9.546  -12.518 -13.921 1.00 16.99 ? 86  ALA A CB  1 
ATOM   653  N N   . TYR A 1 89  ? -10.312 -9.324  -13.605 1.00 20.37 ? 87  TYR A N   1 
ATOM   654  C CA  . TYR A 1 89  ? -11.254 -8.369  -13.003 1.00 17.40 ? 87  TYR A CA  1 
ATOM   655  C C   . TYR A 1 89  ? -10.627 -6.968  -13.080 1.00 20.59 ? 87  TYR A C   1 
ATOM   656  O O   . TYR A 1 89  ? -10.207 -6.395  -12.061 1.00 20.07 ? 87  TYR A O   1 
ATOM   657  C CB  . TYR A 1 89  ? -11.464 -8.796  -11.557 1.00 18.04 ? 87  TYR A CB  1 
ATOM   658  C CG  . TYR A 1 89  ? -12.756 -8.406  -10.905 1.00 17.78 ? 87  TYR A CG  1 
ATOM   659  C CD1 . TYR A 1 89  ? -13.383 -7.188  -11.192 1.00 19.63 ? 87  TYR A CD1 1 
ATOM   660  C CD2 . TYR A 1 89  ? -13.328 -9.238  -9.951  1.00 14.76 ? 87  TYR A CD2 1 
ATOM   661  C CE1 . TYR A 1 89  ? -14.559 -6.821  -10.530 1.00 21.39 ? 87  TYR A CE1 1 
ATOM   662  C CE2 . TYR A 1 89  ? -14.485 -8.887  -9.291  1.00 16.31 ? 87  TYR A CE2 1 
ATOM   663  C CZ  . TYR A 1 89  ? -15.102 -7.677  -9.575  1.00 19.93 ? 87  TYR A CZ  1 
ATOM   664  O OH  . TYR A 1 89  ? -16.245 -7.326  -8.871  1.00 22.16 ? 87  TYR A OH  1 
ATOM   665  N N   . PRO A 1 90  ? -10.638 -6.364  -14.284 1.00 21.70 ? 88  PRO A N   1 
ATOM   666  C CA  . PRO A 1 90  ? -10.057 -5.043  -14.550 1.00 20.33 ? 88  PRO A CA  1 
ATOM   667  C C   . PRO A 1 90  ? -10.658 -3.885  -13.799 1.00 21.04 ? 88  PRO A C   1 
ATOM   668  O O   . PRO A 1 90  ? -11.839 -3.864  -13.460 1.00 24.82 ? 88  PRO A O   1 
ATOM   669  C CB  . PRO A 1 90  ? -10.156 -4.898  -16.072 1.00 17.92 ? 88  PRO A CB  1 
ATOM   670  C CG  . PRO A 1 90  ? -11.346 -5.756  -16.432 1.00 19.19 ? 88  PRO A CG  1 
ATOM   671  C CD  . PRO A 1 90  ? -11.345 -6.904  -15.465 1.00 21.40 ? 88  PRO A CD  1 
ATOM   672  N N   . TYR A 1 91  ? -9.807  -2.920  -13.514 1.00 21.38 ? 89  TYR A N   1 
ATOM   673  C CA  . TYR A 1 91  ? -10.210 -1.746  -12.766 1.00 23.10 ? 89  TYR A CA  1 
ATOM   674  C C   . TYR A 1 91  ? -11.071 -0.819  -13.623 1.00 21.99 ? 89  TYR A C   1 
ATOM   675  O O   . TYR A 1 91  ? -10.715 -0.533  -14.751 1.00 21.03 ? 89  TYR A O   1 
ATOM   676  C CB  . TYR A 1 91  ? -8.957  -1.007  -12.295 1.00 20.03 ? 89  TYR A CB  1 
ATOM   677  C CG  . TYR A 1 91  ? -9.277  0.129   -11.365 1.00 20.70 ? 89  TYR A CG  1 
ATOM   678  C CD1 . TYR A 1 91  ? -9.719  -0.119  -10.068 1.00 15.01 ? 89  TYR A CD1 1 
ATOM   679  C CD2 . TYR A 1 91  ? -9.117  1.453   -11.774 1.00 16.16 ? 89  TYR A CD2 1 
ATOM   680  C CE1 . TYR A 1 91  ? -9.988  0.926   -9.191  1.00 17.56 ? 89  TYR A CE1 1 
ATOM   681  C CE2 . TYR A 1 91  ? -9.385  2.509   -10.914 1.00 14.31 ? 89  TYR A CE2 1 
ATOM   682  C CZ  . TYR A 1 91  ? -9.814  2.244   -9.621  1.00 17.02 ? 89  TYR A CZ  1 
ATOM   683  O OH  . TYR A 1 91  ? -10.028 3.280   -8.740  1.00 14.98 ? 89  TYR A OH  1 
ATOM   684  N N   . VAL A 1 92  ? -12.204 -0.363  -13.099 1.00 24.08 ? 90  VAL A N   1 
ATOM   685  C CA  . VAL A 1 92  ? -13.053 0.537   -13.876 1.00 27.45 ? 90  VAL A CA  1 
ATOM   686  C C   . VAL A 1 92  ? -13.221 1.880   -13.171 1.00 27.42 ? 90  VAL A C   1 
ATOM   687  O O   . VAL A 1 92  ? -13.742 2.836   -13.740 1.00 27.91 ? 90  VAL A O   1 
ATOM   688  C CB  . VAL A 1 92  ? -14.429 -0.102  -14.163 1.00 27.08 ? 90  VAL A CB  1 
ATOM   689  C CG1 . VAL A 1 92  ? -14.257 -1.247  -15.176 1.00 29.31 ? 90  VAL A CG1 1 
ATOM   690  C CG2 . VAL A 1 92  ? -15.035 -0.637  -12.890 1.00 25.91 ? 90  VAL A CG2 1 
ATOM   691  N N   . GLY A 1 93  ? -12.787 1.943   -11.918 1.00 26.56 ? 91  GLY A N   1 
ATOM   692  C CA  . GLY A 1 93  ? -12.852 3.199   -11.192 1.00 25.76 ? 91  GLY A CA  1 
ATOM   693  C C   . GLY A 1 93  ? -14.210 3.707   -10.757 1.00 26.05 ? 91  GLY A C   1 
ATOM   694  O O   . GLY A 1 93  ? -14.430 4.912   -10.722 1.00 25.84 ? 91  GLY A O   1 
ATOM   695  N N   . GLN A 1 94  ? -15.109 2.789   -10.424 1.00 25.50 ? 92  GLN A N   1 
ATOM   696  C CA  . GLN A 1 94  ? -16.436 3.102   -9.925  1.00 26.66 ? 92  GLN A CA  1 
ATOM   697  C C   . GLN A 1 94  ? -16.906 1.773   -9.390  1.00 27.51 ? 92  GLN A C   1 
ATOM   698  O O   . GLN A 1 94  ? -16.485 0.718   -9.889  1.00 27.00 ? 92  GLN A O   1 
ATOM   699  C CB  . GLN A 1 94  ? -17.372 3.575   -11.036 1.00 33.06 ? 92  GLN A CB  1 
ATOM   700  C CG  . GLN A 1 94  ? -17.209 2.831   -12.325 1.00 40.35 ? 92  GLN A CG  1 
ATOM   701  C CD  . GLN A 1 94  ? -18.283 3.185   -13.332 1.00 47.23 ? 92  GLN A CD  1 
ATOM   702  O OE1 . GLN A 1 94  ? -19.315 2.507   -13.422 1.00 48.27 ? 92  GLN A OE1 1 
ATOM   703  N NE2 . GLN A 1 94  ? -18.046 4.250   -14.105 1.00 48.58 ? 92  GLN A NE2 1 
ATOM   704  N N   . GLU A 1 95  ? -17.764 1.827   -8.380  1.00 25.17 ? 93  GLU A N   1 
ATOM   705  C CA  . GLU A 1 95  ? -18.286 0.634   -7.736  1.00 29.14 ? 93  GLU A CA  1 
ATOM   706  C C   . GLU A 1 95  ? -19.345 -0.020  -8.577  1.00 29.46 ? 93  GLU A C   1 
ATOM   707  O O   . GLU A 1 95  ? -20.193 0.649   -9.167  1.00 32.29 ? 93  GLU A O   1 
ATOM   708  C CB  . GLU A 1 95  ? -18.855 0.980   -6.362  1.00 30.22 ? 93  GLU A CB  1 
ATOM   709  C CG  . GLU A 1 95  ? -18.254 2.246   -5.810  1.00 36.32 ? 93  GLU A CG  1 
ATOM   710  C CD  . GLU A 1 95  ? -18.762 2.605   -4.449  1.00 40.46 ? 93  GLU A CD  1 
ATOM   711  O OE1 . GLU A 1 95  ? -19.599 1.847   -3.908  1.00 43.06 ? 93  GLU A OE1 1 
ATOM   712  O OE2 . GLU A 1 95  ? -18.312 3.650   -3.926  1.00 38.73 ? 93  GLU A OE2 1 
ATOM   713  N N   . GLU A 1 96  ? -19.273 -1.341  -8.639  1.00 28.80 ? 94  GLU A N   1 
ATOM   714  C CA  . GLU A 1 96  ? -20.213 -2.120  -9.394  1.00 26.94 ? 94  GLU A CA  1 
ATOM   715  C C   . GLU A 1 96  ? -20.545 -3.314  -8.569  1.00 29.14 ? 94  GLU A C   1 
ATOM   716  O O   . GLU A 1 96  ? -20.090 -3.446  -7.435  1.00 28.88 ? 94  GLU A O   1 
ATOM   717  C CB  . GLU A 1 96  ? -19.603 -2.564  -10.714 1.00 25.89 ? 94  GLU A CB  1 
ATOM   718  C CG  . GLU A 1 96  ? -19.090 -1.402  -11.520 1.00 28.60 ? 94  GLU A CG  1 
ATOM   719  C CD  . GLU A 1 96  ? -18.856 -1.765  -12.956 1.00 31.59 ? 94  GLU A CD  1 
ATOM   720  O OE1 . GLU A 1 96  ? -18.361 -2.880  -13.216 1.00 36.70 ? 94  GLU A OE1 1 
ATOM   721  O OE2 . GLU A 1 96  ? -19.172 -0.938  -13.833 1.00 34.93 ? 94  GLU A OE2 1 
ATOM   722  N N   . SER A 1 97  ? -21.355 -4.189  -9.148  1.00 33.35 ? 95  SER A N   1 
ATOM   723  C CA  . SER A 1 97  ? -21.748 -5.406  -8.485  1.00 34.21 ? 95  SER A CA  1 
ATOM   724  C C   . SER A 1 97  ? -20.523 -6.285  -8.363  1.00 32.63 ? 95  SER A C   1 
ATOM   725  O O   . SER A 1 97  ? -19.637 -6.261  -9.215  1.00 33.98 ? 95  SER A O   1 
ATOM   726  C CB  . SER A 1 97  ? -22.822 -6.117  -9.307  1.00 37.78 ? 95  SER A CB  1 
ATOM   727  O OG  . SER A 1 97  ? -24.099 -5.600  -8.967  1.00 46.17 ? 95  SER A OG  1 
ATOM   728  N N   . CYS A 1 98  ? -20.482 -7.058  -7.290  1.00 32.78 ? 96  CYS A N   1 
ATOM   729  C CA  . CYS A 1 98  ? -19.396 -7.973  -7.026  1.00 30.89 ? 96  CYS A CA  1 
ATOM   730  C C   . CYS A 1 98  ? -19.516 -9.112  -8.036  1.00 31.41 ? 96  CYS A C   1 
ATOM   731  O O   . CYS A 1 98  ? -20.400 -9.938  -7.903  1.00 35.54 ? 96  CYS A O   1 
ATOM   732  C CB  . CYS A 1 98  ? -19.551 -8.497  -5.607  1.00 28.08 ? 96  CYS A CB  1 
ATOM   733  S SG  . CYS A 1 98  ? -18.389 -9.772  -5.159  1.00 28.42 ? 96  CYS A SG  1 
ATOM   734  N N   . MET A 1 99  ? -18.658 -9.158  -9.050  1.00 28.92 ? 97  MET A N   1 
ATOM   735  C CA  . MET A 1 99  ? -18.757 -10.227 -10.037 1.00 28.66 ? 97  MET A CA  1 
ATOM   736  C C   . MET A 1 99  ? -17.943 -11.463 -9.655  1.00 30.15 ? 97  MET A C   1 
ATOM   737  O O   . MET A 1 99  ? -16.917 -11.368 -8.997  1.00 32.33 ? 97  MET A O   1 
ATOM   738  C CB  . MET A 1 99  ? -18.365 -9.708  -11.440 1.00 28.40 ? 97  MET A CB  1 
ATOM   739  C CG  A MET A 1 99  ? -19.417 -8.786  -12.069 0.33 28.66 ? 97  MET A CG  1 
ATOM   740  C CG  B MET A 1 99  ? -17.855 -10.788 -12.421 0.34 26.20 ? 97  MET A CG  1 
ATOM   741  C CG  C MET A 1 99  ? -16.871 -9.589  -11.683 0.33 28.82 ? 97  MET A CG  1 
ATOM   742  S SD  A MET A 1 99  ? -18.693 -7.405  -12.993 0.33 32.57 ? 97  MET A SD  1 
ATOM   743  S SD  B MET A 1 99  ? -19.091 -11.957 -13.117 0.34 23.94 ? 97  MET A SD  1 
ATOM   744  S SD  C MET A 1 99  ? -16.448 -8.783  -13.261 0.33 33.90 ? 97  MET A SD  1 
ATOM   745  C CE  A MET A 1 99  ? -18.968 -6.056  -11.883 0.33 24.55 ? 97  MET A CE  1 
ATOM   746  C CE  B MET A 1 99  ? -20.596 -11.504 -12.224 0.34 18.29 ? 97  MET A CE  1 
ATOM   747  C CE  C MET A 1 99  ? -15.350 -9.958  -13.944 0.33 26.88 ? 97  MET A CE  1 
ATOM   748  N N   . TYR A 1 100 ? -18.420 -12.635 -10.044 1.00 29.31 ? 98  TYR A N   1 
ATOM   749  C CA  . TYR A 1 100 ? -17.718 -13.875 -9.739  1.00 29.10 ? 98  TYR A CA  1 
ATOM   750  C C   . TYR A 1 100 ? -17.131 -14.426 -11.043 1.00 29.29 ? 98  TYR A C   1 
ATOM   751  O O   . TYR A 1 100 ? -17.855 -14.624 -12.026 1.00 30.83 ? 98  TYR A O   1 
ATOM   752  C CB  . TYR A 1 100 ? -18.688 -14.883 -9.110  1.00 27.87 ? 98  TYR A CB  1 
ATOM   753  C CG  . TYR A 1 100 ? -18.103 -16.250 -8.917  1.00 29.45 ? 98  TYR A CG  1 
ATOM   754  C CD1 . TYR A 1 100 ? -17.058 -16.455 -8.028  1.00 33.63 ? 98  TYR A CD1 1 
ATOM   755  C CD2 . TYR A 1 100 ? -18.567 -17.337 -9.654  1.00 30.10 ? 98  TYR A CD2 1 
ATOM   756  C CE1 . TYR A 1 100 ? -16.480 -17.707 -7.881  1.00 36.28 ? 98  TYR A CE1 1 
ATOM   757  C CE2 . TYR A 1 100 ? -17.999 -18.601 -9.516  1.00 32.55 ? 98  TYR A CE2 1 
ATOM   758  C CZ  . TYR A 1 100 ? -16.953 -18.778 -8.631  1.00 36.15 ? 98  TYR A CZ  1 
ATOM   759  O OH  . TYR A 1 100 ? -16.348 -20.010 -8.514  1.00 37.92 ? 98  TYR A OH  1 
ATOM   760  N N   . ASN A 1 101 ? -15.816 -14.619 -11.062 1.00 26.99 ? 99  ASN A N   1 
ATOM   761  C CA  . ASN A 1 101 ? -15.131 -15.151 -12.234 1.00 31.04 ? 99  ASN A CA  1 
ATOM   762  C C   . ASN A 1 101 ? -14.677 -16.507 -11.796 1.00 31.83 ? 99  ASN A C   1 
ATOM   763  O O   . ASN A 1 101 ? -13.788 -16.620 -10.967 1.00 31.44 ? 99  ASN A O   1 
ATOM   764  C CB  . ASN A 1 101 ? -13.909 -14.325 -12.604 1.00 31.68 ? 99  ASN A CB  1 
ATOM   765  C CG  . ASN A 1 101 ? -14.270 -12.959 -13.088 1.00 37.03 ? 99  ASN A CG  1 
ATOM   766  O OD1 . ASN A 1 101 ? -14.780 -12.791 -14.201 1.00 40.53 ? 99  ASN A OD1 1 
ATOM   767  N ND2 . ASN A 1 101 ? -14.018 -11.958 -12.251 1.00 35.00 ? 99  ASN A ND2 1 
ATOM   768  N N   . PRO A 1 102 ? -15.293 -17.557 -12.343 1.00 33.99 ? 100 PRO A N   1 
ATOM   769  C CA  . PRO A 1 102 ? -14.954 -18.939 -11.996 1.00 36.61 ? 100 PRO A CA  1 
ATOM   770  C C   . PRO A 1 102 ? -13.476 -19.282 -12.148 1.00 38.63 ? 100 PRO A C   1 
ATOM   771  O O   . PRO A 1 102 ? -12.971 -20.187 -11.499 1.00 41.12 ? 100 PRO A O   1 
ATOM   772  C CB  . PRO A 1 102 ? -15.845 -19.769 -12.923 1.00 34.07 ? 100 PRO A CB  1 
ATOM   773  C CG  . PRO A 1 102 ? -16.989 -18.877 -13.228 1.00 36.66 ? 100 PRO A CG  1 
ATOM   774  C CD  . PRO A 1 102 ? -16.377 -17.497 -13.338 1.00 34.48 ? 100 PRO A CD  1 
ATOM   775  N N   . THR A 1 103 ? -12.768 -18.532 -12.978 1.00 41.47 ? 101 THR A N   1 
ATOM   776  C CA  . THR A 1 103 ? -11.364 -18.821 -13.211 1.00 42.80 ? 101 THR A CA  1 
ATOM   777  C C   . THR A 1 103 ? -10.407 -17.647 -12.940 1.00 43.41 ? 101 THR A C   1 
ATOM   778  O O   . THR A 1 103 ? -9.253  -17.660 -13.374 1.00 42.14 ? 101 THR A O   1 
ATOM   779  C CB  . THR A 1 103 ? -11.207 -19.313 -14.668 1.00 44.31 ? 101 THR A CB  1 
ATOM   780  O OG1 . THR A 1 103 ? -9.981  -20.033 -14.792 1.00 52.41 ? 101 THR A OG1 1 
ATOM   781  C CG2 . THR A 1 103 ? -11.232 -18.146 -15.654 1.00 41.41 ? 101 THR A CG2 1 
ATOM   782  N N   . GLY A 1 104 ? -10.876 -16.650 -12.194 1.00 44.52 ? 102 GLY A N   1 
ATOM   783  C CA  . GLY A 1 104 ? -10.057 -15.485 -11.921 1.00 42.97 ? 102 GLY A CA  1 
ATOM   784  C C   . GLY A 1 104 ? -9.068  -15.543 -10.770 1.00 42.76 ? 102 GLY A C   1 
ATOM   785  O O   . GLY A 1 104 ? -8.139  -14.727 -10.738 1.00 37.37 ? 102 GLY A O   1 
ATOM   786  N N   . LYS A 1 105 ? -9.234  -16.507 -9.856  1.00 43.41 ? 103 LYS A N   1 
ATOM   787  C CA  . LYS A 1 105 ? -8.373  -16.613 -8.674  1.00 40.77 ? 103 LYS A CA  1 
ATOM   788  C C   . LYS A 1 105 ? -6.885  -16.668 -8.941  1.00 37.54 ? 103 LYS A C   1 
ATOM   789  O O   . LYS A 1 105 ? -6.400  -17.564 -9.635  1.00 39.45 ? 103 LYS A O   1 
ATOM   790  C CB  . LYS A 1 105 ? -8.786  -17.797 -7.805  1.00 41.87 ? 103 LYS A CB  1 
ATOM   791  C CG  . LYS A 1 105 ? -9.473  -17.376 -6.508  1.00 45.48 ? 103 LYS A CG  1 
ATOM   792  C CD  . LYS A 1 105 ? -10.494 -16.237 -6.726  1.00 48.98 ? 103 LYS A CD  1 
ATOM   793  C CE  . LYS A 1 105 ? -11.831 -16.738 -7.305  1.00 49.60 ? 103 LYS A CE  1 
ATOM   794  N NZ  . LYS A 1 105 ? -12.194 -16.075 -8.610  1.00 44.98 ? 103 LYS A NZ  1 
ATOM   795  N N   . ALA A 1 106 ? -6.174  -15.710 -8.344  1.00 30.98 ? 104 ALA A N   1 
ATOM   796  C CA  . ALA A 1 106 ? -4.727  -15.563 -8.512  1.00 26.99 ? 104 ALA A CA  1 
ATOM   797  C C   . ALA A 1 106 ? -3.886  -15.596 -7.231  1.00 23.39 ? 104 ALA A C   1 
ATOM   798  O O   . ALA A 1 106 ? -2.710  -15.916 -7.268  1.00 24.19 ? 104 ALA A O   1 
ATOM   799  C CB  . ALA A 1 106 ? -4.452  -14.282 -9.276  1.00 22.29 ? 104 ALA A CB  1 
ATOM   800  N N   . ALA A 1 107 ? -4.462  -15.246 -6.090  1.00 22.86 ? 105 ALA A N   1 
ATOM   801  C CA  . ALA A 1 107 ? -3.684  -15.306 -4.868  1.00 21.60 ? 105 ALA A CA  1 
ATOM   802  C C   . ALA A 1 107 ? -4.616  -15.566 -3.717  1.00 22.05 ? 105 ALA A C   1 
ATOM   803  O O   . ALA A 1 107 ? -5.813  -15.339 -3.818  1.00 22.49 ? 105 ALA A O   1 
ATOM   804  C CB  . ALA A 1 107 ? -2.911  -13.995 -4.653  1.00 20.10 ? 105 ALA A CB  1 
ATOM   805  N N   . LYS A 1 108 ? -4.076  -16.079 -2.627  1.00 24.21 ? 106 LYS A N   1 
ATOM   806  C CA  . LYS A 1 108 ? -4.887  -16.326 -1.447  1.00 25.46 ? 106 LYS A CA  1 
ATOM   807  C C   . LYS A 1 108 ? -4.233  -15.556 -0.316  1.00 23.52 ? 106 LYS A C   1 
ATOM   808  O O   . LYS A 1 108 ? -3.143  -15.016 -0.458  1.00 22.22 ? 106 LYS A O   1 
ATOM   809  C CB  . LYS A 1 108 ? -4.930  -17.820 -1.092  1.00 27.59 ? 106 LYS A CB  1 
ATOM   810  C CG  . LYS A 1 108 ? -5.484  -18.732 -2.185  1.00 33.83 ? 106 LYS A CG  1 
ATOM   811  C CD  . LYS A 1 108 ? -5.732  -20.145 -1.612  1.00 40.26 ? 106 LYS A CD  1 
ATOM   812  C CE  . LYS A 1 108 ? -6.368  -21.104 -2.609  1.00 42.37 ? 106 LYS A CE  1 
ATOM   813  N NZ  . LYS A 1 108 ? -7.328  -22.031 -1.919  1.00 49.07 ? 106 LYS A NZ  1 
ATOM   814  N N   . CYS A 1 109 ? -4.904  -15.507 0.814   1.00 22.67 ? 107 CYS A N   1 
ATOM   815  C CA  . CYS A 1 109 ? -4.373  -14.795 1.949   1.00 24.17 ? 107 CYS A CA  1 
ATOM   816  C C   . CYS A 1 109 ? -4.750  -15.621 3.179   1.00 25.55 ? 107 CYS A C   1 
ATOM   817  O O   . CYS A 1 109 ? -5.896  -16.073 3.304   1.00 23.87 ? 107 CYS A O   1 
ATOM   818  C CB  . CYS A 1 109 ? -5.010  -13.407 1.991   1.00 18.98 ? 107 CYS A CB  1 
ATOM   819  S SG  . CYS A 1 109 ? -4.743  -12.498 3.496   1.00 26.02 ? 107 CYS A SG  1 
ATOM   820  N N   . ARG A 1 110 ? -3.806  -15.808 4.090   1.00 23.54 ? 108 ARG A N   1 
ATOM   821  C CA  . ARG A 1 110 ? -4.102  -16.587 5.277   1.00 29.97 ? 108 ARG A CA  1 
ATOM   822  C C   . ARG A 1 110 ? -4.267  -15.726 6.506   1.00 28.63 ? 108 ARG A C   1 
ATOM   823  O O   . ARG A 1 110 ? -4.239  -16.218 7.622   1.00 31.11 ? 108 ARG A O   1 
ATOM   824  C CB  . ARG A 1 110 ? -3.007  -17.633 5.526   1.00 32.99 ? 108 ARG A CB  1 
ATOM   825  C CG  . ARG A 1 110 ? -3.090  -18.846 4.620   1.00 38.98 ? 108 ARG A CG  1 
ATOM   826  C CD  . ARG A 1 110 ? -1.731  -19.537 4.492   1.00 48.35 ? 108 ARG A CD  1 
ATOM   827  N NE  . ARG A 1 110 ? -1.309  -20.200 5.733   1.00 56.32 ? 108 ARG A NE  1 
ATOM   828  C CZ  . ARG A 1 110 ? -0.116  -20.042 6.310   1.00 60.45 ? 108 ARG A CZ  1 
ATOM   829  N NH1 . ARG A 1 110 ? 0.799   -19.235 5.769   1.00 60.46 ? 108 ARG A NH1 1 
ATOM   830  N NH2 . ARG A 1 110 ? 0.166   -20.688 7.439   1.00 60.43 ? 108 ARG A NH2 1 
ATOM   831  N N   . GLY A 1 111 ? -4.448  -14.435 6.309   1.00 28.97 ? 109 GLY A N   1 
ATOM   832  C CA  . GLY A 1 111 ? -4.592  -13.559 7.455   1.00 26.80 ? 109 GLY A CA  1 
ATOM   833  C C   . GLY A 1 111 ? -3.720  -12.325 7.319   1.00 24.23 ? 109 GLY A C   1 
ATOM   834  O O   . GLY A 1 111 ? -3.249  -12.006 6.233   1.00 24.89 ? 109 GLY A O   1 
ATOM   835  N N   . TYR A 1 112 ? -3.502  -11.627 8.419   1.00 22.84 ? 110 TYR A N   1 
ATOM   836  C CA  . TYR A 1 112 ? -2.680  -10.430 8.385   1.00 23.87 ? 110 TYR A CA  1 
ATOM   837  C C   . TYR A 1 112 ? -2.185  -10.073 9.776   1.00 22.39 ? 110 TYR A C   1 
ATOM   838  O O   . TYR A 1 112 ? -2.686  -10.592 10.777  1.00 19.11 ? 110 TYR A O   1 
ATOM   839  C CB  . TYR A 1 112 ? -3.479  -9.262  7.822   1.00 22.02 ? 110 TYR A CB  1 
ATOM   840  C CG  . TYR A 1 112 ? -4.595  -8.839  8.734   1.00 26.28 ? 110 TYR A CG  1 
ATOM   841  C CD1 . TYR A 1 112 ? -4.383  -7.903  9.731   1.00 27.72 ? 110 TYR A CD1 1 
ATOM   842  C CD2 . TYR A 1 112 ? -5.872  -9.378  8.599   1.00 31.57 ? 110 TYR A CD2 1 
ATOM   843  C CE1 . TYR A 1 112 ? -5.411  -7.505  10.573  1.00 29.44 ? 110 TYR A CE1 1 
ATOM   844  C CE2 . TYR A 1 112 ? -6.910  -8.986  9.436   1.00 32.84 ? 110 TYR A CE2 1 
ATOM   845  C CZ  . TYR A 1 112 ? -6.668  -8.046  10.422  1.00 31.84 ? 110 TYR A CZ  1 
ATOM   846  O OH  . TYR A 1 112 ? -7.685  -7.636  11.251  1.00 35.00 ? 110 TYR A OH  1 
ATOM   847  N N   . ARG A 1 113 ? -1.188  -9.197  9.819   1.00 20.43 ? 111 ARG A N   1 
ATOM   848  C CA  . ARG A 1 113 ? -0.622  -8.728  11.072  1.00 20.37 ? 111 ARG A CA  1 
ATOM   849  C C   . ARG A 1 113 ? -0.587  -7.193  11.045  1.00 21.88 ? 111 ARG A C   1 
ATOM   850  O O   . ARG A 1 113 ? -0.409  -6.596  9.981   1.00 19.24 ? 111 ARG A O   1 
ATOM   851  C CB  . ARG A 1 113 ? 0.791   -9.280  11.249  1.00 23.82 ? 111 ARG A CB  1 
ATOM   852  C CG  . ARG A 1 113 ? 0.850   -10.758 11.568  1.00 28.48 ? 111 ARG A CG  1 
ATOM   853  C CD  . ARG A 1 113 ? 0.473   -10.982 13.014  1.00 35.04 ? 111 ARG A CD  1 
ATOM   854  N NE  . ARG A 1 113 ? 0.598   -12.382 13.377  1.00 44.13 ? 111 ARG A NE  1 
ATOM   855  C CZ  . ARG A 1 113 ? -0.209  -13.336 12.921  1.00 49.15 ? 111 ARG A CZ  1 
ATOM   856  N NH1 . ARG A 1 113 ? -1.198  -13.025 12.086  1.00 48.76 ? 111 ARG A NH1 1 
ATOM   857  N NH2 . ARG A 1 113 ? -0.025  -14.599 13.287  1.00 49.66 ? 111 ARG A NH2 1 
ATOM   858  N N   . GLU A 1 114 ? -0.783  -6.562  12.200  1.00 19.36 ? 112 GLU A N   1 
ATOM   859  C CA  . GLU A 1 114 ? -0.726  -5.112  12.301  1.00 23.35 ? 112 GLU A CA  1 
ATOM   860  C C   . GLU A 1 114 ? 0.569   -4.716  13.010  1.00 24.00 ? 112 GLU A C   1 
ATOM   861  O O   . GLU A 1 114 ? 1.045   -5.417  13.899  1.00 23.67 ? 112 GLU A O   1 
ATOM   862  C CB  . GLU A 1 114 ? -1.922  -4.574  13.079  1.00 24.32 ? 112 GLU A CB  1 
ATOM   863  C CG  . GLU A 1 114 ? -3.240  -5.058  12.517  1.00 35.01 ? 112 GLU A CG  1 
ATOM   864  C CD  . GLU A 1 114 ? -4.440  -4.369  13.142  1.00 37.09 ? 112 GLU A CD  1 
ATOM   865  O OE1 . GLU A 1 114 ? -4.945  -3.402  12.538  1.00 47.97 ? 112 GLU A OE1 1 
ATOM   866  O OE2 . GLU A 1 114 ? -4.885  -4.791  14.230  1.00 38.48 ? 112 GLU A OE2 1 
ATOM   867  N N   . ILE A 1 115 ? 1.156   -3.604  12.595  1.00 23.84 ? 113 ILE A N   1 
ATOM   868  C CA  . ILE A 1 115 ? 2.384   -3.133  13.226  1.00 22.97 ? 113 ILE A CA  1 
ATOM   869  C C   . ILE A 1 115 ? 1.921   -2.370  14.477  1.00 21.90 ? 113 ILE A C   1 
ATOM   870  O O   . ILE A 1 115 ? 0.866   -1.722  14.474  1.00 16.55 ? 113 ILE A O   1 
ATOM   871  C CB  . ILE A 1 115 ? 3.154   -2.169  12.280  1.00 22.32 ? 113 ILE A CB  1 
ATOM   872  C CG1 . ILE A 1 115 ? 3.709   -2.911  11.046  1.00 25.30 ? 113 ILE A CG1 1 
ATOM   873  C CG2 . ILE A 1 115 ? 4.249   -1.485  13.036  1.00 20.30 ? 113 ILE A CG2 1 
ATOM   874  C CD1 . ILE A 1 115 ? 3.684   -4.411  11.131  1.00 22.29 ? 113 ILE A CD1 1 
ATOM   875  N N   . PRO A 1 116 ? 2.676   -2.459  15.577  1.00 22.57 ? 114 PRO A N   1 
ATOM   876  C CA  . PRO A 1 116 ? 2.151   -1.699  16.721  1.00 22.89 ? 114 PRO A CA  1 
ATOM   877  C C   . PRO A 1 116 ? 2.124   -0.207  16.445  1.00 23.69 ? 114 PRO A C   1 
ATOM   878  O O   . PRO A 1 116 ? 3.048   0.354   15.852  1.00 22.46 ? 114 PRO A O   1 
ATOM   879  C CB  . PRO A 1 116 ? 3.077   -2.081  17.877  1.00 21.29 ? 114 PRO A CB  1 
ATOM   880  C CG  . PRO A 1 116 ? 4.292   -2.630  17.241  1.00 20.28 ? 114 PRO A CG  1 
ATOM   881  C CD  . PRO A 1 116 ? 3.902   -3.201  15.908  1.00 20.94 ? 114 PRO A CD  1 
ATOM   882  N N   . GLU A 1 117 ? 1.036   0.416   16.871  1.00 23.42 ? 115 GLU A N   1 
ATOM   883  C CA  . GLU A 1 117 ? 0.801   1.829   16.674  1.00 26.70 ? 115 GLU A CA  1 
ATOM   884  C C   . GLU A 1 117 ? 1.986   2.751   16.899  1.00 27.18 ? 115 GLU A C   1 
ATOM   885  O O   . GLU A 1 117 ? 2.623   2.687   17.938  1.00 30.27 ? 115 GLU A O   1 
ATOM   886  C CB  . GLU A 1 117 ? -0.316  2.265   17.594  1.00 32.35 ? 115 GLU A CB  1 
ATOM   887  C CG  . GLU A 1 117 ? -1.555  2.699   16.888  1.00 41.33 ? 115 GLU A CG  1 
ATOM   888  C CD  . GLU A 1 117 ? -2.532  3.335   17.850  1.00 45.46 ? 115 GLU A CD  1 
ATOM   889  O OE1 . GLU A 1 117 ? -3.373  2.605   18.426  1.00 51.11 ? 115 GLU A OE1 1 
ATOM   890  O OE2 . GLU A 1 117 ? -2.448  4.563   18.039  1.00 45.15 ? 115 GLU A OE2 1 
ATOM   891  N N   . GLY A 1 118 ? 2.278   3.613   15.926  1.00 24.02 ? 116 GLY A N   1 
ATOM   892  C CA  . GLY A 1 118 ? 3.361   4.570   16.076  1.00 22.46 ? 116 GLY A CA  1 
ATOM   893  C C   . GLY A 1 118 ? 4.799   4.076   16.196  1.00 23.88 ? 116 GLY A C   1 
ATOM   894  O O   . GLY A 1 118 ? 5.718   4.871   16.422  1.00 22.49 ? 116 GLY A O   1 
ATOM   895  N N   . ASN A 1 119 ? 5.026   2.784   16.029  1.00 20.48 ? 117 ASN A N   1 
ATOM   896  C CA  . ASN A 1 119 ? 6.375   2.277   16.161  1.00 18.96 ? 117 ASN A CA  1 
ATOM   897  C C   . ASN A 1 119 ? 7.127   2.148   14.825  1.00 17.46 ? 117 ASN A C   1 
ATOM   898  O O   . ASN A 1 119 ? 7.033   1.144   14.134  1.00 18.36 ? 117 ASN A O   1 
ATOM   899  C CB  . ASN A 1 119 ? 6.318   0.938   16.895  1.00 21.00 ? 117 ASN A CB  1 
ATOM   900  C CG  . ASN A 1 119 ? 7.667   0.495   17.399  1.00 21.21 ? 117 ASN A CG  1 
ATOM   901  O OD1 . ASN A 1 119 ? 8.704   0.857   16.843  1.00 20.86 ? 117 ASN A OD1 1 
ATOM   902  N ND2 . ASN A 1 119 ? 7.665   -0.295  18.458  1.00 25.01 ? 117 ASN A ND2 1 
ATOM   903  N N   . GLU A 1 120 ? 7.895   3.173   14.479  1.00 20.36 ? 118 GLU A N   1 
ATOM   904  C CA  . GLU A 1 120 ? 8.637   3.170   13.239  1.00 20.26 ? 118 GLU A CA  1 
ATOM   905  C C   . GLU A 1 120 ? 9.705   2.093   13.220  1.00 20.95 ? 118 GLU A C   1 
ATOM   906  O O   . GLU A 1 120 ? 9.977   1.534   12.163  1.00 22.05 ? 118 GLU A O   1 
ATOM   907  C CB  . GLU A 1 120 ? 9.242   4.561   12.988  1.00 18.19 ? 118 GLU A CB  1 
ATOM   908  C CG  . GLU A 1 120 ? 8.185   5.574   12.575  1.00 23.45 ? 118 GLU A CG  1 
ATOM   909  C CD  . GLU A 1 120 ? 8.753   6.852   12.019  1.00 23.40 ? 118 GLU A CD  1 
ATOM   910  O OE1 . GLU A 1 120 ? 9.247   6.843   10.871  1.00 24.17 ? 118 GLU A OE1 1 
ATOM   911  O OE2 . GLU A 1 120 ? 8.698   7.877   12.731  1.00 29.58 ? 118 GLU A OE2 1 
ATOM   912  N N   . LYS A 1 121 ? 10.303  1.794   14.376  1.00 19.49 ? 119 LYS A N   1 
ATOM   913  C CA  . LYS A 1 121 ? 11.334  0.746   14.436  1.00 22.19 ? 119 LYS A CA  1 
ATOM   914  C C   . LYS A 1 121 ? 10.693  -0.582  14.079  1.00 19.29 ? 119 LYS A C   1 
ATOM   915  O O   . LYS A 1 121 ? 11.258  -1.371  13.317  1.00 19.72 ? 119 LYS A O   1 
ATOM   916  C CB  . LYS A 1 121 ? 11.989  0.641   15.833  1.00 19.31 ? 119 LYS A CB  1 
ATOM   917  N N   . ALA A 1 122 ? 9.507   -0.836  14.626  1.00 19.13 ? 120 ALA A N   1 
ATOM   918  C CA  . ALA A 1 122 ? 8.821   -2.083  14.305  1.00 18.17 ? 120 ALA A CA  1 
ATOM   919  C C   . ALA A 1 122 ? 8.425   -2.060  12.814  1.00 19.59 ? 120 ALA A C   1 
ATOM   920  O O   . ALA A 1 122 ? 8.459   -3.086  12.144  1.00 18.62 ? 120 ALA A O   1 
ATOM   921  C CB  . ALA A 1 122 ? 7.591   -2.241  15.170  1.00 19.78 ? 120 ALA A CB  1 
ATOM   922  N N   . LEU A 1 123 ? 8.068   -0.891  12.283  1.00 15.91 ? 121 LEU A N   1 
ATOM   923  C CA  . LEU A 1 123 ? 7.680   -0.851  10.880  1.00 14.65 ? 121 LEU A CA  1 
ATOM   924  C C   . LEU A 1 123 ? 8.887   -1.156  10.029  1.00 15.45 ? 121 LEU A C   1 
ATOM   925  O O   . LEU A 1 123 ? 8.776   -1.826  9.010   1.00 18.93 ? 121 LEU A O   1 
ATOM   926  C CB  . LEU A 1 123 ? 7.100   0.518   10.508  1.00 9.72  ? 121 LEU A CB  1 
ATOM   927  C CG  . LEU A 1 123 ? 6.787   0.848   9.042   1.00 11.37 ? 121 LEU A CG  1 
ATOM   928  C CD1 . LEU A 1 123 ? 5.923   -0.237  8.363   1.00 6.21  ? 121 LEU A CD1 1 
ATOM   929  C CD2 . LEU A 1 123 ? 6.051   2.183   9.024   1.00 9.20  ? 121 LEU A CD2 1 
ATOM   930  N N   . LYS A 1 124 ? 10.050  -0.675  10.452  1.00 17.81 ? 122 LYS A N   1 
ATOM   931  C CA  . LYS A 1 124 ? 11.282  -0.905  9.698   1.00 19.38 ? 122 LYS A CA  1 
ATOM   932  C C   . LYS A 1 124 ? 11.583  -2.406  9.638   1.00 19.68 ? 122 LYS A C   1 
ATOM   933  O O   . LYS A 1 124 ? 11.954  -2.953  8.589   1.00 17.40 ? 122 LYS A O   1 
ATOM   934  C CB  . LYS A 1 124 ? 12.457  -0.137  10.336  1.00 18.49 ? 122 LYS A CB  1 
ATOM   935  C CG  . LYS A 1 124 ? 13.846  -0.499  9.787   1.00 20.58 ? 122 LYS A CG  1 
ATOM   936  C CD  . LYS A 1 124 ? 14.955  0.190   10.599  1.00 25.78 ? 122 LYS A CD  1 
ATOM   937  C CE  . LYS A 1 124 ? 16.336  -0.409  10.344  1.00 30.90 ? 122 LYS A CE  1 
ATOM   938  N NZ  . LYS A 1 124 ? 17.450  0.508   10.746  1.00 36.21 ? 122 LYS A NZ  1 
ATOM   939  N N   . ARG A 1 125 ? 11.419  -3.082  10.761  1.00 19.79 ? 123 ARG A N   1 
ATOM   940  C CA  . ARG A 1 125 ? 11.681  -4.510  10.758  1.00 22.71 ? 123 ARG A CA  1 
ATOM   941  C C   . ARG A 1 125 ? 10.668  -5.314  9.929   1.00 21.82 ? 123 ARG A C   1 
ATOM   942  O O   . ARG A 1 125 ? 11.053  -6.257  9.246   1.00 21.62 ? 123 ARG A O   1 
ATOM   943  C CB  . ARG A 1 125 ? 11.722  -5.025  12.180  1.00 26.32 ? 123 ARG A CB  1 
ATOM   944  C CG  . ARG A 1 125 ? 12.784  -4.344  12.981  1.00 33.71 ? 123 ARG A CG  1 
ATOM   945  C CD  . ARG A 1 125 ? 12.820  -4.826  14.395  1.00 36.54 ? 123 ARG A CD  1 
ATOM   946  N NE  . ARG A 1 125 ? 14.180  -4.704  14.895  1.00 47.99 ? 123 ARG A NE  1 
ATOM   947  C CZ  . ARG A 1 125 ? 14.541  -3.915  15.903  1.00 54.24 ? 123 ARG A CZ  1 
ATOM   948  N NH1 . ARG A 1 125 ? 13.634  -3.169  16.529  1.00 55.21 ? 123 ARG A NH1 1 
ATOM   949  N NH2 . ARG A 1 125 ? 15.818  -3.871  16.283  1.00 57.67 ? 123 ARG A NH2 1 
ATOM   950  N N   . ALA A 1 126 ? 9.385   -4.960  9.982   1.00 17.75 ? 124 ALA A N   1 
ATOM   951  C CA  . ALA A 1 126 ? 8.417   -5.718  9.190   1.00 17.20 ? 124 ALA A CA  1 
ATOM   952  C C   . ALA A 1 126 ? 8.762   -5.540  7.728   1.00 13.23 ? 124 ALA A C   1 
ATOM   953  O O   . ALA A 1 126 ? 8.640   -6.480  6.945   1.00 15.57 ? 124 ALA A O   1 
ATOM   954  C CB  . ALA A 1 126 ? 6.986   -5.242  9.452   1.00 16.41 ? 124 ALA A CB  1 
ATOM   955  N N   . VAL A 1 127 ? 9.180   -4.333  7.350   1.00 11.36 ? 125 VAL A N   1 
ATOM   956  C CA  . VAL A 1 127 ? 9.540   -4.113  5.963   1.00 12.18 ? 125 VAL A CA  1 
ATOM   957  C C   . VAL A 1 127 ? 10.754  -4.960  5.571   1.00 11.45 ? 125 VAL A C   1 
ATOM   958  O O   . VAL A 1 127 ? 10.778  -5.598  4.532   1.00 11.73 ? 125 VAL A O   1 
ATOM   959  C CB  . VAL A 1 127 ? 9.863   -2.628  5.673   1.00 12.79 ? 125 VAL A CB  1 
ATOM   960  C CG1 . VAL A 1 127 ? 10.506  -2.482  4.289   1.00 11.14 ? 125 VAL A CG1 1 
ATOM   961  C CG2 . VAL A 1 127 ? 8.603   -1.823  5.705   1.00 12.21 ? 125 VAL A CG2 1 
ATOM   962  N N   . ALA A 1 128 ? 11.765  -4.980  6.414   1.00 10.79 ? 126 ALA A N   1 
ATOM   963  C CA  . ALA A 1 128 ? 12.940  -5.746  6.077   1.00 14.98 ? 126 ALA A CA  1 
ATOM   964  C C   . ALA A 1 128 ? 12.664  -7.270  6.022   1.00 17.48 ? 126 ALA A C   1 
ATOM   965  O O   . ALA A 1 128 ? 13.127  -7.953  5.117   1.00 18.77 ? 126 ALA A O   1 
ATOM   966  C CB  . ALA A 1 128 ? 14.084  -5.411  7.076   1.00 10.56 ? 126 ALA A CB  1 
ATOM   967  N N   . ARG A 1 129 ? 11.896  -7.794  6.964   1.00 17.50 ? 127 ARG A N   1 
ATOM   968  C CA  . ARG A 1 129 ? 11.618  -9.234  6.984   1.00 21.38 ? 127 ARG A CA  1 
ATOM   969  C C   . ARG A 1 129 ? 10.475  -9.774  6.115   1.00 20.54 ? 127 ARG A C   1 
ATOM   970  O O   . ARG A 1 129 ? 10.539  -10.909 5.638   1.00 21.15 ? 127 ARG A O   1 
ATOM   971  C CB  . ARG A 1 129 ? 11.352  -9.684  8.421   1.00 24.80 ? 127 ARG A CB  1 
ATOM   972  C CG  . ARG A 1 129 ? 12.505  -9.464  9.377   1.00 37.69 ? 127 ARG A CG  1 
ATOM   973  C CD  . ARG A 1 129 ? 12.053  -9.691  10.817  1.00 48.69 ? 127 ARG A CD  1 
ATOM   974  N NE  . ARG A 1 129 ? 13.150  -9.565  11.784  1.00 57.87 ? 127 ARG A NE  1 
ATOM   975  C CZ  . ARG A 1 129 ? 13.623  -10.575 12.510  1.00 60.36 ? 127 ARG A CZ  1 
ATOM   976  N NH1 . ARG A 1 129 ? 13.097  -11.788 12.378  1.00 60.18 ? 127 ARG A NH1 1 
ATOM   977  N NH2 . ARG A 1 129 ? 14.619  -10.373 13.367  1.00 61.71 ? 127 ARG A NH2 1 
ATOM   978  N N   . VAL A 1 130 ? 9.437   -8.970  5.934   1.00 17.55 ? 128 VAL A N   1 
ATOM   979  C CA  . VAL A 1 130 ? 8.245   -9.368  5.206   1.00 17.74 ? 128 VAL A CA  1 
ATOM   980  C C   . VAL A 1 130 ? 8.207   -8.944  3.751   1.00 17.85 ? 128 VAL A C   1 
ATOM   981  O O   . VAL A 1 130 ? 7.959   -9.740  2.859   1.00 13.24 ? 128 VAL A O   1 
ATOM   982  C CB  . VAL A 1 130 ? 7.004   -8.756  5.894   1.00 20.18 ? 128 VAL A CB  1 
ATOM   983  C CG1 . VAL A 1 130 ? 5.749   -9.057  5.084   1.00 20.56 ? 128 VAL A CG1 1 
ATOM   984  C CG2 . VAL A 1 130 ? 6.897   -9.282  7.335   1.00 20.42 ? 128 VAL A CG2 1 
ATOM   985  N N   . GLY A 1 131 ? 8.439   -7.663  3.539   1.00 15.31 ? 129 GLY A N   1 
ATOM   986  C CA  . GLY A 1 131 ? 8.382   -7.108  2.213   1.00 17.11 ? 129 GLY A CA  1 
ATOM   987  C C   . GLY A 1 131 ? 7.512   -5.858  2.322   1.00 17.16 ? 129 GLY A C   1 
ATOM   988  O O   . GLY A 1 131 ? 7.350   -5.305  3.418   1.00 16.07 ? 129 GLY A O   1 
ATOM   989  N N   . PRO A 1 132 ? 6.938   -5.393  1.206   1.00 14.16 ? 130 PRO A N   1 
ATOM   990  C CA  . PRO A 1 132 ? 6.080   -4.204  1.180   1.00 13.72 ? 130 PRO A CA  1 
ATOM   991  C C   . PRO A 1 132 ? 4.973   -4.283  2.222   1.00 15.15 ? 130 PRO A C   1 
ATOM   992  O O   . PRO A 1 132 ? 4.379   -5.344  2.444   1.00 15.99 ? 130 PRO A O   1 
ATOM   993  C CB  . PRO A 1 132 ? 5.559   -4.188  -0.243  1.00 8.85  ? 130 PRO A CB  1 
ATOM   994  C CG  . PRO A 1 132 ? 6.678   -4.846  -1.026  1.00 11.63 ? 130 PRO A CG  1 
ATOM   995  C CD  . PRO A 1 132 ? 7.113   -5.969  -0.136  1.00 12.83 ? 130 PRO A CD  1 
ATOM   996  N N   . VAL A 1 133 ? 4.710   -3.152  2.867   1.00 15.45 ? 131 VAL A N   1 
ATOM   997  C CA  . VAL A 1 133 ? 3.706   -3.078  3.924   1.00 15.96 ? 131 VAL A CA  1 
ATOM   998  C C   . VAL A 1 133 ? 2.709   -1.949  3.678   1.00 15.37 ? 131 VAL A C   1 
ATOM   999  O O   . VAL A 1 133 ? 3.095   -0.857  3.284   1.00 17.09 ? 131 VAL A O   1 
ATOM   1000 C CB  . VAL A 1 133 ? 4.405   -2.866  5.311   1.00 14.78 ? 131 VAL A CB  1 
ATOM   1001 C CG1 . VAL A 1 133 ? 3.376   -2.526  6.386   1.00 14.80 ? 131 VAL A CG1 1 
ATOM   1002 C CG2 . VAL A 1 133 ? 5.140   -4.138  5.714   1.00 18.85 ? 131 VAL A CG2 1 
ATOM   1003 N N   . SER A 1 134 ? 1.429   -2.215  3.926   1.00 16.56 ? 132 SER A N   1 
ATOM   1004 C CA  . SER A 1 134 ? 0.375   -1.221  3.756   1.00 14.23 ? 132 SER A CA  1 
ATOM   1005 C C   . SER A 1 134 ? 0.378   -0.251  4.919   1.00 16.20 ? 132 SER A C   1 
ATOM   1006 O O   . SER A 1 134 ? 0.449   -0.673  6.075   1.00 17.09 ? 132 SER A O   1 
ATOM   1007 C CB  . SER A 1 134 ? -0.999  -1.894  3.698   1.00 15.13 ? 132 SER A CB  1 
ATOM   1008 O OG  . SER A 1 134 ? -1.085  -2.818  2.631   1.00 13.24 ? 132 SER A OG  1 
ATOM   1009 N N   . VAL A 1 135 ? 0.331   1.046   4.613   1.00 17.28 ? 133 VAL A N   1 
ATOM   1010 C CA  . VAL A 1 135 ? 0.299   2.087   5.642   1.00 16.76 ? 133 VAL A CA  1 
ATOM   1011 C C   . VAL A 1 135 ? -0.679  3.215   5.271   1.00 15.72 ? 133 VAL A C   1 
ATOM   1012 O O   . VAL A 1 135 ? -1.074  3.356   4.112   1.00 15.28 ? 133 VAL A O   1 
ATOM   1013 C CB  . VAL A 1 135 ? 1.686   2.741   5.857   1.00 16.57 ? 133 VAL A CB  1 
ATOM   1014 C CG1 . VAL A 1 135 ? 2.727   1.691   6.221   1.00 14.09 ? 133 VAL A CG1 1 
ATOM   1015 C CG2 . VAL A 1 135 ? 2.079   3.515   4.628   1.00 14.85 ? 133 VAL A CG2 1 
ATOM   1016 N N   . ALA A 1 136 ? -1.081  3.993   6.268   1.00 14.28 ? 134 ALA A N   1 
ATOM   1017 C CA  . ALA A 1 136 ? -1.956  5.135   6.042   1.00 12.60 ? 134 ALA A CA  1 
ATOM   1018 C C   . ALA A 1 136 ? -1.227  6.378   6.559   1.00 15.03 ? 134 ALA A C   1 
ATOM   1019 O O   . ALA A 1 136 ? -0.392  6.308   7.449   1.00 13.40 ? 134 ALA A O   1 
ATOM   1020 C CB  . ALA A 1 136 ? -3.283  4.951   6.765   1.00 13.18 ? 134 ALA A CB  1 
ATOM   1021 N N   . ILE A 1 137 ? -1.580  7.521   6.005   1.00 14.64 ? 135 ILE A N   1 
ATOM   1022 C CA  . ILE A 1 137 ? -0.952  8.771   6.344   1.00 13.80 ? 135 ILE A CA  1 
ATOM   1023 C C   . ILE A 1 137 ? -1.955  9.903   6.135   1.00 15.55 ? 135 ILE A C   1 
ATOM   1024 O O   . ILE A 1 137 ? -3.071  9.701   5.634   1.00 14.80 ? 135 ILE A O   1 
ATOM   1025 C CB  . ILE A 1 137 ? 0.223   9.052   5.386   1.00 14.23 ? 135 ILE A CB  1 
ATOM   1026 C CG1 . ILE A 1 137 ? -0.266  8.907   3.938   1.00 14.94 ? 135 ILE A CG1 1 
ATOM   1027 C CG2 . ILE A 1 137 ? 1.388   8.089   5.649   1.00 15.78 ? 135 ILE A CG2 1 
ATOM   1028 C CD1 . ILE A 1 137 ? 0.604   9.600   2.920   1.00 14.40 ? 135 ILE A CD1 1 
ATOM   1029 N N   . ASP A 1 138 ? -1.518  11.095  6.518   1.00 15.92 ? 136 ASP A N   1 
ATOM   1030 C CA  . ASP A 1 138 ? -2.275  12.316  6.338   1.00 14.64 ? 136 ASP A CA  1 
ATOM   1031 C C   . ASP A 1 138 ? -1.709  12.843  5.027   1.00 13.47 ? 136 ASP A C   1 
ATOM   1032 O O   . ASP A 1 138 ? -0.542  13.189  4.964   1.00 13.40 ? 136 ASP A O   1 
ATOM   1033 C CB  . ASP A 1 138 ? -1.967  13.286  7.488   1.00 17.47 ? 136 ASP A CB  1 
ATOM   1034 C CG  . ASP A 1 138 ? -2.555  14.674  7.261   1.00 21.20 ? 136 ASP A CG  1 
ATOM   1035 O OD1 . ASP A 1 138 ? -3.443  14.835  6.401   1.00 17.49 ? 136 ASP A OD1 1 
ATOM   1036 O OD2 . ASP A 1 138 ? -2.119  15.608  7.949   1.00 22.11 ? 136 ASP A OD2 1 
ATOM   1037 N N   . ALA A 1 139 ? -2.501  12.843  3.962   1.00 12.67 ? 137 ALA A N   1 
ATOM   1038 C CA  . ALA A 1 139 ? -2.017  13.349  2.666   1.00 18.87 ? 137 ALA A CA  1 
ATOM   1039 C C   . ALA A 1 139 ? -2.718  14.655  2.313   1.00 21.01 ? 137 ALA A C   1 
ATOM   1040 O O   . ALA A 1 139 ? -2.721  15.060  1.147   1.00 23.41 ? 137 ALA A O   1 
ATOM   1041 C CB  . ALA A 1 139 ? -2.285  12.307  1.508   1.00 13.40 ? 137 ALA A CB  1 
ATOM   1042 N N   . SER A 1 140 ? -3.303  15.311  3.313   1.00 23.65 ? 138 SER A N   1 
ATOM   1043 C CA  . SER A 1 140 ? -4.060  16.541  3.072   1.00 24.72 ? 138 SER A CA  1 
ATOM   1044 C C   . SER A 1 140 ? -3.292  17.774  2.700   1.00 23.38 ? 138 SER A C   1 
ATOM   1045 O O   . SER A 1 140 ? -3.848  18.647  2.074   1.00 26.73 ? 138 SER A O   1 
ATOM   1046 C CB  . SER A 1 140 ? -4.928  16.870  4.285   1.00 23.22 ? 138 SER A CB  1 
ATOM   1047 O OG  . SER A 1 140 ? -4.114  17.149  5.416   1.00 25.80 ? 138 SER A OG  1 
ATOM   1048 N N   . LEU A 1 141 ? -2.027  17.866  3.083   1.00 24.96 ? 139 LEU A N   1 
ATOM   1049 C CA  . LEU A 1 141 ? -1.252  19.071  2.796   1.00 21.33 ? 139 LEU A CA  1 
ATOM   1050 C C   . LEU A 1 141 ? -0.886  19.291  1.335   1.00 24.16 ? 139 LEU A C   1 
ATOM   1051 O O   . LEU A 1 141 ? -0.579  18.355  0.585   1.00 25.22 ? 139 LEU A O   1 
ATOM   1052 C CB  . LEU A 1 141 ? 0.018   19.089  3.652   1.00 19.83 ? 139 LEU A CB  1 
ATOM   1053 C CG  . LEU A 1 141 ? -0.209  19.033  5.171   1.00 22.16 ? 139 LEU A CG  1 
ATOM   1054 C CD1 . LEU A 1 141 ? 1.120   18.880  5.897   1.00 13.81 ? 139 LEU A CD1 1 
ATOM   1055 C CD2 . LEU A 1 141 ? -0.915  20.310  5.638   1.00 21.31 ? 139 LEU A CD2 1 
ATOM   1056 N N   . THR A 1 142 ? -0.916  20.556  0.946   1.00 22.33 ? 140 THR A N   1 
ATOM   1057 C CA  . THR A 1 142 ? -0.590  20.994  -0.404  1.00 22.99 ? 140 THR A CA  1 
ATOM   1058 C C   . THR A 1 142 ? 0.857   20.585  -0.687  1.00 20.22 ? 140 THR A C   1 
ATOM   1059 O O   . THR A 1 142 ? 1.238   20.305  -1.824  1.00 21.77 ? 140 THR A O   1 
ATOM   1060 C CB  . THR A 1 142 ? -0.769  22.573  -0.500  1.00 26.93 ? 140 THR A CB  1 
ATOM   1061 O OG1 . THR A 1 142 ? -2.136  22.878  -0.798  1.00 27.70 ? 140 THR A OG1 1 
ATOM   1062 C CG2 . THR A 1 142 ? 0.099   23.188  -1.590  1.00 28.16 ? 140 THR A CG2 1 
ATOM   1063 N N   . SER A 1 143 ? 1.678   20.551  0.348   1.00 19.90 ? 141 SER A N   1 
ATOM   1064 C CA  . SER A 1 143 ? 3.064   20.158  0.129   1.00 21.18 ? 141 SER A CA  1 
ATOM   1065 C C   . SER A 1 143 ? 3.148   18.668  -0.228  1.00 20.19 ? 141 SER A C   1 
ATOM   1066 O O   . SER A 1 143 ? 4.067   18.255  -0.922  1.00 23.25 ? 141 SER A O   1 
ATOM   1067 C CB  . SER A 1 143 ? 3.925   20.469  1.357   1.00 19.23 ? 141 SER A CB  1 
ATOM   1068 O OG  . SER A 1 143 ? 3.391   19.870  2.531   1.00 24.07 ? 141 SER A OG  1 
ATOM   1069 N N   . PHE A 1 144 ? 2.197   17.857  0.234   1.00 19.73 ? 142 PHE A N   1 
ATOM   1070 C CA  . PHE A 1 144 ? 2.218   16.442  -0.121  1.00 16.71 ? 142 PHE A CA  1 
ATOM   1071 C C   . PHE A 1 144 ? 1.673   16.328  -1.543  1.00 17.29 ? 142 PHE A C   1 
ATOM   1072 O O   . PHE A 1 144 ? 2.325   15.774  -2.443  1.00 16.56 ? 142 PHE A O   1 
ATOM   1073 C CB  . PHE A 1 144 ? 1.338   15.611  0.832   1.00 18.97 ? 142 PHE A CB  1 
ATOM   1074 C CG  . PHE A 1 144 ? 1.327   14.126  0.509   1.00 19.94 ? 142 PHE A CG  1 
ATOM   1075 C CD1 . PHE A 1 144 ? 0.392   13.596  -0.374  1.00 19.52 ? 142 PHE A CD1 1 
ATOM   1076 C CD2 . PHE A 1 144 ? 2.287   13.273  1.049   1.00 16.75 ? 142 PHE A CD2 1 
ATOM   1077 C CE1 . PHE A 1 144 ? 0.418   12.235  -0.717  1.00 21.24 ? 142 PHE A CE1 1 
ATOM   1078 C CE2 . PHE A 1 144 ? 2.319   11.916  0.709   1.00 19.07 ? 142 PHE A CE2 1 
ATOM   1079 C CZ  . PHE A 1 144 ? 1.388   11.399  -0.171  1.00 18.11 ? 142 PHE A CZ  1 
ATOM   1080 N N   . GLN A 1 145 ? 0.471   16.868  -1.741  1.00 15.18 ? 143 GLN A N   1 
ATOM   1081 C CA  . GLN A 1 145 ? -0.176  16.821  -3.044  1.00 18.16 ? 143 GLN A CA  1 
ATOM   1082 C C   . GLN A 1 145 ? 0.731   17.268  -4.194  1.00 19.13 ? 143 GLN A C   1 
ATOM   1083 O O   . GLN A 1 145 ? 0.680   16.684  -5.275  1.00 14.87 ? 143 GLN A O   1 
ATOM   1084 C CB  . GLN A 1 145 ? -1.452  17.662  -3.037  1.00 15.74 ? 143 GLN A CB  1 
ATOM   1085 C CG  . GLN A 1 145 ? -2.475  17.205  -2.024  1.00 17.13 ? 143 GLN A CG  1 
ATOM   1086 C CD  . GLN A 1 145 ? -3.374  16.061  -2.525  1.00 19.10 ? 143 GLN A CD  1 
ATOM   1087 O OE1 . GLN A 1 145 ? -3.543  15.861  -3.726  1.00 20.79 ? 143 GLN A OE1 1 
ATOM   1088 N NE2 . GLN A 1 145 ? -3.966  15.328  -1.597  1.00 17.89 ? 143 GLN A NE2 1 
ATOM   1089 N N   . PHE A 1 146 ? 1.584   18.268  -3.957  1.00 20.44 ? 144 PHE A N   1 
ATOM   1090 C CA  . PHE A 1 146 ? 2.452   18.758  -5.025  1.00 20.78 ? 144 PHE A CA  1 
ATOM   1091 C C   . PHE A 1 146 ? 3.917   18.350  -4.906  1.00 23.05 ? 144 PHE A C   1 
ATOM   1092 O O   . PHE A 1 146 ? 4.804   18.967  -5.510  1.00 22.40 ? 144 PHE A O   1 
ATOM   1093 C CB  . PHE A 1 146 ? 2.338   20.288  -5.141  1.00 22.03 ? 144 PHE A CB  1 
ATOM   1094 C CG  . PHE A 1 146 ? 0.963   20.766  -5.588  1.00 25.44 ? 144 PHE A CG  1 
ATOM   1095 C CD1 . PHE A 1 146 ? 0.597   20.737  -6.920  1.00 30.00 ? 144 PHE A CD1 1 
ATOM   1096 C CD2 . PHE A 1 146 ? 0.043   21.246  -4.669  1.00 27.62 ? 144 PHE A CD2 1 
ATOM   1097 C CE1 . PHE A 1 146 ? -0.689  21.189  -7.335  1.00 29.93 ? 144 PHE A CE1 1 
ATOM   1098 C CE2 . PHE A 1 146 ? -1.237  21.697  -5.077  1.00 30.07 ? 144 PHE A CE2 1 
ATOM   1099 C CZ  . PHE A 1 146 ? -1.590  21.664  -6.406  1.00 24.90 ? 144 PHE A CZ  1 
ATOM   1100 N N   . TYR A 1 147 ? 4.179   17.301  -4.139  1.00 22.85 ? 145 TYR A N   1 
ATOM   1101 C CA  . TYR A 1 147 ? 5.541   16.812  -3.984  1.00 22.05 ? 145 TYR A CA  1 
ATOM   1102 C C   . TYR A 1 147 ? 6.168   16.441  -5.337  1.00 22.30 ? 145 TYR A C   1 
ATOM   1103 O O   . TYR A 1 147 ? 5.485   15.994  -6.256  1.00 20.34 ? 145 TYR A O   1 
ATOM   1104 C CB  . TYR A 1 147 ? 5.533   15.565  -3.096  1.00 23.24 ? 145 TYR A CB  1 
ATOM   1105 C CG  . TYR A 1 147 ? 6.838   14.810  -3.132  1.00 16.32 ? 145 TYR A CG  1 
ATOM   1106 C CD1 . TYR A 1 147 ? 7.856   15.125  -2.240  1.00 14.62 ? 145 TYR A CD1 1 
ATOM   1107 C CD2 . TYR A 1 147 ? 7.042   13.773  -4.039  1.00 16.65 ? 145 TYR A CD2 1 
ATOM   1108 C CE1 . TYR A 1 147 ? 9.038   14.434  -2.233  1.00 18.26 ? 145 TYR A CE1 1 
ATOM   1109 C CE2 . TYR A 1 147 ? 8.240   13.056  -4.047  1.00 19.67 ? 145 TYR A CE2 1 
ATOM   1110 C CZ  . TYR A 1 147 ? 9.227   13.404  -3.127  1.00 19.42 ? 145 TYR A CZ  1 
ATOM   1111 O OH  . TYR A 1 147 ? 10.402  12.728  -3.066  1.00 23.96 ? 145 TYR A OH  1 
ATOM   1112 N N   . SER A 1 148 ? 7.471   16.631  -5.471  1.00 23.40 ? 146 SER A N   1 
ATOM   1113 C CA  . SER A 1 148 ? 8.128   16.250  -6.709  1.00 25.98 ? 146 SER A CA  1 
ATOM   1114 C C   . SER A 1 148 ? 9.503   15.627  -6.456  1.00 25.22 ? 146 SER A C   1 
ATOM   1115 O O   . SER A 1 148 ? 9.988   14.866  -7.277  1.00 26.58 ? 146 SER A O   1 
ATOM   1116 C CB  . SER A 1 148 ? 8.258   17.449  -7.635  1.00 25.97 ? 146 SER A CB  1 
ATOM   1117 O OG  . SER A 1 148 ? 8.874   18.504  -6.944  1.00 36.50 ? 146 SER A OG  1 
ATOM   1118 N N   . LYS A 1 149 ? 10.134  15.950  -5.330  1.00 27.09 ? 147 LYS A N   1 
ATOM   1119 C CA  . LYS A 1 149 ? 11.440  15.366  -5.021  1.00 29.09 ? 147 LYS A CA  1 
ATOM   1120 C C   . LYS A 1 149 ? 11.969  15.683  -3.636  1.00 27.21 ? 147 LYS A C   1 
ATOM   1121 O O   . LYS A 1 149 ? 11.503  16.619  -2.980  1.00 30.24 ? 147 LYS A O   1 
ATOM   1122 C CB  . LYS A 1 149 ? 12.483  15.782  -6.065  1.00 36.90 ? 147 LYS A CB  1 
ATOM   1123 C CG  . LYS A 1 149 ? 12.433  17.235  -6.462  1.00 42.98 ? 147 LYS A CG  1 
ATOM   1124 C CD  . LYS A 1 149 ? 13.461  18.056  -5.712  1.00 46.45 ? 147 LYS A CD  1 
ATOM   1125 C CE  . LYS A 1 149 ? 13.222  19.548  -5.945  1.00 49.81 ? 147 LYS A CE  1 
ATOM   1126 N NZ  . LYS A 1 149 ? 14.229  20.192  -6.849  1.00 52.11 ? 147 LYS A NZ  1 
ATOM   1127 N N   . GLY A 1 150 ? 12.952  14.884  -3.210  1.00 25.89 ? 148 GLY A N   1 
ATOM   1128 C CA  . GLY A 1 150 ? 13.578  15.022  -1.899  1.00 20.24 ? 148 GLY A CA  1 
ATOM   1129 C C   . GLY A 1 150 ? 12.888  14.143  -0.854  1.00 21.60 ? 148 GLY A C   1 
ATOM   1130 O O   . GLY A 1 150 ? 12.032  13.307  -1.165  1.00 23.27 ? 148 GLY A O   1 
ATOM   1131 N N   . VAL A 1 151 ? 13.250  14.326  0.396   1.00 16.17 ? 149 VAL A N   1 
ATOM   1132 C CA  . VAL A 1 151 ? 12.627  13.574  1.458   1.00 21.38 ? 149 VAL A CA  1 
ATOM   1133 C C   . VAL A 1 151 ? 11.532  14.477  2.019   1.00 22.38 ? 149 VAL A C   1 
ATOM   1134 O O   . VAL A 1 151 ? 11.820  15.533  2.560   1.00 25.43 ? 149 VAL A O   1 
ATOM   1135 C CB  . VAL A 1 151 ? 13.674  13.198  2.566   1.00 20.29 ? 149 VAL A CB  1 
ATOM   1136 C CG1 . VAL A 1 151 ? 12.972  12.543  3.765   1.00 17.70 ? 149 VAL A CG1 1 
ATOM   1137 C CG2 . VAL A 1 151 ? 14.732  12.247  1.977   1.00 17.06 ? 149 VAL A CG2 1 
ATOM   1138 N N   . TYR A 1 152 ? 10.276  14.066  1.879   1.00 23.37 ? 150 TYR A N   1 
ATOM   1139 C CA  . TYR A 1 152 ? 9.153   14.865  2.360   1.00 20.59 ? 150 TYR A CA  1 
ATOM   1140 C C   . TYR A 1 152 ? 9.003   14.944  3.878   1.00 21.29 ? 150 TYR A C   1 
ATOM   1141 O O   . TYR A 1 152 ? 9.037   13.938  4.570   1.00 22.26 ? 150 TYR A O   1 
ATOM   1142 C CB  . TYR A 1 152 ? 7.842   14.346  1.771   1.00 18.78 ? 150 TYR A CB  1 
ATOM   1143 C CG  . TYR A 1 152 ? 6.644   15.134  2.249   1.00 20.45 ? 150 TYR A CG  1 
ATOM   1144 C CD1 . TYR A 1 152 ? 6.425   16.442  1.814   1.00 21.73 ? 150 TYR A CD1 1 
ATOM   1145 C CD2 . TYR A 1 152 ? 5.728   14.581  3.135   1.00 16.44 ? 150 TYR A CD2 1 
ATOM   1146 C CE1 . TYR A 1 152 ? 5.309   17.174  2.254   1.00 22.90 ? 150 TYR A CE1 1 
ATOM   1147 C CE2 . TYR A 1 152 ? 4.621   15.299  3.572   1.00 21.58 ? 150 TYR A CE2 1 
ATOM   1148 C CZ  . TYR A 1 152 ? 4.411   16.599  3.122   1.00 21.71 ? 150 TYR A CZ  1 
ATOM   1149 O OH  . TYR A 1 152 ? 3.263   17.290  3.488   1.00 21.45 ? 150 TYR A OH  1 
ATOM   1150 N N   . TYR A 1 153 ? 8.839   16.162  4.381   1.00 23.17 ? 151 TYR A N   1 
ATOM   1151 C CA  . TYR A 1 153 ? 8.640   16.419  5.810   1.00 23.42 ? 151 TYR A CA  1 
ATOM   1152 C C   . TYR A 1 153 ? 7.950   17.768  5.973   1.00 22.60 ? 151 TYR A C   1 
ATOM   1153 O O   . TYR A 1 153 ? 8.444   18.793  5.509   1.00 24.89 ? 151 TYR A O   1 
ATOM   1154 C CB  . TYR A 1 153 ? 9.970   16.463  6.578   1.00 25.51 ? 151 TYR A CB  1 
ATOM   1155 C CG  . TYR A 1 153 ? 9.734   16.726  8.049   1.00 30.04 ? 151 TYR A CG  1 
ATOM   1156 C CD1 . TYR A 1 153 ? 9.027   15.807  8.833   1.00 31.85 ? 151 TYR A CD1 1 
ATOM   1157 C CD2 . TYR A 1 153 ? 10.104  17.935  8.634   1.00 35.01 ? 151 TYR A CD2 1 
ATOM   1158 C CE1 . TYR A 1 153 ? 8.681   16.085  10.144  1.00 33.27 ? 151 TYR A CE1 1 
ATOM   1159 C CE2 . TYR A 1 153 ? 9.760   18.229  9.959   1.00 34.59 ? 151 TYR A CE2 1 
ATOM   1160 C CZ  . TYR A 1 153 ? 9.042   17.300  10.701  1.00 35.13 ? 151 TYR A CZ  1 
ATOM   1161 O OH  . TYR A 1 153 ? 8.628   17.606  11.976  1.00 37.86 ? 151 TYR A OH  1 
ATOM   1162 N N   . ASP A 1 154 ? 6.802   17.783  6.617   1.00 24.07 ? 152 ASP A N   1 
ATOM   1163 C CA  . ASP A 1 154 ? 6.082   19.034  6.808   1.00 23.85 ? 152 ASP A CA  1 
ATOM   1164 C C   . ASP A 1 154 ? 5.570   19.012  8.218   1.00 24.45 ? 152 ASP A C   1 
ATOM   1165 O O   . ASP A 1 154 ? 4.780   18.139  8.572   1.00 26.58 ? 152 ASP A O   1 
ATOM   1166 C CB  . ASP A 1 154 ? 4.921   19.148  5.829   1.00 22.30 ? 152 ASP A CB  1 
ATOM   1167 C CG  . ASP A 1 154 ? 4.206   20.504  5.911   1.00 26.90 ? 152 ASP A CG  1 
ATOM   1168 O OD1 . ASP A 1 154 ? 4.053   21.054  7.031   1.00 28.04 ? 152 ASP A OD1 1 
ATOM   1169 O OD2 . ASP A 1 154 ? 3.786   21.016  4.848   1.00 29.73 ? 152 ASP A OD2 1 
ATOM   1170 N N   . GLU A 1 155 ? 6.009   19.984  9.011   1.00 26.87 ? 153 GLU A N   1 
ATOM   1171 C CA  . GLU A 1 155 ? 5.625   20.058  10.417  1.00 28.46 ? 153 GLU A CA  1 
ATOM   1172 C C   . GLU A 1 155 ? 4.130   20.095  10.661  1.00 28.88 ? 153 GLU A C   1 
ATOM   1173 O O   . GLU A 1 155 ? 3.691   19.758  11.753  1.00 28.27 ? 153 GLU A O   1 
ATOM   1174 C CB  . GLU A 1 155 ? 6.284   21.264  11.097  1.00 29.52 ? 153 GLU A CB  1 
ATOM   1175 N N   . SER A 1 156 ? 3.338   20.472  9.658   1.00 28.91 ? 154 SER A N   1 
ATOM   1176 C CA  . SER A 1 156 ? 1.880   20.538  9.839   1.00 29.45 ? 154 SER A CA  1 
ATOM   1177 C C   . SER A 1 156 ? 1.139   19.224  9.606   1.00 30.88 ? 154 SER A C   1 
ATOM   1178 O O   . SER A 1 156 ? -0.099  19.146  9.731   1.00 29.25 ? 154 SER A O   1 
ATOM   1179 C CB  . SER A 1 156 ? 1.292   21.586  8.915   1.00 32.06 ? 154 SER A CB  1 
ATOM   1180 O OG  . SER A 1 156 ? 2.026   22.789  9.014   1.00 39.67 ? 154 SER A OG  1 
ATOM   1181 N N   . CYS A 1 157 ? 1.877   18.184  9.253   1.00 29.07 ? 155 CYS A N   1 
ATOM   1182 C CA  . CYS A 1 157 ? 1.214   16.930  9.025   1.00 28.19 ? 155 CYS A CA  1 
ATOM   1183 C C   . CYS A 1 157 ? 0.588   16.438  10.313  1.00 28.82 ? 155 CYS A C   1 
ATOM   1184 O O   . CYS A 1 157 ? 1.215   16.447  11.367  1.00 28.61 ? 155 CYS A O   1 
ATOM   1185 C CB  . CYS A 1 157 ? 2.190   15.913  8.459   1.00 26.59 ? 155 CYS A CB  1 
ATOM   1186 S SG  . CYS A 1 157 ? 1.387   15.101  7.074   1.00 27.76 ? 155 CYS A SG  1 
ATOM   1187 N N   . ASN A 1 158 ? -0.663  16.024  10.221  1.00 29.79 ? 156 ASN A N   1 
ATOM   1188 C CA  . ASN A 1 158 ? -1.403  15.552  11.375  1.00 30.18 ? 156 ASN A CA  1 
ATOM   1189 C C   . ASN A 1 158 ? -1.432  14.032  11.462  1.00 28.47 ? 156 ASN A C   1 
ATOM   1190 O O   . ASN A 1 158 ? -2.175  13.366  10.761  1.00 27.95 ? 156 ASN A O   1 
ATOM   1191 C CB  . ASN A 1 158 ? -2.823  16.097  11.308  1.00 31.59 ? 156 ASN A CB  1 
ATOM   1192 C CG  . ASN A 1 158 ? -3.535  16.027  12.647  1.00 34.56 ? 156 ASN A CG  1 
ATOM   1193 O OD1 . ASN A 1 158 ? -3.340  15.094  13.427  1.00 32.38 ? 156 ASN A OD1 1 
ATOM   1194 N ND2 . ASN A 1 158 ? -4.367  17.024  12.918  1.00 37.08 ? 156 ASN A ND2 1 
ATOM   1195 N N   . SER A 1 159 ? -0.647  13.485  12.366  1.00 29.46 ? 157 SER A N   1 
ATOM   1196 C CA  . SER A 1 159 ? -0.580  12.041  12.496  1.00 31.07 ? 157 SER A CA  1 
ATOM   1197 C C   . SER A 1 159 ? -1.868  11.408  12.980  1.00 30.55 ? 157 SER A C   1 
ATOM   1198 O O   . SER A 1 159 ? -1.968  10.188  13.040  1.00 27.65 ? 157 SER A O   1 
ATOM   1199 C CB  . SER A 1 159 ? 0.582   11.651  13.414  1.00 31.73 ? 157 SER A CB  1 
ATOM   1200 O OG  . SER A 1 159 ? 0.145   11.495  14.747  1.00 32.52 ? 157 SER A OG  1 
ATOM   1201 N N   . ASP A 1 160 ? -2.861  12.225  13.328  1.00 32.42 ? 158 ASP A N   1 
ATOM   1202 C CA  . ASP A 1 160 ? -4.153  11.681  13.776  1.00 32.20 ? 158 ASP A CA  1 
ATOM   1203 C C   . ASP A 1 160 ? -5.209  11.889  12.714  1.00 30.38 ? 158 ASP A C   1 
ATOM   1204 O O   . ASP A 1 160 ? -6.356  11.526  12.881  1.00 30.06 ? 158 ASP A O   1 
ATOM   1205 C CB  . ASP A 1 160 ? -4.591  12.334  15.080  1.00 37.93 ? 158 ASP A CB  1 
ATOM   1206 C CG  . ASP A 1 160 ? -3.748  11.876  16.248  1.00 44.92 ? 158 ASP A CG  1 
ATOM   1207 O OD1 . ASP A 1 160 ? -3.546  10.644  16.381  1.00 47.12 ? 158 ASP A OD1 1 
ATOM   1208 O OD2 . ASP A 1 160 ? -3.269  12.739  17.020  1.00 49.92 ? 158 ASP A OD2 1 
ATOM   1209 N N   . ASN A 1 161 ? -4.792  12.457  11.598  1.00 26.84 ? 159 ASN A N   1 
ATOM   1210 C CA  . ASN A 1 161 ? -5.691  12.714  10.500  1.00 25.75 ? 159 ASN A CA  1 
ATOM   1211 C C   . ASN A 1 161 ? -5.312  11.775  9.354   1.00 22.44 ? 159 ASN A C   1 
ATOM   1212 O O   . ASN A 1 161 ? -4.719  12.223  8.383   1.00 20.84 ? 159 ASN A O   1 
ATOM   1213 C CB  . ASN A 1 161 ? -5.525  14.179  10.080  1.00 27.91 ? 159 ASN A CB  1 
ATOM   1214 C CG  . ASN A 1 161 ? -6.601  14.646  9.124   1.00 33.98 ? 159 ASN A CG  1 
ATOM   1215 O OD1 . ASN A 1 161 ? -7.605  13.962  8.907   1.00 35.70 ? 159 ASN A OD1 1 
ATOM   1216 N ND2 . ASN A 1 161 ? -6.392  15.824  8.536   1.00 37.30 ? 159 ASN A ND2 1 
ATOM   1217 N N   . LEU A 1 162 ? -5.629  10.483  9.473   1.00 18.74 ? 160 LEU A N   1 
ATOM   1218 C CA  . LEU A 1 162 ? -5.291  9.512   8.417   1.00 18.98 ? 160 LEU A CA  1 
ATOM   1219 C C   . LEU A 1 162 ? -6.349  9.514   7.301   1.00 19.40 ? 160 LEU A C   1 
ATOM   1220 O O   . LEU A 1 162 ? -7.491  9.122   7.521   1.00 18.87 ? 160 LEU A O   1 
ATOM   1221 C CB  . LEU A 1 162 ? -5.156  8.109   9.006   1.00 15.67 ? 160 LEU A CB  1 
ATOM   1222 C CG  . LEU A 1 162 ? -4.180  7.952   10.175  1.00 18.49 ? 160 LEU A CG  1 
ATOM   1223 C CD1 . LEU A 1 162 ? -4.141  6.496   10.609  1.00 14.98 ? 160 LEU A CD1 1 
ATOM   1224 C CD2 . LEU A 1 162 ? -2.798  8.417   9.769   1.00 13.92 ? 160 LEU A CD2 1 
ATOM   1225 N N   . ASN A 1 163 ? -5.972  9.918   6.089   1.00 17.53 ? 161 ASN A N   1 
ATOM   1226 C CA  . ASN A 1 163 ? -6.972  9.999   5.025   1.00 17.51 ? 161 ASN A CA  1 
ATOM   1227 C C   . ASN A 1 163 ? -6.538  9.467   3.672   1.00 18.53 ? 161 ASN A C   1 
ATOM   1228 O O   . ASN A 1 163 ? -7.159  9.777   2.650   1.00 18.65 ? 161 ASN A O   1 
ATOM   1229 C CB  . ASN A 1 163 ? -7.380  11.459  4.874   1.00 16.52 ? 161 ASN A CB  1 
ATOM   1230 C CG  . ASN A 1 163 ? -6.180  12.374  4.870   1.00 18.71 ? 161 ASN A CG  1 
ATOM   1231 O OD1 . ASN A 1 163 ? -5.262  12.196  4.086   1.00 22.11 ? 161 ASN A OD1 1 
ATOM   1232 N ND2 . ASN A 1 163 ? -6.171  13.344  5.761   1.00 22.78 ? 161 ASN A ND2 1 
ATOM   1233 N N   . HIS A 1 164 ? -5.451  8.707   3.652   1.00 19.67 ? 162 HIS A N   1 
ATOM   1234 C CA  . HIS A 1 164 ? -4.950  8.140   2.414   1.00 19.48 ? 162 HIS A CA  1 
ATOM   1235 C C   . HIS A 1 164 ? -4.147  6.876   2.712   1.00 20.83 ? 162 HIS A C   1 
ATOM   1236 O O   . HIS A 1 164 ? -3.437  6.797   3.730   1.00 20.88 ? 162 HIS A O   1 
ATOM   1237 C CB  . HIS A 1 164 ? -4.072  9.156   1.670   1.00 14.70 ? 162 HIS A CB  1 
ATOM   1238 C CG  . HIS A 1 164 ? -3.702  8.734   0.278   1.00 16.23 ? 162 HIS A CG  1 
ATOM   1239 N ND1 . HIS A 1 164 ? -4.612  8.190   -0.605  1.00 18.82 ? 162 HIS A ND1 1 
ATOM   1240 C CD2 . HIS A 1 164 ? -2.538  8.846   -0.409  1.00 16.23 ? 162 HIS A CD2 1 
ATOM   1241 C CE1 . HIS A 1 164 ? -4.026  7.986   -1.777  1.00 15.86 ? 162 HIS A CE1 1 
ATOM   1242 N NE2 . HIS A 1 164 ? -2.768  8.377   -1.682  1.00 20.22 ? 162 HIS A NE2 1 
ATOM   1243 N N   . ALA A 1 165 ? -4.255  5.899   1.813   1.00 17.47 ? 163 ALA A N   1 
ATOM   1244 C CA  . ALA A 1 165 ? -3.549  4.637   1.963   1.00 15.61 ? 163 ALA A CA  1 
ATOM   1245 C C   . ALA A 1 165 ? -2.488  4.490   0.869   1.00 15.27 ? 163 ALA A C   1 
ATOM   1246 O O   . ALA A 1 165 ? -2.759  4.720   -0.313  1.00 16.60 ? 163 ALA A O   1 
ATOM   1247 C CB  . ALA A 1 165 ? -4.553  3.472   1.895   1.00 15.69 ? 163 ALA A CB  1 
ATOM   1248 N N   . VAL A 1 166 ? -1.273  4.134   1.267   1.00 14.90 ? 164 VAL A N   1 
ATOM   1249 C CA  . VAL A 1 166 ? -0.188  3.936   0.317   1.00 13.11 ? 164 VAL A CA  1 
ATOM   1250 C C   . VAL A 1 166 ? 0.548   2.650   0.681   1.00 14.11 ? 164 VAL A C   1 
ATOM   1251 O O   . VAL A 1 166 ? 0.075   1.879   1.526   1.00 14.22 ? 164 VAL A O   1 
ATOM   1252 C CB  . VAL A 1 166 ? 0.802   5.129   0.319   1.00 12.75 ? 164 VAL A CB  1 
ATOM   1253 C CG1 . VAL A 1 166 ? 0.123   6.349   -0.256  1.00 13.93 ? 164 VAL A CG1 1 
ATOM   1254 C CG2 . VAL A 1 166 ? 1.291   5.400   1.731   1.00 11.21 ? 164 VAL A CG2 1 
ATOM   1255 N N   . LEU A 1 167 ? 1.707   2.436   0.063   1.00 11.53 ? 165 LEU A N   1 
ATOM   1256 C CA  . LEU A 1 167 ? 2.485   1.231   0.281   1.00 13.52 ? 165 LEU A CA  1 
ATOM   1257 C C   . LEU A 1 167 ? 3.962   1.554   0.514   1.00 13.33 ? 165 LEU A C   1 
ATOM   1258 O O   . LEU A 1 167 ? 4.568   2.260   -0.282  1.00 16.73 ? 165 LEU A O   1 
ATOM   1259 C CB  . LEU A 1 167 ? 2.345   0.313   -0.953  1.00 12.33 ? 165 LEU A CB  1 
ATOM   1260 C CG  . LEU A 1 167 ? 2.976   -1.096  -0.917  1.00 14.95 ? 165 LEU A CG  1 
ATOM   1261 C CD1 . LEU A 1 167 ? 2.187   -2.010  0.025   1.00 11.82 ? 165 LEU A CD1 1 
ATOM   1262 C CD2 . LEU A 1 167 ? 2.994   -1.674  -2.313  1.00 8.99  ? 165 LEU A CD2 1 
ATOM   1263 N N   . ALA A 1 168 ? 4.527   1.041   1.599   1.00 11.07 ? 166 ALA A N   1 
ATOM   1264 C CA  . ALA A 1 168 ? 5.943   1.243   1.909   1.00 10.28 ? 166 ALA A CA  1 
ATOM   1265 C C   . ALA A 1 168 ? 6.710   0.074   1.256   1.00 13.34 ? 166 ALA A C   1 
ATOM   1266 O O   . ALA A 1 168 ? 6.516   -1.085  1.624   1.00 12.84 ? 166 ALA A O   1 
ATOM   1267 C CB  . ALA A 1 168 ? 6.134   1.247   3.417   1.00 6.80  ? 166 ALA A CB  1 
ATOM   1268 N N   . VAL A 1 169 ? 7.544   0.368   0.262   1.00 13.27 ? 167 VAL A N   1 
ATOM   1269 C CA  . VAL A 1 169 ? 8.281   -0.683  -0.429  1.00 13.55 ? 167 VAL A CA  1 
ATOM   1270 C C   . VAL A 1 169 ? 9.770   -0.681  -0.084  1.00 13.71 ? 167 VAL A C   1 
ATOM   1271 O O   . VAL A 1 169 ? 10.559  -1.355  -0.715  1.00 17.49 ? 167 VAL A O   1 
ATOM   1272 C CB  . VAL A 1 169 ? 8.134   -0.543  -1.954  1.00 14.46 ? 167 VAL A CB  1 
ATOM   1273 C CG1 . VAL A 1 169 ? 6.652   -0.542  -2.346  1.00 12.04 ? 167 VAL A CG1 1 
ATOM   1274 C CG2 . VAL A 1 169 ? 8.813   0.723   -2.409  1.00 15.13 ? 167 VAL A CG2 1 
ATOM   1275 N N   . GLY A 1 170 ? 10.156  0.090   0.916   1.00 12.25 ? 168 GLY A N   1 
ATOM   1276 C CA  . GLY A 1 170 ? 11.547  0.130   1.270   1.00 12.11 ? 168 GLY A CA  1 
ATOM   1277 C C   . GLY A 1 170 ? 11.830  1.285   2.193   1.00 14.43 ? 168 GLY A C   1 
ATOM   1278 O O   . GLY A 1 170 ? 10.915  1.997   2.628   1.00 12.62 ? 168 GLY A O   1 
ATOM   1279 N N   . TYR A 1 171 ? 13.099  1.452   2.533   1.00 14.90 ? 169 TYR A N   1 
ATOM   1280 C CA  . TYR A 1 171 ? 13.514  2.567   3.375   1.00 15.56 ? 169 TYR A CA  1 
ATOM   1281 C C   . TYR A 1 171 ? 14.976  2.784   3.104   1.00 16.85 ? 169 TYR A C   1 
ATOM   1282 O O   . TYR A 1 171 ? 15.645  1.940   2.527   1.00 16.74 ? 169 TYR A O   1 
ATOM   1283 C CB  . TYR A 1 171 ? 13.301  2.286   4.860   1.00 13.05 ? 169 TYR A CB  1 
ATOM   1284 C CG  . TYR A 1 171 ? 13.944  1.023   5.368   1.00 18.67 ? 169 TYR A CG  1 
ATOM   1285 C CD1 . TYR A 1 171 ? 15.298  1.000   5.744   1.00 19.95 ? 169 TYR A CD1 1 
ATOM   1286 C CD2 . TYR A 1 171 ? 13.184  -0.134  5.538   1.00 13.62 ? 169 TYR A CD2 1 
ATOM   1287 C CE1 . TYR A 1 171 ? 15.881  -0.143  6.290   1.00 16.36 ? 169 TYR A CE1 1 
ATOM   1288 C CE2 . TYR A 1 171 ? 13.741  -1.272  6.075   1.00 21.28 ? 169 TYR A CE2 1 
ATOM   1289 C CZ  . TYR A 1 171 ? 15.084  -1.279  6.457   1.00 21.49 ? 169 TYR A CZ  1 
ATOM   1290 O OH  . TYR A 1 171 ? 15.591  -2.423  7.025   1.00 19.63 ? 169 TYR A OH  1 
ATOM   1291 N N   . GLY A 1 172 ? 15.469  3.928   3.524   1.00 17.62 ? 170 GLY A N   1 
ATOM   1292 C CA  . GLY A 1 172 ? 16.847  4.220   3.275   1.00 18.92 ? 170 GLY A CA  1 
ATOM   1293 C C   . GLY A 1 172 ? 17.206  5.579   3.814   1.00 21.48 ? 170 GLY A C   1 
ATOM   1294 O O   . GLY A 1 172 ? 16.664  6.050   4.824   1.00 20.74 ? 170 GLY A O   1 
ATOM   1295 N N   . ILE A 1 173 ? 18.139  6.217   3.137   1.00 22.66 ? 171 ILE A N   1 
ATOM   1296 C CA  . ILE A 1 173 ? 18.572  7.514   3.584   1.00 28.80 ? 171 ILE A CA  1 
ATOM   1297 C C   . ILE A 1 173 ? 19.134  8.237   2.387   1.00 28.23 ? 171 ILE A C   1 
ATOM   1298 O O   . ILE A 1 173 ? 19.769  7.635   1.544   1.00 28.43 ? 171 ILE A O   1 
ATOM   1299 C CB  . ILE A 1 173 ? 19.620  7.374   4.703   1.00 28.28 ? 171 ILE A CB  1 
ATOM   1300 C CG1 . ILE A 1 173 ? 20.119  8.750   5.120   1.00 31.78 ? 171 ILE A CG1 1 
ATOM   1301 C CG2 . ILE A 1 173 ? 20.767  6.511   4.248   1.00 28.92 ? 171 ILE A CG2 1 
ATOM   1302 C CD1 . ILE A 1 173 ? 20.323  8.882   6.603   1.00 35.30 ? 171 ILE A CD1 1 
ATOM   1303 N N   . GLN A 1 174 ? 18.845  9.522   2.284   1.00 30.46 ? 172 GLN A N   1 
ATOM   1304 C CA  . GLN A 1 174 ? 19.360  10.292  1.165   1.00 32.36 ? 172 GLN A CA  1 
ATOM   1305 C C   . GLN A 1 174 ? 19.891  11.609  1.701   1.00 32.91 ? 172 GLN A C   1 
ATOM   1306 O O   . GLN A 1 174 ? 19.165  12.356  2.362   1.00 34.81 ? 172 GLN A O   1 
ATOM   1307 C CB  . GLN A 1 174 ? 18.261  10.524  0.147   1.00 29.87 ? 172 GLN A CB  1 
ATOM   1308 C CG  . GLN A 1 174 ? 18.218  11.925  -0.371  1.00 37.25 ? 172 GLN A CG  1 
ATOM   1309 C CD  . GLN A 1 174 ? 17.363  12.049  -1.598  1.00 38.00 ? 172 GLN A CD  1 
ATOM   1310 O OE1 . GLN A 1 174 ? 17.185  11.082  -2.344  1.00 43.64 ? 172 GLN A OE1 1 
ATOM   1311 N NE2 . GLN A 1 174 ? 16.828  13.245  -1.829  1.00 37.67 ? 172 GLN A NE2 1 
ATOM   1312 N N   . LYS A 1 175 ? 21.164  11.872  1.431   1.00 36.50 ? 173 LYS A N   1 
ATOM   1313 C CA  . LYS A 1 175 ? 21.827  13.090  1.897   1.00 39.52 ? 173 LYS A CA  1 
ATOM   1314 C C   . LYS A 1 175 ? 21.589  13.258  3.397   1.00 40.67 ? 173 LYS A C   1 
ATOM   1315 O O   . LYS A 1 175 ? 21.101  14.305  3.855   1.00 41.84 ? 173 LYS A O   1 
ATOM   1316 C CB  . LYS A 1 175 ? 21.293  14.319  1.141   1.00 43.18 ? 173 LYS A CB  1 
ATOM   1317 C CG  . LYS A 1 175 ? 21.563  14.291  -0.367  1.00 50.66 ? 173 LYS A CG  1 
ATOM   1318 C CD  . LYS A 1 175 ? 20.957  15.504  -1.089  1.00 57.61 ? 173 LYS A CD  1 
ATOM   1319 C CE  . LYS A 1 175 ? 20.634  15.188  -2.560  1.00 64.18 ? 173 LYS A CE  1 
ATOM   1320 N NZ  . LYS A 1 175 ? 21.538  15.875  -3.547  1.00 69.69 ? 173 LYS A NZ  1 
ATOM   1321 N N   . GLY A 1 176 ? 21.895  12.207  4.152   1.00 37.25 ? 174 GLY A N   1 
ATOM   1322 C CA  . GLY A 1 176 ? 21.731  12.263  5.594   1.00 35.92 ? 174 GLY A CA  1 
ATOM   1323 C C   . GLY A 1 176 ? 20.321  12.213  6.148   1.00 35.11 ? 174 GLY A C   1 
ATOM   1324 O O   . GLY A 1 176 ? 20.129  12.249  7.365   1.00 38.19 ? 174 GLY A O   1 
ATOM   1325 N N   . ASN A 1 177 ? 19.317  12.151  5.285   1.00 34.37 ? 175 ASN A N   1 
ATOM   1326 C CA  . ASN A 1 177 ? 17.951  12.091  5.797   1.00 30.69 ? 175 ASN A CA  1 
ATOM   1327 C C   . ASN A 1 177 ? 17.342  10.700  5.627   1.00 26.63 ? 175 ASN A C   1 
ATOM   1328 O O   . ASN A 1 177 ? 17.311  10.164  4.513   1.00 24.70 ? 175 ASN A O   1 
ATOM   1329 C CB  . ASN A 1 177 ? 17.105  13.132  5.102   1.00 34.08 ? 175 ASN A CB  1 
ATOM   1330 C CG  . ASN A 1 177 ? 17.503  14.534  5.489   1.00 41.25 ? 175 ASN A CG  1 
ATOM   1331 O OD1 . ASN A 1 177 ? 17.956  15.320  4.653   1.00 41.97 ? 175 ASN A OD1 1 
ATOM   1332 N ND2 . ASN A 1 177 ? 17.344  14.857  6.771   1.00 42.18 ? 175 ASN A ND2 1 
ATOM   1333 N N   . LYS A 1 178 ? 16.903  10.120  6.748   1.00 21.92 ? 176 LYS A N   1 
ATOM   1334 C CA  . LYS A 1 178 ? 16.289  8.807   6.755   1.00 20.45 ? 176 LYS A CA  1 
ATOM   1335 C C   . LYS A 1 178 ? 14.897  8.933   6.153   1.00 21.92 ? 176 LYS A C   1 
ATOM   1336 O O   . LYS A 1 178 ? 14.184  9.912   6.388   1.00 18.35 ? 176 LYS A O   1 
ATOM   1337 C CB  . LYS A 1 178 ? 16.173  8.284   8.171   1.00 21.21 ? 176 LYS A CB  1 
ATOM   1338 C CG  . LYS A 1 178 ? 17.413  7.571   8.690   1.00 27.30 ? 176 LYS A CG  1 
ATOM   1339 C CD  . LYS A 1 178 ? 17.468  7.647   10.212  1.00 29.55 ? 176 LYS A CD  1 
ATOM   1340 C CE  . LYS A 1 178 ? 18.806  7.189   10.766  1.00 33.69 ? 176 LYS A CE  1 
ATOM   1341 N NZ  . LYS A 1 178 ? 18.631  6.047   11.718  1.00 38.01 ? 176 LYS A NZ  1 
ATOM   1342 N N   . HIS A 1 179 ? 14.501  7.931   5.387   1.00 19.64 ? 177 HIS A N   1 
ATOM   1343 C CA  . HIS A 1 179 ? 13.209  7.981   4.747   1.00 20.33 ? 177 HIS A CA  1 
ATOM   1344 C C   . HIS A 1 179 ? 12.591  6.619   4.511   1.00 20.76 ? 177 HIS A C   1 
ATOM   1345 O O   . HIS A 1 179 ? 13.239  5.581   4.660   1.00 19.91 ? 177 HIS A O   1 
ATOM   1346 C CB  . HIS A 1 179 ? 13.343  8.673   3.393   1.00 18.28 ? 177 HIS A CB  1 
ATOM   1347 C CG  . HIS A 1 179 ? 14.149  7.887   2.408   1.00 22.37 ? 177 HIS A CG  1 
ATOM   1348 N ND1 . HIS A 1 179 ? 15.403  8.283   1.980   1.00 22.39 ? 177 HIS A ND1 1 
ATOM   1349 C CD2 . HIS A 1 179 ? 13.879  6.727   1.757   1.00 16.54 ? 177 HIS A CD2 1 
ATOM   1350 C CE1 . HIS A 1 179 ? 15.865  7.408   1.103   1.00 14.68 ? 177 HIS A CE1 1 
ATOM   1351 N NE2 . HIS A 1 179 ? 14.961  6.454   0.953   1.00 18.96 ? 177 HIS A NE2 1 
ATOM   1352 N N   . TRP A 1 180 ? 11.319  6.673   4.113   1.00 19.56 ? 178 TRP A N   1 
ATOM   1353 C CA  . TRP A 1 180 ? 10.501  5.525   3.761   1.00 16.39 ? 178 TRP A CA  1 
ATOM   1354 C C   . TRP A 1 180 ? 10.251  5.695   2.255   1.00 18.23 ? 178 TRP A C   1 
ATOM   1355 O O   . TRP A 1 180 ? 9.958   6.815   1.810   1.00 17.79 ? 178 TRP A O   1 
ATOM   1356 C CB  . TRP A 1 180 ? 9.145   5.603   4.461   1.00 14.17 ? 178 TRP A CB  1 
ATOM   1357 C CG  . TRP A 1 180 ? 9.184   5.390   5.933   1.00 18.17 ? 178 TRP A CG  1 
ATOM   1358 C CD1 . TRP A 1 180 ? 8.925   6.317   6.899   1.00 16.58 ? 178 TRP A CD1 1 
ATOM   1359 C CD2 . TRP A 1 180 ? 9.469   4.154   6.622   1.00 17.42 ? 178 TRP A CD2 1 
ATOM   1360 N NE1 . TRP A 1 180 ? 9.032   5.739   8.150   1.00 21.22 ? 178 TRP A NE1 1 
ATOM   1361 C CE2 . TRP A 1 180 ? 9.364   4.416   8.008   1.00 15.03 ? 178 TRP A CE2 1 
ATOM   1362 C CE3 . TRP A 1 180 ? 9.805   2.854   6.197   1.00 16.33 ? 178 TRP A CE3 1 
ATOM   1363 C CZ2 . TRP A 1 180 ? 9.582   3.430   8.979   1.00 16.58 ? 178 TRP A CZ2 1 
ATOM   1364 C CZ3 . TRP A 1 180 ? 10.030  1.858   7.174   1.00 15.52 ? 178 TRP A CZ3 1 
ATOM   1365 C CH2 . TRP A 1 180 ? 9.915   2.162   8.551   1.00 15.04 ? 178 TRP A CH2 1 
ATOM   1366 N N   . ILE A 1 181 ? 10.366  4.619   1.472   1.00 14.34 ? 179 ILE A N   1 
ATOM   1367 C CA  . ILE A 1 181 ? 10.089  4.724   0.034   1.00 14.05 ? 179 ILE A CA  1 
ATOM   1368 C C   . ILE A 1 181 ? 8.604   4.405   -0.116  1.00 16.34 ? 179 ILE A C   1 
ATOM   1369 O O   . ILE A 1 181 ? 8.155   3.298   0.223   1.00 17.49 ? 179 ILE A O   1 
ATOM   1370 C CB  . ILE A 1 181 ? 10.926  3.729   -0.770  1.00 15.62 ? 179 ILE A CB  1 
ATOM   1371 C CG1 . ILE A 1 181 ? 12.408  3.935   -0.442  1.00 13.90 ? 179 ILE A CG1 1 
ATOM   1372 C CG2 . ILE A 1 181 ? 10.635  3.895   -2.260  1.00 13.04 ? 179 ILE A CG2 1 
ATOM   1373 C CD1 . ILE A 1 181 ? 13.355  2.948   -1.128  1.00 12.83 ? 179 ILE A CD1 1 
ATOM   1374 N N   . ILE A 1 182 ? 7.835   5.364   -0.622  1.00 16.05 ? 180 ILE A N   1 
ATOM   1375 C CA  . ILE A 1 182 ? 6.395   5.172   -0.717  1.00 14.77 ? 180 ILE A CA  1 
ATOM   1376 C C   . ILE A 1 182 ? 5.827   5.122   -2.128  1.00 17.01 ? 180 ILE A C   1 
ATOM   1377 O O   . ILE A 1 182 ? 6.077   6.009   -2.934  1.00 16.88 ? 180 ILE A O   1 
ATOM   1378 C CB  . ILE A 1 182 ? 5.667   6.287   0.092   1.00 15.26 ? 180 ILE A CB  1 
ATOM   1379 C CG1 . ILE A 1 182 ? 6.152   6.284   1.559   1.00 10.20 ? 180 ILE A CG1 1 
ATOM   1380 C CG2 . ILE A 1 182 ? 4.167   6.090   0.025   1.00 12.90 ? 180 ILE A CG2 1 
ATOM   1381 C CD1 . ILE A 1 182 ? 5.743   5.032   2.353   1.00 10.55 ? 180 ILE A CD1 1 
ATOM   1382 N N   . LYS A 1 183 ? 5.073   4.066   -2.429  1.00 13.93 ? 181 LYS A N   1 
ATOM   1383 C CA  . LYS A 1 183 ? 4.440   3.927   -3.736  1.00 12.43 ? 181 LYS A CA  1 
ATOM   1384 C C   . LYS A 1 183 ? 2.996   4.445   -3.632  1.00 12.78 ? 181 LYS A C   1 
ATOM   1385 O O   . LYS A 1 183 ? 2.216   3.944   -2.835  1.00 12.21 ? 181 LYS A O   1 
ATOM   1386 C CB  . LYS A 1 183 ? 4.415   2.448   -4.166  1.00 12.57 ? 181 LYS A CB  1 
ATOM   1387 C CG  . LYS A 1 183 ? 3.688   2.202   -5.489  1.00 18.00 ? 181 LYS A CG  1 
ATOM   1388 C CD  . LYS A 1 183 ? 3.274   0.733   -5.714  1.00 14.35 ? 181 LYS A CD  1 
ATOM   1389 C CE  . LYS A 1 183 ? 3.302   0.411   -7.186  1.00 14.58 ? 181 LYS A CE  1 
ATOM   1390 N NZ  . LYS A 1 183 ? 2.722   -0.928  -7.462  1.00 12.77 ? 181 LYS A NZ  1 
ATOM   1391 N N   . ASN A 1 184 ? 2.635   5.445   -4.429  1.00 16.04 ? 182 ASN A N   1 
ATOM   1392 C CA  . ASN A 1 184 ? 1.269   5.973   -4.395  1.00 13.38 ? 182 ASN A CA  1 
ATOM   1393 C C   . ASN A 1 184 ? 0.469   5.337   -5.546  1.00 13.55 ? 182 ASN A C   1 
ATOM   1394 O O   . ASN A 1 184 ? 1.019   4.573   -6.317  1.00 14.06 ? 182 ASN A O   1 
ATOM   1395 C CB  . ASN A 1 184 ? 1.300   7.498   -4.557  1.00 13.19 ? 182 ASN A CB  1 
ATOM   1396 C CG  . ASN A 1 184 ? 0.084   8.191   -3.932  1.00 18.57 ? 182 ASN A CG  1 
ATOM   1397 O OD1 . ASN A 1 184 ? -0.916  7.557   -3.565  1.00 15.25 ? 182 ASN A OD1 1 
ATOM   1398 N ND2 . ASN A 1 184 ? 0.170   9.508   -3.815  1.00 18.05 ? 182 ASN A ND2 1 
ATOM   1399 N N   . SER A 1 185 ? -0.820  5.659   -5.650  1.00 13.90 ? 183 SER A N   1 
ATOM   1400 C CA  . SER A 1 185 ? -1.668  5.136   -6.704  1.00 14.15 ? 183 SER A CA  1 
ATOM   1401 C C   . SER A 1 185 ? -2.384  6.268   -7.435  1.00 16.82 ? 183 SER A C   1 
ATOM   1402 O O   . SER A 1 185 ? -3.568  6.168   -7.771  1.00 17.55 ? 183 SER A O   1 
ATOM   1403 C CB  . SER A 1 185 ? -2.687  4.159   -6.130  1.00 13.08 ? 183 SER A CB  1 
ATOM   1404 O OG  . SER A 1 185 ? -3.336  4.739   -5.021  1.00 16.42 ? 183 SER A OG  1 
ATOM   1405 N N   . TRP A 1 186 ? -1.659  7.360   -7.659  1.00 16.33 ? 184 TRP A N   1 
ATOM   1406 C CA  . TRP A 1 186 ? -2.200  8.495   -8.385  1.00 16.94 ? 184 TRP A CA  1 
ATOM   1407 C C   . TRP A 1 186 ? -1.495  8.613   -9.733  1.00 20.80 ? 184 TRP A C   1 
ATOM   1408 O O   . TRP A 1 186 ? -1.315  9.727   -10.220 1.00 22.13 ? 184 TRP A O   1 
ATOM   1409 C CB  . TRP A 1 186 ? -1.974  9.806   -7.622  1.00 14.21 ? 184 TRP A CB  1 
ATOM   1410 C CG  . TRP A 1 186 ? -2.846  9.963   -6.472  1.00 17.86 ? 184 TRP A CG  1 
ATOM   1411 C CD1 . TRP A 1 186 ? -4.006  9.277   -6.215  1.00 12.82 ? 184 TRP A CD1 1 
ATOM   1412 C CD2 . TRP A 1 186 ? -2.638  10.840  -5.368  1.00 19.35 ? 184 TRP A CD2 1 
ATOM   1413 N NE1 . TRP A 1 186 ? -4.522  9.676   -5.022  1.00 14.43 ? 184 TRP A NE1 1 
ATOM   1414 C CE2 . TRP A 1 186 ? -3.705  10.633  -4.472  1.00 17.23 ? 184 TRP A CE2 1 
ATOM   1415 C CE3 . TRP A 1 186 ? -1.649  11.783  -5.047  1.00 18.01 ? 184 TRP A CE3 1 
ATOM   1416 C CZ2 . TRP A 1 186 ? -3.818  11.333  -3.265  1.00 18.95 ? 184 TRP A CZ2 1 
ATOM   1417 C CZ3 . TRP A 1 186 ? -1.755  12.480  -3.853  1.00 19.15 ? 184 TRP A CZ3 1 
ATOM   1418 C CH2 . TRP A 1 186 ? -2.836  12.249  -2.972  1.00 19.96 ? 184 TRP A CH2 1 
ATOM   1419 N N   . GLY A 1 187 ? -1.075  7.495   -10.332 1.00 19.99 ? 185 GLY A N   1 
ATOM   1420 C CA  . GLY A 1 187 ? -0.419  7.585   -11.626 1.00 18.19 ? 185 GLY A CA  1 
ATOM   1421 C C   . GLY A 1 187 ? 1.051   7.949   -11.569 1.00 21.03 ? 185 GLY A C   1 
ATOM   1422 O O   . GLY A 1 187 ? 1.566   8.440   -10.550 1.00 19.09 ? 185 GLY A O   1 
ATOM   1423 N N   . GLU A 1 188 ? 1.721   7.713   -12.690 1.00 22.95 ? 186 GLU A N   1 
ATOM   1424 C CA  . GLU A 1 188 ? 3.152   7.956   -12.833 1.00 29.35 ? 186 GLU A CA  1 
ATOM   1425 C C   . GLU A 1 188 ? 3.524   9.433   -12.919 1.00 29.94 ? 186 GLU A C   1 
ATOM   1426 O O   . GLU A 1 188 ? 4.678   9.812   -12.710 1.00 30.75 ? 186 GLU A O   1 
ATOM   1427 C CB  . GLU A 1 188 ? 3.656   7.239   -14.078 1.00 33.09 ? 186 GLU A CB  1 
ATOM   1428 C CG  . GLU A 1 188 ? 4.798   6.286   -13.829 1.00 46.08 ? 186 GLU A CG  1 
ATOM   1429 C CD  . GLU A 1 188 ? 5.186   5.490   -15.081 1.00 50.39 ? 186 GLU A CD  1 
ATOM   1430 O OE1 . GLU A 1 188 ? 4.302   5.289   -15.950 1.00 53.46 ? 186 GLU A OE1 1 
ATOM   1431 O OE2 . GLU A 1 188 ? 6.368   5.071   -15.189 1.00 52.87 ? 186 GLU A OE2 1 
ATOM   1432 N N   . ASN A 1 189 ? 2.556   10.279  -13.218 1.00 29.76 ? 187 ASN A N   1 
ATOM   1433 C CA  . ASN A 1 189 ? 2.871   11.685  -13.312 1.00 34.15 ? 187 ASN A CA  1 
ATOM   1434 C C   . ASN A 1 189 ? 2.818   12.386  -11.965 1.00 34.42 ? 187 ASN A C   1 
ATOM   1435 O O   . ASN A 1 189 ? 3.172   13.558  -11.862 1.00 38.25 ? 187 ASN A O   1 
ATOM   1436 C CB  . ASN A 1 189 ? 1.954   12.370  -14.322 1.00 37.38 ? 187 ASN A CB  1 
ATOM   1437 C CG  . ASN A 1 189 ? 2.223   11.897  -15.753 1.00 44.89 ? 187 ASN A CG  1 
ATOM   1438 O OD1 . ASN A 1 189 ? 3.379   11.694  -16.153 1.00 47.66 ? 187 ASN A OD1 1 
ATOM   1439 N ND2 . ASN A 1 189 ? 1.157   11.708  -16.526 1.00 46.96 ? 187 ASN A ND2 1 
ATOM   1440 N N   . TRP A 1 190 ? 2.400   11.677  -10.922 1.00 29.46 ? 188 TRP A N   1 
ATOM   1441 C CA  . TRP A 1 190 ? 2.361   12.304  -9.621  1.00 22.52 ? 188 TRP A CA  1 
ATOM   1442 C C   . TRP A 1 190 ? 3.719   12.119  -8.947  1.00 24.13 ? 188 TRP A C   1 
ATOM   1443 O O   . TRP A 1 190 ? 4.428   11.132  -9.199  1.00 22.07 ? 188 TRP A O   1 
ATOM   1444 C CB  . TRP A 1 190 ? 1.258   11.691  -8.768  1.00 20.97 ? 188 TRP A CB  1 
ATOM   1445 C CG  . TRP A 1 190 ? 1.212   12.318  -7.425  1.00 19.46 ? 188 TRP A CG  1 
ATOM   1446 C CD1 . TRP A 1 190 ? 0.598   13.487  -7.089  1.00 16.09 ? 188 TRP A CD1 1 
ATOM   1447 C CD2 . TRP A 1 190 ? 1.931   11.893  -6.263  1.00 18.86 ? 188 TRP A CD2 1 
ATOM   1448 N NE1 . TRP A 1 190 ? 0.901   13.830  -5.789  1.00 18.80 ? 188 TRP A NE1 1 
ATOM   1449 C CE2 . TRP A 1 190 ? 1.718   12.867  -5.260  1.00 20.10 ? 188 TRP A CE2 1 
ATOM   1450 C CE3 . TRP A 1 190 ? 2.741   10.785  -5.974  1.00 19.61 ? 188 TRP A CE3 1 
ATOM   1451 C CZ2 . TRP A 1 190 ? 2.283   12.767  -3.994  1.00 20.95 ? 188 TRP A CZ2 1 
ATOM   1452 C CZ3 . TRP A 1 190 ? 3.305   10.684  -4.718  1.00 20.37 ? 188 TRP A CZ3 1 
ATOM   1453 C CH2 . TRP A 1 190 ? 3.074   11.671  -3.738  1.00 22.77 ? 188 TRP A CH2 1 
ATOM   1454 N N   . GLY A 1 191 ? 4.076   13.073  -8.092  1.00 21.98 ? 189 GLY A N   1 
ATOM   1455 C CA  . GLY A 1 191 ? 5.332   13.013  -7.372  1.00 19.85 ? 189 GLY A CA  1 
ATOM   1456 C C   . GLY A 1 191 ? 6.509   12.648  -8.256  1.00 24.16 ? 189 GLY A C   1 
ATOM   1457 O O   . GLY A 1 191 ? 6.671   13.173  -9.360  1.00 22.94 ? 189 GLY A O   1 
ATOM   1458 N N   . ASN A 1 192 ? 7.342   11.738  -7.771  1.00 19.05 ? 190 ASN A N   1 
ATOM   1459 C CA  . ASN A 1 192 ? 8.489   11.313  -8.535  1.00 21.22 ? 190 ASN A CA  1 
ATOM   1460 C C   . ASN A 1 192 ? 8.206   9.944   -9.191  1.00 22.11 ? 190 ASN A C   1 
ATOM   1461 O O   . ASN A 1 192 ? 8.535   8.893   -8.633  1.00 20.45 ? 190 ASN A O   1 
ATOM   1462 C CB  . ASN A 1 192 ? 9.712   11.247  -7.608  1.00 23.45 ? 190 ASN A CB  1 
ATOM   1463 C CG  . ASN A 1 192 ? 10.983  10.965  -8.360  1.00 24.79 ? 190 ASN A CG  1 
ATOM   1464 O OD1 . ASN A 1 192 ? 10.955  10.748  -9.552  1.00 25.41 ? 190 ASN A OD1 1 
ATOM   1465 N ND2 . ASN A 1 192 ? 12.108  10.954  -7.657  1.00 32.31 ? 190 ASN A ND2 1 
ATOM   1466 N N   . LYS A 1 193 ? 7.577   9.976   -10.364 1.00 21.65 ? 191 LYS A N   1 
ATOM   1467 C CA  . LYS A 1 193 ? 7.223   8.778   -11.101 1.00 24.20 ? 191 LYS A CA  1 
ATOM   1468 C C   . LYS A 1 193 ? 6.249   7.913   -10.335 1.00 24.02 ? 191 LYS A C   1 
ATOM   1469 O O   . LYS A 1 193 ? 6.240   6.692   -10.492 1.00 24.50 ? 191 LYS A O   1 
ATOM   1470 C CB  . LYS A 1 193 ? 8.467   7.967   -11.447 1.00 28.77 ? 191 LYS A CB  1 
ATOM   1471 C CG  . LYS A 1 193 ? 9.510   8.778   -12.159 1.00 36.16 ? 191 LYS A CG  1 
ATOM   1472 C CD  . LYS A 1 193 ? 10.518  7.884   -12.857 1.00 46.34 ? 191 LYS A CD  1 
ATOM   1473 C CE  . LYS A 1 193 ? 11.210  8.651   -13.982 1.00 52.09 ? 191 LYS A CE  1 
ATOM   1474 N NZ  . LYS A 1 193 ? 12.454  7.983   -14.475 1.00 58.34 ? 191 LYS A NZ  1 
ATOM   1475 N N   . GLY A 1 194 ? 5.437   8.558   -9.500  1.00 21.93 ? 192 GLY A N   1 
ATOM   1476 C CA  . GLY A 1 194 ? 4.415   7.860   -8.734  1.00 17.38 ? 192 GLY A CA  1 
ATOM   1477 C C   . GLY A 1 194 ? 4.799   7.553   -7.308  1.00 16.84 ? 192 GLY A C   1 
ATOM   1478 O O   . GLY A 1 194 ? 3.986   7.015   -6.541  1.00 20.28 ? 192 GLY A O   1 
ATOM   1479 N N   . TYR A 1 195 ? 6.027   7.924   -6.951  1.00 15.66 ? 193 TYR A N   1 
ATOM   1480 C CA  . TYR A 1 195 ? 6.596   7.647   -5.636  1.00 14.00 ? 193 TYR A CA  1 
ATOM   1481 C C   . TYR A 1 195 ? 6.922   8.894   -4.830  1.00 17.20 ? 193 TYR A C   1 
ATOM   1482 O O   . TYR A 1 195 ? 7.051   9.995   -5.374  1.00 17.80 ? 193 TYR A O   1 
ATOM   1483 C CB  . TYR A 1 195 ? 7.919   6.859   -5.802  1.00 12.19 ? 193 TYR A CB  1 
ATOM   1484 C CG  . TYR A 1 195 ? 7.738   5.393   -6.185  1.00 14.98 ? 193 TYR A CG  1 
ATOM   1485 C CD1 . TYR A 1 195 ? 7.573   5.014   -7.514  1.00 12.99 ? 193 TYR A CD1 1 
ATOM   1486 C CD2 . TYR A 1 195 ? 7.709   4.387   -5.208  1.00 14.08 ? 193 TYR A CD2 1 
ATOM   1487 C CE1 . TYR A 1 195 ? 7.375   3.653   -7.869  1.00 10.90 ? 193 TYR A CE1 1 
ATOM   1488 C CE2 . TYR A 1 195 ? 7.513   3.045   -5.553  1.00 14.89 ? 193 TYR A CE2 1 
ATOM   1489 C CZ  . TYR A 1 195 ? 7.339   2.690   -6.890  1.00 10.65 ? 193 TYR A CZ  1 
ATOM   1490 O OH  . TYR A 1 195 ? 7.025   1.390   -7.217  1.00 16.84 ? 193 TYR A OH  1 
ATOM   1491 N N   . ILE A 1 196 ? 7.097   8.695   -3.531  1.00 13.61 ? 194 ILE A N   1 
ATOM   1492 C CA  . ILE A 1 196 ? 7.499   9.757   -2.642  1.00 14.83 ? 194 ILE A CA  1 
ATOM   1493 C C   . ILE A 1 196 ? 8.370   9.187   -1.524  1.00 16.33 ? 194 ILE A C   1 
ATOM   1494 O O   . ILE A 1 196 ? 8.173   8.043   -1.095  1.00 17.04 ? 194 ILE A O   1 
ATOM   1495 C CB  . ILE A 1 196 ? 6.280   10.461  -2.028  1.00 20.01 ? 194 ILE A CB  1 
ATOM   1496 C CG1 . ILE A 1 196 ? 6.735   11.635  -1.157  1.00 14.00 ? 194 ILE A CG1 1 
ATOM   1497 C CG2 . ILE A 1 196 ? 5.447   9.477   -1.241  1.00 16.51 ? 194 ILE A CG2 1 
ATOM   1498 C CD1 . ILE A 1 196 ? 5.586   12.560  -0.802  1.00 14.13 ? 194 ILE A CD1 1 
ATOM   1499 N N   . LEU A 1 197 ? 9.378   9.953   -1.108  1.00 13.43 ? 195 LEU A N   1 
ATOM   1500 C CA  . LEU A 1 197 ? 10.213  9.565   0.016   1.00 15.94 ? 195 LEU A CA  1 
ATOM   1501 C C   . LEU A 1 197 ? 9.666   10.385  1.170   1.00 17.50 ? 195 LEU A C   1 
ATOM   1502 O O   . LEU A 1 197 ? 9.521   11.609  1.071   1.00 17.22 ? 195 LEU A O   1 
ATOM   1503 C CB  . LEU A 1 197 ? 11.671  9.941   -0.192  1.00 17.39 ? 195 LEU A CB  1 
ATOM   1504 C CG  . LEU A 1 197 ? 12.293  9.434   -1.480  1.00 20.49 ? 195 LEU A CG  1 
ATOM   1505 C CD1 . LEU A 1 197 ? 13.785  9.813   -1.481  1.00 20.10 ? 195 LEU A CD1 1 
ATOM   1506 C CD2 . LEU A 1 197 ? 12.107  7.932   -1.579  1.00 17.04 ? 195 LEU A CD2 1 
ATOM   1507 N N   . MET A 1 198 ? 9.359   9.717   2.268   1.00 18.73 ? 196 MET A N   1 
ATOM   1508 C CA  . MET A 1 198 ? 8.811   10.414  3.418   1.00 19.72 ? 196 MET A CA  1 
ATOM   1509 C C   . MET A 1 198 ? 9.732   10.224  4.586   1.00 16.91 ? 196 MET A C   1 
ATOM   1510 O O   . MET A 1 198 ? 10.192  9.127   4.819   1.00 18.52 ? 196 MET A O   1 
ATOM   1511 C CB  . MET A 1 198 ? 7.423   9.872   3.757   1.00 17.06 ? 196 MET A CB  1 
ATOM   1512 C CG  . MET A 1 198 ? 6.495   9.857   2.544   1.00 23.77 ? 196 MET A CG  1 
ATOM   1513 S SD  . MET A 1 198 ? 4.749   9.654   2.979   1.00 22.74 ? 196 MET A SD  1 
ATOM   1514 C CE  . MET A 1 198 ? 4.574   10.963  4.312   1.00 16.31 ? 196 MET A CE  1 
ATOM   1515 N N   . ALA A 1 199 ? 9.964   11.299  5.329   1.00 16.50 ? 197 ALA A N   1 
ATOM   1516 C CA  . ALA A 1 199 ? 10.845  11.281  6.482   1.00 18.87 ? 197 ALA A CA  1 
ATOM   1517 C C   . ALA A 1 199 ? 10.574  10.128  7.431   1.00 18.15 ? 197 ALA A C   1 
ATOM   1518 O O   . ALA A 1 199 ? 9.437   9.863   7.820   1.00 17.38 ? 197 ALA A O   1 
ATOM   1519 C CB  . ALA A 1 199 ? 10.749  12.606  7.230   1.00 18.86 ? 197 ALA A CB  1 
ATOM   1520 N N   . ARG A 1 200 ? 11.651  9.460   7.807   1.00 17.34 ? 198 ARG A N   1 
ATOM   1521 C CA  . ARG A 1 200 ? 11.588  8.315   8.706   1.00 18.94 ? 198 ARG A CA  1 
ATOM   1522 C C   . ARG A 1 200 ? 12.288  8.730   9.998   1.00 20.39 ? 198 ARG A C   1 
ATOM   1523 O O   . ARG A 1 200 ? 13.293  9.453   9.962   1.00 18.56 ? 198 ARG A O   1 
ATOM   1524 C CB  . ARG A 1 200 ? 12.307  7.115   8.052   1.00 13.44 ? 198 ARG A CB  1 
ATOM   1525 C CG  . ARG A 1 200 ? 12.487  5.876   8.927   1.00 16.56 ? 198 ARG A CG  1 
ATOM   1526 C CD  . ARG A 1 200 ? 12.859  4.635   8.082   1.00 16.41 ? 198 ARG A CD  1 
ATOM   1527 N NE  . ARG A 1 200 ? 14.125  4.790   7.371   1.00 17.84 ? 198 ARG A NE  1 
ATOM   1528 C CZ  . ARG A 1 200 ? 15.314  4.447   7.876   1.00 21.28 ? 198 ARG A CZ  1 
ATOM   1529 N NH1 . ARG A 1 200 ? 15.410  3.924   9.105   1.00 18.48 ? 198 ARG A NH1 1 
ATOM   1530 N NH2 . ARG A 1 200 ? 16.416  4.637   7.158   1.00 16.98 ? 198 ARG A NH2 1 
ATOM   1531 N N   . ASN A 1 201 ? 11.748  8.261   11.119  1.00 21.28 ? 199 ASN A N   1 
ATOM   1532 C CA  . ASN A 1 201 ? 12.260  8.557   12.462  1.00 27.08 ? 199 ASN A CA  1 
ATOM   1533 C C   . ASN A 1 201 ? 12.192  10.041  12.819  1.00 27.70 ? 199 ASN A C   1 
ATOM   1534 O O   . ASN A 1 201 ? 13.120  10.588  13.415  1.00 28.80 ? 199 ASN A O   1 
ATOM   1535 C CB  . ASN A 1 201 ? 13.707  8.053   12.648  1.00 25.47 ? 199 ASN A CB  1 
ATOM   1536 C CG  . ASN A 1 201 ? 13.793  6.538   12.660  1.00 30.48 ? 199 ASN A CG  1 
ATOM   1537 O OD1 . ASN A 1 201 ? 12.772  5.854   12.802  1.00 32.75 ? 199 ASN A OD1 1 
ATOM   1538 N ND2 . ASN A 1 201 ? 15.004  6.000   12.491  1.00 29.76 ? 199 ASN A ND2 1 
ATOM   1539 N N   . LYS A 1 202 ? 11.089  10.677  12.453  1.00 26.39 ? 200 LYS A N   1 
ATOM   1540 C CA  . LYS A 1 202 ? 10.860  12.087  12.744  1.00 25.97 ? 200 LYS A CA  1 
ATOM   1541 C C   . LYS A 1 202 ? 9.528   12.111  13.458  1.00 26.39 ? 200 LYS A C   1 
ATOM   1542 O O   . LYS A 1 202 ? 8.574   12.776  13.040  1.00 26.31 ? 200 LYS A O   1 
ATOM   1543 C CB  . LYS A 1 202 ? 10.770  12.893  11.454  1.00 27.57 ? 200 LYS A CB  1 
ATOM   1544 C CG  . LYS A 1 202 ? 12.109  13.294  10.898  1.00 37.18 ? 200 LYS A CG  1 
ATOM   1545 C CD  . LYS A 1 202 ? 12.187  14.810  10.719  1.00 44.49 ? 200 LYS A CD  1 
ATOM   1546 C CE  . LYS A 1 202 ? 13.626  15.301  10.681  1.00 47.27 ? 200 LYS A CE  1 
ATOM   1547 N NZ  . LYS A 1 202 ? 13.969  15.842  9.341   1.00 48.69 ? 200 LYS A NZ  1 
ATOM   1548 N N   . ASN A 1 203 ? 9.446   11.317  14.510  1.00 26.39 ? 201 ASN A N   1 
ATOM   1549 C CA  . ASN A 1 203 ? 8.229   11.248  15.287  1.00 31.38 ? 201 ASN A CA  1 
ATOM   1550 C C   . ASN A 1 203 ? 6.980   10.887  14.521  1.00 29.47 ? 201 ASN A C   1 
ATOM   1551 O O   . ASN A 1 203 ? 5.993   11.620  14.576  1.00 27.24 ? 201 ASN A O   1 
ATOM   1552 C CB  . ASN A 1 203 ? 7.972   12.567  15.999  1.00 38.02 ? 201 ASN A CB  1 
ATOM   1553 C CG  . ASN A 1 203 ? 8.860   12.753  17.189  1.00 48.03 ? 201 ASN A CG  1 
ATOM   1554 O OD1 . ASN A 1 203 ? 9.116   11.809  17.953  1.00 55.44 ? 201 ASN A OD1 1 
ATOM   1555 N ND2 . ASN A 1 203 ? 9.351   13.975  17.365  1.00 52.37 ? 201 ASN A ND2 1 
ATOM   1556 N N   . ASN A 1 204 ? 7.012   9.764   13.820  1.00 26.10 ? 202 ASN A N   1 
ATOM   1557 C CA  . ASN A 1 204 ? 5.837   9.305   13.113  1.00 22.26 ? 202 ASN A CA  1 
ATOM   1558 C C   . ASN A 1 204 ? 5.248   10.389  12.236  1.00 16.35 ? 202 ASN A C   1 
ATOM   1559 O O   . ASN A 1 204 ? 4.056   10.588  12.220  1.00 17.48 ? 202 ASN A O   1 
ATOM   1560 C CB  . ASN A 1 204 ? 4.789   8.824   14.134  1.00 19.53 ? 202 ASN A CB  1 
ATOM   1561 C CG  . ASN A 1 204 ? 3.809   7.836   13.538  1.00 22.80 ? 202 ASN A CG  1 
ATOM   1562 O OD1 . ASN A 1 204 ? 4.083   7.252   12.496  1.00 23.50 ? 202 ASN A OD1 1 
ATOM   1563 N ND2 . ASN A 1 204 ? 2.653   7.649   14.188  1.00 20.91 ? 202 ASN A ND2 1 
ATOM   1564 N N   . ALA A 1 205 ? 6.092   11.082  11.492  1.00 20.05 ? 203 ALA A N   1 
ATOM   1565 C CA  . ALA A 1 205 ? 5.604   12.143  10.618  1.00 20.22 ? 203 ALA A CA  1 
ATOM   1566 C C   . ALA A 1 205 ? 4.461   11.619  9.747   1.00 20.93 ? 203 ALA A C   1 
ATOM   1567 O O   . ALA A 1 205 ? 4.554   10.531  9.172   1.00 23.24 ? 203 ALA A O   1 
ATOM   1568 C CB  . ALA A 1 205 ? 6.746   12.652  9.747   1.00 19.70 ? 203 ALA A CB  1 
ATOM   1569 N N   . CYS A 1 206 ? 3.398   12.414  9.645   1.00 20.00 ? 204 CYS A N   1 
ATOM   1570 C CA  . CYS A 1 206 ? 2.185   12.109  8.880   1.00 18.69 ? 204 CYS A CA  1 
ATOM   1571 C C   . CYS A 1 206 ? 1.437   10.853  9.332   1.00 18.51 ? 204 CYS A C   1 
ATOM   1572 O O   . CYS A 1 206 ? 0.525   10.395  8.635   1.00 15.66 ? 204 CYS A O   1 
ATOM   1573 C CB  . CYS A 1 206 ? 2.496   11.997  7.390   1.00 15.45 ? 204 CYS A CB  1 
ATOM   1574 S SG  . CYS A 1 206 ? 3.132   13.543  6.669   1.00 20.99 ? 204 CYS A SG  1 
ATOM   1575 N N   . GLY A 1 207 ? 1.851   10.300  10.475  1.00 16.76 ? 205 GLY A N   1 
ATOM   1576 C CA  . GLY A 1 207 ? 1.213   9.127   11.036  1.00 18.46 ? 205 GLY A CA  1 
ATOM   1577 C C   . GLY A 1 207 ? 1.563   7.854   10.299  1.00 21.38 ? 205 GLY A C   1 
ATOM   1578 O O   . GLY A 1 207 ? 0.819   6.869   10.328  1.00 22.25 ? 205 GLY A O   1 
ATOM   1579 N N   . ILE A 1 208 ? 2.722   7.852   9.670   1.00 21.78 ? 206 ILE A N   1 
ATOM   1580 C CA  . ILE A 1 208 ? 3.113   6.701   8.880   1.00 22.42 ? 206 ILE A CA  1 
ATOM   1581 C C   . ILE A 1 208 ? 3.121   5.342   9.574   1.00 20.10 ? 206 ILE A C   1 
ATOM   1582 O O   . ILE A 1 208 ? 2.896   4.335   8.920   1.00 24.14 ? 206 ILE A O   1 
ATOM   1583 C CB  . ILE A 1 208 ? 4.485   6.934   8.191   1.00 21.73 ? 206 ILE A CB  1 
ATOM   1584 C CG1 . ILE A 1 208 ? 4.687   5.862   7.104   1.00 22.53 ? 206 ILE A CG1 1 
ATOM   1585 C CG2 . ILE A 1 208 ? 5.618   6.950   9.236   1.00 20.56 ? 206 ILE A CG2 1 
ATOM   1586 C CD1 . ILE A 1 208 ? 5.284   6.359   5.821   1.00 21.43 ? 206 ILE A CD1 1 
ATOM   1587 N N   . ALA A 1 209 ? 3.359   5.295   10.879  1.00 18.06 ? 207 ALA A N   1 
ATOM   1588 C CA  . ALA A 1 209 ? 3.392   4.017   11.580  1.00 15.82 ? 207 ALA A CA  1 
ATOM   1589 C C   . ALA A 1 209 ? 2.132   3.776   12.420  1.00 18.25 ? 207 ALA A C   1 
ATOM   1590 O O   . ALA A 1 209 ? 2.123   2.909   13.303  1.00 17.73 ? 207 ALA A O   1 
ATOM   1591 C CB  . ALA A 1 209 ? 4.647   3.954   12.473  1.00 14.26 ? 207 ALA A CB  1 
ATOM   1592 N N   . ASN A 1 210 ? 1.070   4.522   12.133  1.00 20.25 ? 208 ASN A N   1 
ATOM   1593 C CA  . ASN A 1 210 ? -0.177  4.421   12.891  1.00 23.13 ? 208 ASN A CA  1 
ATOM   1594 C C   . ASN A 1 210 ? -1.217  3.380   12.445  1.00 24.03 ? 208 ASN A C   1 
ATOM   1595 O O   . ASN A 1 210 ? -2.032  2.946   13.248  1.00 24.73 ? 208 ASN A O   1 
ATOM   1596 C CB  . ASN A 1 210 ? -0.839  5.801   12.956  1.00 23.12 ? 208 ASN A CB  1 
ATOM   1597 C CG  . ASN A 1 210 ? -0.264  6.670   14.062  1.00 27.49 ? 208 ASN A CG  1 
ATOM   1598 O OD1 . ASN A 1 210 ? 0.560   6.220   14.874  1.00 29.42 ? 208 ASN A OD1 1 
ATOM   1599 N ND2 . ASN A 1 210 ? -0.682  7.919   14.094  1.00 27.86 ? 208 ASN A ND2 1 
ATOM   1600 N N   . LEU A 1 211 ? -1.218  2.987   11.179  1.00 21.66 ? 209 LEU A N   1 
ATOM   1601 C CA  . LEU A 1 211 ? -2.191  1.980   10.732  1.00 21.95 ? 209 LEU A CA  1 
ATOM   1602 C C   . LEU A 1 211 ? -1.557  1.099   9.668   1.00 17.69 ? 209 LEU A C   1 
ATOM   1603 O O   . LEU A 1 211 ? -2.061  0.971   8.567   1.00 19.79 ? 209 LEU A O   1 
ATOM   1604 C CB  . LEU A 1 211 ? -3.452  2.660   10.181  1.00 22.79 ? 209 LEU A CB  1 
ATOM   1605 C CG  . LEU A 1 211 ? -4.717  1.794   10.116  1.00 23.85 ? 209 LEU A CG  1 
ATOM   1606 C CD1 . LEU A 1 211 ? -5.202  1.418   11.509  1.00 23.02 ? 209 LEU A CD1 1 
ATOM   1607 C CD2 . LEU A 1 211 ? -5.781  2.556   9.395   1.00 23.54 ? 209 LEU A CD2 1 
ATOM   1608 N N   . ALA A 1 212 ? -0.443  0.488   10.036  1.00 16.41 ? 210 ALA A N   1 
ATOM   1609 C CA  . ALA A 1 212 ? 0.323   -0.367  9.156   1.00 15.67 ? 210 ALA A CA  1 
ATOM   1610 C C   . ALA A 1 212 ? -0.016  -1.841  9.357   1.00 16.34 ? 210 ALA A C   1 
ATOM   1611 O O   . ALA A 1 212 ? -0.207  -2.315  10.479  1.00 13.79 ? 210 ALA A O   1 
ATOM   1612 C CB  . ALA A 1 212 ? 1.828   -0.131  9.386   1.00 11.70 ? 210 ALA A CB  1 
ATOM   1613 N N   . SER A 1 213 ? -0.059  -2.569  8.250   1.00 14.20 ? 211 SER A N   1 
ATOM   1614 C CA  . SER A 1 213 ? -0.377  -3.980  8.305   1.00 13.80 ? 211 SER A CA  1 
ATOM   1615 C C   . SER A 1 213 ? 0.105   -4.675  7.032   1.00 13.18 ? 211 SER A C   1 
ATOM   1616 O O   . SER A 1 213 ? 0.342   -4.030  5.996   1.00 12.48 ? 211 SER A O   1 
ATOM   1617 C CB  . SER A 1 213 ? -1.895  -4.148  8.456   1.00 13.52 ? 211 SER A CB  1 
ATOM   1618 O OG  . SER A 1 213 ? -2.562  -3.782  7.248   1.00 12.05 ? 211 SER A OG  1 
ATOM   1619 N N   . PHE A 1 214 ? 0.258   -5.991  7.120   1.00 12.56 ? 212 PHE A N   1 
ATOM   1620 C CA  . PHE A 1 214 ? 0.681   -6.774  5.974   1.00 13.94 ? 212 PHE A CA  1 
ATOM   1621 C C   . PHE A 1 214 ? -0.078  -8.080  6.007   1.00 15.65 ? 212 PHE A C   1 
ATOM   1622 O O   . PHE A 1 214 ? -0.439  -8.566  7.070   1.00 14.45 ? 212 PHE A O   1 
ATOM   1623 C CB  . PHE A 1 214 ? 2.209   -7.014  5.992   1.00 16.88 ? 212 PHE A CB  1 
ATOM   1624 C CG  . PHE A 1 214 ? 2.715   -7.718  7.243   1.00 14.22 ? 212 PHE A CG  1 
ATOM   1625 C CD1 . PHE A 1 214 ? 2.834   -9.105  7.282   1.00 14.33 ? 212 PHE A CD1 1 
ATOM   1626 C CD2 . PHE A 1 214 ? 3.080   -6.991  8.372   1.00 16.31 ? 212 PHE A CD2 1 
ATOM   1627 C CE1 . PHE A 1 214 ? 3.309   -9.762  8.433   1.00 14.23 ? 212 PHE A CE1 1 
ATOM   1628 C CE2 . PHE A 1 214 ? 3.550   -7.645  9.519   1.00 14.01 ? 212 PHE A CE2 1 
ATOM   1629 C CZ  . PHE A 1 214 ? 3.662   -9.030  9.543   1.00 10.89 ? 212 PHE A CZ  1 
ATOM   1630 N N   . PRO A 1 215 ? -0.317  -8.674  4.828   1.00 17.77 ? 213 PRO A N   1 
ATOM   1631 C CA  . PRO A 1 215 ? -1.047  -9.935  4.715   1.00 17.63 ? 213 PRO A CA  1 
ATOM   1632 C C   . PRO A 1 215 ? -0.136  -11.119 4.950   1.00 22.87 ? 213 PRO A C   1 
ATOM   1633 O O   . PRO A 1 215 ? 1.054   -11.077 4.670   1.00 22.71 ? 213 PRO A O   1 
ATOM   1634 C CB  . PRO A 1 215 ? -1.559  -9.917  3.280   1.00 16.68 ? 213 PRO A CB  1 
ATOM   1635 C CG  . PRO A 1 215 ? -0.440  -9.212  2.537   1.00 17.36 ? 213 PRO A CG  1 
ATOM   1636 C CD  . PRO A 1 215 ? 0.133   -8.184  3.509   1.00 14.73 ? 213 PRO A CD  1 
ATOM   1637 N N   . LYS A 1 216 ? -0.708  -12.189 5.465   1.00 25.61 ? 214 LYS A N   1 
ATOM   1638 C CA  . LYS A 1 216 ? 0.049   -13.389 5.698   1.00 27.25 ? 214 LYS A CA  1 
ATOM   1639 C C   . LYS A 1 216 ? -0.293  -14.374 4.573   1.00 26.93 ? 214 LYS A C   1 
ATOM   1640 O O   . LYS A 1 216 ? -1.464  -14.662 4.308   1.00 25.03 ? 214 LYS A O   1 
ATOM   1641 C CB  . LYS A 1 216 ? -0.311  -13.963 7.048   1.00 33.12 ? 214 LYS A CB  1 
ATOM   1642 C CG  . LYS A 1 216 ? 0.551   -15.175 7.380   1.00 41.45 ? 214 LYS A CG  1 
ATOM   1643 C CD  . LYS A 1 216 ? 0.005   -15.953 8.579   1.00 44.49 ? 214 LYS A CD  1 
ATOM   1644 C CE  . LYS A 1 216 ? -0.765  -15.039 9.549   1.00 43.76 ? 214 LYS A CE  1 
ATOM   1645 N NZ  . LYS A 1 216 ? -1.042  -15.931 10.741  1.00 47.12 ? 214 LYS A NZ  1 
ATOM   1646 N N   . MET A 1 217 ? 0.731   -14.885 3.901   1.00 27.68 ? 215 MET A N   1 
ATOM   1647 C CA  . MET A 1 217 ? 0.491   -15.806 2.809   1.00 30.02 ? 215 MET A CA  1 
ATOM   1648 C C   . MET A 1 217 ? 1.126   -17.177 3.035   1.00 32.29 ? 215 MET A C   1 
ATOM   1649 O O   . MET A 1 217 ? 1.954   -17.335 3.963   1.00 37.20 ? 215 MET A O   1 
ATOM   1650 C CB  . MET A 1 217 ? 1.004   -15.206 1.515   1.00 29.36 ? 215 MET A CB  1 
ATOM   1651 C CG  . MET A 1 217 ? 0.164   -15.545 0.328   1.00 31.66 ? 215 MET A CG  1 
ATOM   1652 S SD  . MET A 1 217 ? 0.805   -14.801 -1.205  1.00 36.29 ? 215 MET A SD  1 
ATOM   1653 C CE  . MET A 1 217 ? -0.397  -13.502 -1.397  1.00 21.81 ? 215 MET A CE  1 
ATOM   1654 O OXT . MET A 1 217 ? 0.782   -18.094 2.266   1.00 39.26 ? 215 MET A OXT 1 
HETATM 1655 C C01 . IHI B 2 .   ? -12.488 9.548   2.267   1.00 45.11 ? 300 IHI A C01 1 
HETATM 1656 N N02 . IHI B 2 .   ? -11.750 8.917   3.101   1.00 44.82 ? 300 IHI A N02 1 
HETATM 1657 C C03 . IHI B 2 .   ? -10.799 8.266   2.316   1.00 41.24 ? 300 IHI A C03 1 
HETATM 1658 C C04 . IHI B 2 .   ? -10.970 8.499   1.004   1.00 40.30 ? 300 IHI A C04 1 
HETATM 1659 N N05 . IHI B 2 .   ? -12.166 9.297   0.908   1.00 42.91 ? 300 IHI A N05 1 
HETATM 1660 C C07 . IHI B 2 .   ? -9.776  7.459   2.703   1.00 36.58 ? 300 IHI A C07 1 
HETATM 1661 N N08 . IHI B 2 .   ? -10.113 7.987   0.016   1.00 35.06 ? 300 IHI A N08 1 
HETATM 1662 N N09 . IHI B 2 .   ? -8.926  6.927   1.771   1.00 31.28 ? 300 IHI A N09 1 
HETATM 1663 C C10 . IHI B 2 .   ? -9.091  7.206   0.463   1.00 27.97 ? 300 IHI A C10 1 
HETATM 1664 N N11 . IHI B 2 .   ? -9.700  7.215   4.079   1.00 39.60 ? 300 IHI A N11 1 
HETATM 1665 C C12 . IHI B 2 .   ? -12.769 9.945   -0.281  1.00 46.09 ? 300 IHI A C12 1 
HETATM 1666 C C13 . IHI B 2 .   ? -11.840 10.139  -1.468  1.00 45.44 ? 300 IHI A C13 1 
HETATM 1667 C C14 . IHI B 2 .   ? -11.439 11.570  -1.283  1.00 49.59 ? 300 IHI A C14 1 
HETATM 1668 C C15 . IHI B 2 .   ? -12.792 12.233  -1.019  1.00 50.44 ? 300 IHI A C15 1 
HETATM 1669 C C16 . IHI B 2 .   ? -13.396 11.316  0.031   1.00 46.45 ? 300 IHI A C16 1 
HETATM 1670 N N27 . IHI B 2 .   ? -8.436  6.934   -1.855  1.00 20.29 ? 300 IHI A N27 1 
HETATM 1671 C C32 . IHI B 2 .   ? -8.770  6.349   4.661   1.00 43.77 ? 300 IHI A C32 1 
HETATM 1672 C C33 . IHI B 2 .   ? -7.443  6.112   4.139   1.00 41.70 ? 300 IHI A C33 1 
HETATM 1673 C C34 . IHI B 2 .   ? -6.586  5.185   4.800   1.00 43.13 ? 300 IHI A C34 1 
HETATM 1674 C C35 . IHI B 2 .   ? -7.019  4.484   5.968   1.00 42.67 ? 300 IHI A C35 1 
HETATM 1675 C C36 . IHI B 2 .   ? -8.315  4.709   6.487   1.00 44.32 ? 300 IHI A C36 1 
HETATM 1676 C C37 . IHI B 2 .   ? -9.196  5.637   5.835   1.00 47.23 ? 300 IHI A C37 1 
HETATM 1677 O O38 . IHI B 2 .   ? -10.502 5.854   6.435   1.00 55.25 ? 300 IHI A O38 1 
HETATM 1678 C C39 . IHI B 2 .   ? -11.589 5.008   6.152   1.00 54.03 ? 300 IHI A C39 1 
HETATM 1679 C C26 . IHI B 2 .   ? -8.112  6.593   -0.489  1.00 22.78 ? 300 IHI A C26 1 
HETATM 1680 O O   . HOH C 3 .   ? -2.186  3.931   -2.860  1.00 15.10 ? 401 HOH A O   1 
HETATM 1681 O O   . HOH C 3 .   ? 4.254   -7.614  0.977   1.00 14.52 ? 402 HOH A O   1 
HETATM 1682 O O   . HOH C 3 .   ? 3.208   -3.576  -6.182  1.00 16.97 ? 403 HOH A O   1 
HETATM 1683 O O   . HOH C 3 .   ? 17.499  3.348   11.659  1.00 18.87 ? 405 HOH A O   1 
HETATM 1684 O O   . HOH C 3 .   ? 0.598   0.415   12.850  1.00 21.81 ? 406 HOH A O   1 
HETATM 1685 O O   . HOH C 3 .   ? -0.020  4.007   9.064   1.00 17.78 ? 407 HOH A O   1 
HETATM 1686 O O   . HOH C 3 .   ? 4.503   -4.814  -4.126  1.00 10.43 ? 408 HOH A O   1 
HETATM 1687 O O   . HOH C 3 .   ? 6.765   10.234  7.009   1.00 22.32 ? 409 HOH A O   1 
HETATM 1688 O O   . HOH C 3 .   ? -15.757 -1.712  -0.859  1.00 21.70 ? 410 HOH A O   1 
HETATM 1689 O O   . HOH C 3 .   ? 1.222   7.784   -7.719  1.00 20.60 ? 411 HOH A O   1 
HETATM 1690 O O   . HOH C 3 .   ? -9.012  -4.196  -10.904 1.00 13.73 ? 412 HOH A O   1 
HETATM 1691 O O   . HOH C 3 .   ? 9.829   -4.342  -8.712  1.00 20.30 ? 413 HOH A O   1 
HETATM 1692 O O   . HOH C 3 .   ? -6.381  -0.823  7.564   1.00 11.41 ? 414 HOH A O   1 
HETATM 1693 O O   . HOH C 3 .   ? 2.886   14.108  11.864  1.00 21.08 ? 415 HOH A O   1 
HETATM 1694 O O   . HOH C 3 .   ? 8.871   9.958   10.697  1.00 14.43 ? 416 HOH A O   1 
HETATM 1695 O O   . HOH C 3 .   ? 0.205   15.668  4.062   1.00 16.17 ? 417 HOH A O   1 
HETATM 1696 O O   . HOH C 3 .   ? 0.157   2.119   -7.698  1.00 16.74 ? 419 HOH A O   1 
HETATM 1697 O O   . HOH C 3 .   ? -7.664  -16.635 0.368   1.00 29.05 ? 420 HOH A O   1 
HETATM 1698 O O   . HOH C 3 .   ? -3.143  -9.390  -13.995 1.00 38.20 ? 421 HOH A O   1 
HETATM 1699 O O   . HOH C 3 .   ? -3.394  -1.238  8.018   1.00 24.62 ? 423 HOH A O   1 
HETATM 1700 O O   . HOH C 3 .   ? -3.600  -3.920  -10.211 1.00 18.61 ? 424 HOH A O   1 
HETATM 1701 O O   . HOH C 3 .   ? 6.723   13.111  5.929   1.00 28.59 ? 426 HOH A O   1 
HETATM 1702 O O   . HOH C 3 .   ? 14.595  12.565  -4.663  1.00 33.16 ? 428 HOH A O   1 
HETATM 1703 O O   . HOH C 3 .   ? -1.216  -3.131  -8.735  1.00 23.80 ? 429 HOH A O   1 
HETATM 1704 O O   . HOH C 3 .   ? -14.127 -7.933  5.499   1.00 27.26 ? 430 HOH A O   1 
HETATM 1705 O O   . HOH C 3 .   ? 0.087   2.206   -3.403  1.00 13.47 ? 431 HOH A O   1 
HETATM 1706 O O   . HOH C 3 .   ? 2.955   -10.912 -7.458  1.00 20.51 ? 433 HOH A O   1 
HETATM 1707 O O   . HOH C 3 .   ? 2.975   15.814  -7.174  1.00 25.84 ? 434 HOH A O   1 
HETATM 1708 O O   . HOH C 3 .   ? 18.437  3.070   8.480   1.00 35.60 ? 436 HOH A O   1 
HETATM 1709 O O   . HOH C 3 .   ? 19.414  4.598   1.286   1.00 29.93 ? 437 HOH A O   1 
HETATM 1710 O O   . HOH C 3 .   ? 13.174  3.375   11.297  1.00 19.78 ? 438 HOH A O   1 
HETATM 1711 O O   . HOH C 3 .   ? 0.036   -8.974  -14.676 1.00 34.06 ? 439 HOH A O   1 
HETATM 1712 O O   . HOH C 3 .   ? -14.437 -5.186  -13.700 1.00 34.72 ? 440 HOH A O   1 
HETATM 1713 O O   . HOH C 3 .   ? -3.425  -1.740  10.844  1.00 23.82 ? 441 HOH A O   1 
HETATM 1714 O O   . HOH C 3 .   ? 8.737   18.295  -3.304  1.00 29.29 ? 442 HOH A O   1 
HETATM 1715 O O   . HOH C 3 .   ? 10.005  -10.013 -10.319 1.00 17.41 ? 444 HOH A O   1 
HETATM 1716 O O   . HOH C 3 .   ? -16.146 -7.236  3.456   1.00 36.44 ? 450 HOH A O   1 
HETATM 1717 O O   . HOH C 3 .   ? -16.361 -4.138  -11.977 1.00 34.69 ? 451 HOH A O   1 
HETATM 1718 O O   . HOH C 3 .   ? 6.980   1.023   -10.004 1.00 34.07 ? 452 HOH A O   1 
HETATM 1719 O O   . HOH C 3 .   ? 7.485   4.390   -11.530 1.00 29.19 ? 453 HOH A O   1 
HETATM 1720 O O   . HOH C 3 .   ? -3.187  18.040  8.463   1.00 38.27 ? 456 HOH A O   1 
HETATM 1721 O O   . HOH C 3 .   ? -7.514  -1.412  10.270  1.00 35.87 ? 458 HOH A O   1 
HETATM 1722 O O   . HOH C 3 .   ? -1.756  -8.150  14.494  1.00 36.02 ? 461 HOH A O   1 
HETATM 1723 O O   . HOH C 3 .   ? 11.368  9.656   16.067  1.00 35.96 ? 462 HOH A O   1 
HETATM 1724 O O   . HOH C 3 .   ? -0.808  -1.127  19.180  1.00 41.09 ? 465 HOH A O   1 
HETATM 1725 O O   . HOH C 3 .   ? 0.925   -2.146  -15.367 1.00 40.72 ? 467 HOH A O   1 
HETATM 1726 O O   . HOH C 3 .   ? -7.093  9.912   -0.269  1.00 19.46 ? 471 HOH A O   1 
HETATM 1727 O O   . HOH C 3 .   ? 7.378   -2.310  -11.626 1.00 53.83 ? 474 HOH A O   1 
HETATM 1728 O O   . HOH C 3 .   ? 11.634  -9.867  2.553   1.00 36.10 ? 475 HOH A O   1 
HETATM 1729 O O   . HOH C 3 .   ? -18.972 4.638   -7.830  1.00 48.27 ? 478 HOH A O   1 
HETATM 1730 O O   . HOH C 3 .   ? 19.298  -4.397  1.427   1.00 33.20 ? 479 HOH A O   1 
HETATM 1731 O O   . HOH C 3 .   ? -0.059  -1.158  -6.831  1.00 33.68 ? 480 HOH A O   1 
HETATM 1732 O O   . HOH C 3 .   ? 5.799   2.195   -12.628 1.00 36.84 ? 481 HOH A O   1 
HETATM 1733 O O   . HOH C 3 .   ? -12.168 6.866   -12.423 1.00 37.39 ? 482 HOH A O   1 
HETATM 1734 O O   . HOH C 3 .   ? -4.958  -1.907  -11.483 1.00 31.15 ? 483 HOH A O   1 
HETATM 1735 O O   . HOH C 3 .   ? 6.876   -13.092 3.950   1.00 29.04 ? 484 HOH A O   1 
HETATM 1736 O O   . HOH C 3 .   ? -2.468  -6.934  -15.654 1.00 27.52 ? 485 HOH A O   1 
HETATM 1737 O O   . HOH C 3 .   ? 17.214  -2.675  13.736  1.00 37.45 ? 486 HOH A O   1 
HETATM 1738 O O   . HOH C 3 .   ? 11.942  11.169  -4.867  1.00 40.13 ? 487 HOH A O   1 
HETATM 1739 O O   . HOH C 3 .   ? 5.766   15.493  7.642   1.00 35.24 ? 488 HOH A O   1 
HETATM 1740 O O   . HOH C 3 .   ? 17.578  14.198  9.443   1.00 39.33 ? 489 HOH A O   1 
HETATM 1741 O O   . HOH C 3 .   ? 7.031   12.342  -12.251 1.00 35.07 ? 490 HOH A O   1 
HETATM 1742 O O   . HOH C 3 .   ? 17.440  7.803   13.996  1.00 38.71 ? 491 HOH A O   1 
HETATM 1743 O O   . HOH C 3 .   ? 3.313   12.469  14.619  1.00 52.42 ? 492 HOH A O   1 
HETATM 1744 O O   . HOH C 3 .   ? -1.193  -16.812 -2.681  1.00 31.36 ? 493 HOH A O   1 
HETATM 1745 O O   . HOH C 3 .   ? -13.704 -16.368 -15.082 1.00 43.32 ? 494 HOH A O   1 
HETATM 1746 O O   . HOH C 3 .   ? -9.382  -19.562 -10.376 1.00 42.86 ? 495 HOH A O   1 
# 
